data_9NKT
# 
_entry.id   9NKT 
# 
_audit_conform.dict_name       mmcif_pdbx.dic 
_audit_conform.dict_version    5.406 
_audit_conform.dict_location   http://mmcif.pdb.org/dictionaries/ascii/mmcif_pdbx.dic 
# 
loop_
_database_2.database_id 
_database_2.database_code 
_database_2.pdbx_database_accession 
_database_2.pdbx_DOI 
PDB   9NKT         pdb_00009nkt 10.2210/pdb9nkt/pdb 
WWPDB D_1000293592 ?            ?                   
# 
_pdbx_audit_revision_history.ordinal             1 
_pdbx_audit_revision_history.data_content_type   'Structure model' 
_pdbx_audit_revision_history.major_revision      1 
_pdbx_audit_revision_history.minor_revision      0 
_pdbx_audit_revision_history.revision_date       2025-09-10 
_pdbx_audit_revision_history.part_number         ? 
# 
_pdbx_audit_revision_details.ordinal             1 
_pdbx_audit_revision_details.revision_ordinal    1 
_pdbx_audit_revision_details.data_content_type   'Structure model' 
_pdbx_audit_revision_details.provider            repository 
_pdbx_audit_revision_details.type                'Initial release' 
_pdbx_audit_revision_details.description         ? 
_pdbx_audit_revision_details.details             ? 
# 
_pdbx_database_status.status_code                     REL 
_pdbx_database_status.status_code_sf                  REL 
_pdbx_database_status.status_code_mr                  ? 
_pdbx_database_status.entry_id                        9NKT 
_pdbx_database_status.recvd_initial_deposition_date   2025-03-01 
_pdbx_database_status.SG_entry                        N 
_pdbx_database_status.deposit_site                    RCSB 
_pdbx_database_status.process_site                    RCSB 
_pdbx_database_status.status_code_cs                  ? 
_pdbx_database_status.status_code_nmr_data            ? 
_pdbx_database_status.methods_development_category    ? 
_pdbx_database_status.pdb_format_compatible           Y 
# 
_pdbx_contact_author.id                 4 
_pdbx_contact_author.email              rs17@nyu.edu 
_pdbx_contact_author.name_first         Ruojie 
_pdbx_contact_author.name_last          Sha 
_pdbx_contact_author.name_mi            ? 
_pdbx_contact_author.role               'principal investigator/group leader' 
_pdbx_contact_author.identifier_ORCID   0000-0002-0807-734X 
# 
loop_
_audit_author.name 
_audit_author.pdbx_ordinal 
_audit_author.identifier_ORCID 
'Horvath, A.'   1 0009-0008-5770-8014 
'Vecchioni, S.' 2 0000-0001-8243-650X 
'Woloszyn, K.'  3 0000-0003-1200-583X 
'Ohayon, Y.P.'  4 0000-0001-7500-4282 
'Sha, R.'       5 0000-0002-0807-734X 
# 
_citation.abstract                  ? 
_citation.abstract_id_CAS           ? 
_citation.book_id_ISBN              ? 
_citation.book_publisher            ? 
_citation.book_publisher_city       ? 
_citation.book_title                ? 
_citation.coordinate_linkage        ? 
_citation.country                   ? 
_citation.database_id_Medline       ? 
_citation.details                   ? 
_citation.id                        primary 
_citation.journal_abbrev            'To Be Published' 
_citation.journal_id_ASTM           ? 
_citation.journal_id_CSD            0353 
_citation.journal_id_ISSN           ? 
_citation.journal_full              ? 
_citation.journal_issue             ? 
_citation.journal_volume            ? 
_citation.language                  ? 
_citation.page_first                ? 
_citation.page_last                 ? 
_citation.title                     'Shifted tensegrity triangles' 
_citation.year                      ? 
_citation.database_id_CSD           ? 
_citation.pdbx_database_id_DOI      ? 
_citation.pdbx_database_id_PubMed   ? 
_citation.pdbx_database_id_patent   ? 
_citation.unpublished_flag          ? 
# 
loop_
_citation_author.citation_id 
_citation_author.name 
_citation_author.ordinal 
_citation_author.identifier_ORCID 
primary 'Horvath, A.'   1 0009-0008-5770-8014 
primary 'Vecchioni, S.' 2 0000-0001-8243-650X 
primary 'Woloszyn, K.'  3 0000-0003-1200-583X 
primary 'Ohayon, Y.P.'  4 0000-0001-7500-4282 
primary 'Sha, R.'       5 0000-0002-0807-734X 
# 
loop_
_entity.id 
_entity.type 
_entity.src_method 
_entity.pdbx_description 
_entity.formula_weight 
_entity.pdbx_number_of_molecules 
_entity.pdbx_ec 
_entity.pdbx_mutation 
_entity.pdbx_fragment 
_entity.details 
1 polymer syn 
;DNA (5'-D(P*AP*CP*GP*GP*AP*CP*AP*GP*CP*AP*CP*GP*TP*GP*TP*A)-3')
;
4932.218 1 ? ? ? ? 
2 polymer syn 
;DNA (5'-D(P*CP*AP*CP*AP*CP*CP*GP*T)-3')
;
2371.582 1 ? ? ? ? 
3 polymer syn 
;DNA (5'-D(P*GP*TP*GP*CP*AP*CP*GP*TP*GP*CP*TP*GP*T)-3')
;
3998.595 1 ? ? ? ? 
4 polymer syn 
;DNA (5'-D(P*CP*TP*GP*TP*G)-3')
;
1511.022 1 ? ? ? ? 
# 
loop_
_entity_poly.entity_id 
_entity_poly.type 
_entity_poly.nstd_linkage 
_entity_poly.nstd_monomer 
_entity_poly.pdbx_seq_one_letter_code 
_entity_poly.pdbx_seq_one_letter_code_can 
_entity_poly.pdbx_strand_id 
_entity_poly.pdbx_target_identifier 
1 polydeoxyribonucleotide no no '(DA)(DC)(DG)(DG)(DA)(DC)(DA)(DG)(DC)(DA)(DC)(DG)(DT)(DG)(DT)(DA)' ACGGACAGCACGTGTA A ? 
2 polydeoxyribonucleotide no no '(DC)(DA)(DC)(DA)(DC)(DC)(DG)(DT)'                                 CACACCGT         B ? 
3 polydeoxyribonucleotide no no '(DG)(DT)(DG)(DC)(DA)(DC)(DG)(DT)(DG)(DC)(DT)(DG)(DT)'             GTGCACGTGCTGT    C ? 
4 polydeoxyribonucleotide no no '(DC)(DT)(DG)(DT)(DG)'                                             CTGTG            D ? 
# 
loop_
_entity_poly_seq.entity_id 
_entity_poly_seq.num 
_entity_poly_seq.mon_id 
_entity_poly_seq.hetero 
1 1  DA n 
1 2  DC n 
1 3  DG n 
1 4  DG n 
1 5  DA n 
1 6  DC n 
1 7  DA n 
1 8  DG n 
1 9  DC n 
1 10 DA n 
1 11 DC n 
1 12 DG n 
1 13 DT n 
1 14 DG n 
1 15 DT n 
1 16 DA n 
2 1  DC n 
2 2  DA n 
2 3  DC n 
2 4  DA n 
2 5  DC n 
2 6  DC n 
2 7  DG n 
2 8  DT n 
3 1  DG n 
3 2  DT n 
3 3  DG n 
3 4  DC n 
3 5  DA n 
3 6  DC n 
3 7  DG n 
3 8  DT n 
3 9  DG n 
3 10 DC n 
3 11 DT n 
3 12 DG n 
3 13 DT n 
4 1  DC n 
4 2  DT n 
4 3  DG n 
4 4  DT n 
4 5  DG n 
# 
loop_
_pdbx_entity_src_syn.entity_id 
_pdbx_entity_src_syn.pdbx_src_id 
_pdbx_entity_src_syn.pdbx_alt_source_flag 
_pdbx_entity_src_syn.pdbx_beg_seq_num 
_pdbx_entity_src_syn.pdbx_end_seq_num 
_pdbx_entity_src_syn.organism_scientific 
_pdbx_entity_src_syn.organism_common_name 
_pdbx_entity_src_syn.ncbi_taxonomy_id 
_pdbx_entity_src_syn.details 
1 1 sample 1 16 'synthetic construct' ? 32630 ? 
2 1 sample 1 8  'synthetic construct' ? 32630 ? 
3 1 sample 1 13 'synthetic construct' ? 32630 ? 
4 1 sample 1 5  'synthetic construct' ? 32630 ? 
# 
loop_
_chem_comp.id 
_chem_comp.type 
_chem_comp.mon_nstd_flag 
_chem_comp.name 
_chem_comp.pdbx_synonyms 
_chem_comp.formula 
_chem_comp.formula_weight 
DA 'DNA linking' y "2'-DEOXYADENOSINE-5'-MONOPHOSPHATE" ? 'C10 H14 N5 O6 P' 331.222 
DC 'DNA linking' y "2'-DEOXYCYTIDINE-5'-MONOPHOSPHATE"  ? 'C9 H14 N3 O7 P'  307.197 
DG 'DNA linking' y "2'-DEOXYGUANOSINE-5'-MONOPHOSPHATE" ? 'C10 H14 N5 O7 P' 347.221 
DT 'DNA linking' y "THYMIDINE-5'-MONOPHOSPHATE"         ? 'C10 H15 N2 O8 P' 322.208 
# 
loop_
_pdbx_poly_seq_scheme.asym_id 
_pdbx_poly_seq_scheme.entity_id 
_pdbx_poly_seq_scheme.seq_id 
_pdbx_poly_seq_scheme.mon_id 
_pdbx_poly_seq_scheme.ndb_seq_num 
_pdbx_poly_seq_scheme.pdb_seq_num 
_pdbx_poly_seq_scheme.auth_seq_num 
_pdbx_poly_seq_scheme.pdb_mon_id 
_pdbx_poly_seq_scheme.auth_mon_id 
_pdbx_poly_seq_scheme.pdb_strand_id 
_pdbx_poly_seq_scheme.pdb_ins_code 
_pdbx_poly_seq_scheme.hetero 
A 1 1  DA 1  12 12 DA DA A . n 
A 1 2  DC 2  13 13 DC DC A . n 
A 1 3  DG 3  14 14 DG DG A . n 
A 1 4  DG 4  15 15 DG DG A . n 
A 1 5  DA 5  16 16 DA DA A . n 
A 1 6  DC 6  17 17 DC DC A . n 
A 1 7  DA 7  18 18 DA DA A . n 
A 1 8  DG 8  19 19 DG DG A . n 
A 1 9  DC 9  20 20 DC DC A . n 
A 1 10 DA 10 21 21 DA DA A . n 
A 1 11 DC 11 22 22 DC DC A . n 
A 1 12 DG 12 23 23 DG DG A . n 
A 1 13 DT 13 24 24 DT DT A . n 
A 1 14 DG 14 25 25 DG DG A . n 
A 1 15 DT 15 26 26 DT DT A . n 
A 1 16 DA 16 27 27 DA DA A . n 
B 2 1  DC 1  12 12 DC DC B . n 
B 2 2  DA 2  13 13 DA DA B . n 
B 2 3  DC 3  14 14 DC DC B . n 
B 2 4  DA 4  15 15 DA DA B . n 
B 2 5  DC 5  16 16 DC DC B . n 
B 2 6  DC 6  17 17 DC DC B . n 
B 2 7  DG 7  18 18 DG DG B . n 
B 2 8  DT 8  19 19 DT DT B . n 
C 3 1  DG 1  -5 -5 DG DG C . n 
C 3 2  DT 2  -4 -4 DT DT C . n 
C 3 3  DG 3  -3 -3 DG DG C . n 
C 3 4  DC 4  -2 -2 DC DC C . n 
C 3 5  DA 5  -1 -1 DA DA C . n 
C 3 6  DC 6  0  0  DC DC C . n 
C 3 7  DG 7  1  1  DG DG C . n 
C 3 8  DT 8  2  2  DT DT C . n 
C 3 9  DG 9  3  3  DG DG C . n 
C 3 10 DC 10 4  4  DC DC C . n 
C 3 11 DT 11 5  5  DT DT C . n 
C 3 12 DG 12 6  6  DG DG C . n 
C 3 13 DT 13 7  7  DT DT C . n 
D 4 1  DC 1  7  7  DC DC D . n 
D 4 2  DT 2  8  8  DT DT D . n 
D 4 3  DG 3  9  9  DG DG D . n 
D 4 4  DT 4  10 10 DT DT D . n 
D 4 5  DG 5  11 11 DG DG D . n 
# 
loop_
_software.citation_id 
_software.classification 
_software.compiler_name 
_software.compiler_version 
_software.contact_author 
_software.contact_author_email 
_software.date 
_software.description 
_software.dependencies 
_software.hardware 
_software.language 
_software.location 
_software.mods 
_software.name 
_software.os 
_software.os_version 
_software.type 
_software.version 
_software.pdbx_ordinal 
? refinement       ? ? ? ? ? ? ? ? ? ? ? PHENIX    ? ? ? 1.21.2_5419 1 
? 'data reduction' ? ? ? ? ? ? ? ? ? ? ? autoPROC  ? ? ? .           2 
? 'data scaling'   ? ? ? ? ? ? ? ? ? ? ? STARANISO ? ? ? .           3 
? phasing          ? ? ? ? ? ? ? ? ? ? ? PHASER    ? ? ? .           4 
# 
_cell.angle_alpha                  90.000 
_cell.angle_alpha_esd              ? 
_cell.angle_beta                   90.000 
_cell.angle_beta_esd               ? 
_cell.angle_gamma                  120.000 
_cell.angle_gamma_esd              ? 
_cell.entry_id                     9NKT 
_cell.details                      ? 
_cell.formula_units_Z              ? 
_cell.length_a                     114.348 
_cell.length_a_esd                 ? 
_cell.length_b                     114.348 
_cell.length_b_esd                 ? 
_cell.length_c                     68.840 
_cell.length_c_esd                 ? 
_cell.volume                       779522.472 
_cell.volume_esd                   ? 
_cell.Z_PDB                        9 
_cell.reciprocal_angle_alpha       ? 
_cell.reciprocal_angle_beta        ? 
_cell.reciprocal_angle_gamma       ? 
_cell.reciprocal_angle_alpha_esd   ? 
_cell.reciprocal_angle_beta_esd    ? 
_cell.reciprocal_angle_gamma_esd   ? 
_cell.reciprocal_length_a          ? 
_cell.reciprocal_length_b          ? 
_cell.reciprocal_length_c          ? 
_cell.reciprocal_length_a_esd      ? 
_cell.reciprocal_length_b_esd      ? 
_cell.reciprocal_length_c_esd      ? 
_cell.pdbx_unique_axis             ? 
_cell.pdbx_esd_method              ? 
# 
_symmetry.entry_id                         9NKT 
_symmetry.cell_setting                     ? 
_symmetry.Int_Tables_number                146 
_symmetry.space_group_name_Hall            'R 3' 
_symmetry.space_group_name_H-M             'H 3' 
_symmetry.pdbx_full_space_group_name_H-M   ? 
# 
_exptl.absorpt_coefficient_mu     ? 
_exptl.absorpt_correction_T_max   ? 
_exptl.absorpt_correction_T_min   ? 
_exptl.absorpt_correction_type    ? 
_exptl.absorpt_process_details    ? 
_exptl.entry_id                   9NKT 
_exptl.crystals_number            1 
_exptl.details                    ? 
_exptl.method                     'X-RAY DIFFRACTION' 
_exptl.method_details             ? 
# 
_exptl_crystal.colour                       ? 
_exptl_crystal.density_diffrn               ? 
_exptl_crystal.density_Matthews             6.76 
_exptl_crystal.density_method               ? 
_exptl_crystal.density_percent_sol          81.80 
_exptl_crystal.description                  ? 
_exptl_crystal.F_000                        ? 
_exptl_crystal.id                           1 
_exptl_crystal.preparation                  ? 
_exptl_crystal.size_max                     ? 
_exptl_crystal.size_mid                     ? 
_exptl_crystal.size_min                     ? 
_exptl_crystal.size_rad                     ? 
_exptl_crystal.colour_lustre                ? 
_exptl_crystal.colour_modifier              ? 
_exptl_crystal.colour_primary               ? 
_exptl_crystal.density_meas                 ? 
_exptl_crystal.density_meas_esd             ? 
_exptl_crystal.density_meas_gt              ? 
_exptl_crystal.density_meas_lt              ? 
_exptl_crystal.density_meas_temp            ? 
_exptl_crystal.density_meas_temp_esd        ? 
_exptl_crystal.density_meas_temp_gt         ? 
_exptl_crystal.density_meas_temp_lt         ? 
_exptl_crystal.pdbx_crystal_image_url       ? 
_exptl_crystal.pdbx_crystal_image_format    ? 
_exptl_crystal.pdbx_mosaicity               ? 
_exptl_crystal.pdbx_mosaicity_esd           ? 
_exptl_crystal.pdbx_mosaic_method           ? 
_exptl_crystal.pdbx_mosaic_block_size       ? 
_exptl_crystal.pdbx_mosaic_block_size_esd   ? 
# 
_exptl_crystal_grow.apparatus       ? 
_exptl_crystal_grow.atmosphere      ? 
_exptl_crystal_grow.crystal_id      1 
_exptl_crystal_grow.details         ? 
_exptl_crystal_grow.method          'VAPOR DIFFUSION, HANGING DROP' 
_exptl_crystal_grow.method_ref      ? 
_exptl_crystal_grow.pH              ? 
_exptl_crystal_grow.pressure        ? 
_exptl_crystal_grow.pressure_esd    ? 
_exptl_crystal_grow.seeding         ? 
_exptl_crystal_grow.seeding_ref     ? 
_exptl_crystal_grow.temp_details    '338-293 at 0.4/hr' 
_exptl_crystal_grow.temp_esd        ? 
_exptl_crystal_grow.time            ? 
_exptl_crystal_grow.pdbx_details    '100 mM MOPS, 1.25 M magnesium sulfate' 
_exptl_crystal_grow.pdbx_pH_range   ? 
_exptl_crystal_grow.temp            293 
# 
_diffrn.ambient_environment              ? 
_diffrn.ambient_temp                     100 
_diffrn.ambient_temp_details             ? 
_diffrn.ambient_temp_esd                 ? 
_diffrn.crystal_id                       1 
_diffrn.crystal_support                  ? 
_diffrn.crystal_treatment                ? 
_diffrn.details                          ? 
_diffrn.id                               1 
_diffrn.ambient_pressure                 ? 
_diffrn.ambient_pressure_esd             ? 
_diffrn.ambient_pressure_gt              ? 
_diffrn.ambient_pressure_lt              ? 
_diffrn.ambient_temp_gt                  ? 
_diffrn.ambient_temp_lt                  ? 
_diffrn.pdbx_serial_crystal_experiment   N 
# 
_diffrn_detector.details                      ? 
_diffrn_detector.detector                     PIXEL 
_diffrn_detector.diffrn_id                    1 
_diffrn_detector.type                         'DECTRIS EIGER X 9M' 
_diffrn_detector.area_resol_mean              ? 
_diffrn_detector.dtime                        ? 
_diffrn_detector.pdbx_frames_total            ? 
_diffrn_detector.pdbx_collection_time_total   ? 
_diffrn_detector.pdbx_collection_date         2023-03-19 
_diffrn_detector.pdbx_frequency               ? 
_diffrn_detector.id                           ? 
_diffrn_detector.number_of_axes               ? 
# 
_diffrn_radiation.collimation                      ? 
_diffrn_radiation.diffrn_id                        1 
_diffrn_radiation.filter_edge                      ? 
_diffrn_radiation.inhomogeneity                    ? 
_diffrn_radiation.monochromator                    ? 
_diffrn_radiation.polarisn_norm                    ? 
_diffrn_radiation.polarisn_ratio                   ? 
_diffrn_radiation.probe                            ? 
_diffrn_radiation.type                             ? 
_diffrn_radiation.xray_symbol                      ? 
_diffrn_radiation.wavelength_id                    1 
_diffrn_radiation.pdbx_monochromatic_or_laue_m_l   M 
_diffrn_radiation.pdbx_wavelength_list             ? 
_diffrn_radiation.pdbx_wavelength                  ? 
_diffrn_radiation.pdbx_diffrn_protocol             'SINGLE WAVELENGTH' 
_diffrn_radiation.pdbx_analyzer                    ? 
_diffrn_radiation.pdbx_scattering_type             x-ray 
# 
_diffrn_radiation_wavelength.id           1 
_diffrn_radiation_wavelength.wavelength   0.991870 
_diffrn_radiation_wavelength.wt           1.0 
# 
_diffrn_source.current                     ? 
_diffrn_source.details                     ? 
_diffrn_source.diffrn_id                   1 
_diffrn_source.power                       ? 
_diffrn_source.size                        ? 
_diffrn_source.source                      SYNCHROTRON 
_diffrn_source.target                      ? 
_diffrn_source.type                        'APS BEAMLINE 17-ID' 
_diffrn_source.voltage                     ? 
_diffrn_source.take-off_angle              ? 
_diffrn_source.pdbx_wavelength_list        0.991870 
_diffrn_source.pdbx_wavelength             ? 
_diffrn_source.pdbx_synchrotron_beamline   17-ID 
_diffrn_source.pdbx_synchrotron_site       APS 
# 
_reflns.B_iso_Wilson_estimate                          402.10 
_reflns.entry_id                                       9NKT 
_reflns.data_reduction_details                         ? 
_reflns.data_reduction_method                          ? 
_reflns.d_resolution_high                              6.42 
_reflns.d_resolution_low                               57.174 
_reflns.details                                        ? 
_reflns.limit_h_max                                    ? 
_reflns.limit_h_min                                    ? 
_reflns.limit_k_max                                    ? 
_reflns.limit_k_min                                    ? 
_reflns.limit_l_max                                    ? 
_reflns.limit_l_min                                    ? 
_reflns.number_all                                     ? 
_reflns.number_obs                                     599 
_reflns.observed_criterion                             ? 
_reflns.observed_criterion_F_max                       ? 
_reflns.observed_criterion_F_min                       ? 
_reflns.observed_criterion_I_max                       ? 
_reflns.observed_criterion_I_min                       ? 
_reflns.observed_criterion_sigma_F                     ? 
_reflns.observed_criterion_sigma_I                     ? 
_reflns.percent_possible_obs                           87.3 
_reflns.R_free_details                                 ? 
_reflns.Rmerge_F_all                                   ? 
_reflns.Rmerge_F_obs                                   ? 
_reflns.Friedel_coverage                               ? 
_reflns.number_gt                                      ? 
_reflns.threshold_expression                           ? 
_reflns.pdbx_redundancy                                8.3 
_reflns.pdbx_netI_over_av_sigmaI                       ? 
_reflns.pdbx_netI_over_sigmaI                          3.4 
_reflns.pdbx_res_netI_over_av_sigmaI_2                 ? 
_reflns.pdbx_res_netI_over_sigmaI_2                    ? 
_reflns.pdbx_chi_squared                               ? 
_reflns.pdbx_scaling_rejects                           ? 
_reflns.pdbx_d_res_high_opt                            ? 
_reflns.pdbx_d_res_low_opt                             ? 
_reflns.pdbx_d_res_opt_method                          ? 
_reflns.phase_calculation_details                      ? 
_reflns.pdbx_Rrim_I_all                                ? 
_reflns.pdbx_Rpim_I_all                                ? 
_reflns.pdbx_d_opt                                     ? 
_reflns.pdbx_number_measured_all                       ? 
_reflns.pdbx_diffrn_id                                 1 
_reflns.pdbx_ordinal                                   1 
_reflns.pdbx_CC_half                                   0.976 
_reflns.pdbx_CC_star                                   ? 
_reflns.pdbx_R_split                                   ? 
_reflns.pdbx_Rmerge_I_obs                              ? 
_reflns.pdbx_Rmerge_I_all                              ? 
_reflns.pdbx_Rsym_value                                ? 
_reflns.pdbx_CC_split_method                           ? 
_reflns.pdbx_aniso_diffraction_limit_axis_1_ortho[1]   ? 
_reflns.pdbx_aniso_diffraction_limit_axis_1_ortho[2]   ? 
_reflns.pdbx_aniso_diffraction_limit_axis_1_ortho[3]   ? 
_reflns.pdbx_aniso_diffraction_limit_axis_2_ortho[1]   ? 
_reflns.pdbx_aniso_diffraction_limit_axis_2_ortho[2]   ? 
_reflns.pdbx_aniso_diffraction_limit_axis_2_ortho[3]   ? 
_reflns.pdbx_aniso_diffraction_limit_axis_3_ortho[1]   ? 
_reflns.pdbx_aniso_diffraction_limit_axis_3_ortho[2]   ? 
_reflns.pdbx_aniso_diffraction_limit_axis_3_ortho[3]   ? 
_reflns.pdbx_aniso_diffraction_limit_1                 ? 
_reflns.pdbx_aniso_diffraction_limit_2                 ? 
_reflns.pdbx_aniso_diffraction_limit_3                 ? 
_reflns.pdbx_aniso_B_tensor_eigenvector_1_ortho[1]     ? 
_reflns.pdbx_aniso_B_tensor_eigenvector_1_ortho[2]     ? 
_reflns.pdbx_aniso_B_tensor_eigenvector_1_ortho[3]     ? 
_reflns.pdbx_aniso_B_tensor_eigenvector_2_ortho[1]     ? 
_reflns.pdbx_aniso_B_tensor_eigenvector_2_ortho[2]     ? 
_reflns.pdbx_aniso_B_tensor_eigenvector_2_ortho[3]     ? 
_reflns.pdbx_aniso_B_tensor_eigenvector_3_ortho[1]     ? 
_reflns.pdbx_aniso_B_tensor_eigenvector_3_ortho[2]     ? 
_reflns.pdbx_aniso_B_tensor_eigenvector_3_ortho[3]     ? 
_reflns.pdbx_aniso_B_tensor_eigenvalue_1               ? 
_reflns.pdbx_aniso_B_tensor_eigenvalue_2               ? 
_reflns.pdbx_aniso_B_tensor_eigenvalue_3               ? 
_reflns.pdbx_orthogonalization_convention              ? 
_reflns.pdbx_percent_possible_ellipsoidal              ? 
_reflns.pdbx_percent_possible_spherical                ? 
_reflns.pdbx_percent_possible_ellipsoidal_anomalous    ? 
_reflns.pdbx_percent_possible_spherical_anomalous      ? 
_reflns.pdbx_redundancy_anomalous                      ? 
_reflns.pdbx_CC_half_anomalous                         ? 
_reflns.pdbx_absDiff_over_sigma_anomalous              ? 
_reflns.pdbx_percent_possible_anomalous                ? 
_reflns.pdbx_observed_signal_threshold                 ? 
_reflns.pdbx_signal_type                               ? 
_reflns.pdbx_signal_details                            ? 
_reflns.pdbx_signal_software_id                        ? 
# 
loop_
_reflns_shell.d_res_high 
_reflns_shell.d_res_low 
_reflns_shell.meanI_over_sigI_all 
_reflns_shell.meanI_over_sigI_obs 
_reflns_shell.number_measured_all 
_reflns_shell.number_measured_obs 
_reflns_shell.number_possible 
_reflns_shell.number_unique_all 
_reflns_shell.number_unique_obs 
_reflns_shell.percent_possible_obs 
_reflns_shell.Rmerge_F_all 
_reflns_shell.Rmerge_F_obs 
_reflns_shell.meanI_over_sigI_gt 
_reflns_shell.meanI_over_uI_all 
_reflns_shell.meanI_over_uI_gt 
_reflns_shell.number_measured_gt 
_reflns_shell.number_unique_gt 
_reflns_shell.percent_possible_gt 
_reflns_shell.Rmerge_F_gt 
_reflns_shell.Rmerge_I_gt 
_reflns_shell.pdbx_redundancy 
_reflns_shell.pdbx_chi_squared 
_reflns_shell.pdbx_netI_over_sigmaI_all 
_reflns_shell.pdbx_netI_over_sigmaI_obs 
_reflns_shell.pdbx_Rrim_I_all 
_reflns_shell.pdbx_Rpim_I_all 
_reflns_shell.pdbx_rejects 
_reflns_shell.pdbx_ordinal 
_reflns_shell.pdbx_diffrn_id 
_reflns_shell.pdbx_CC_half 
_reflns_shell.pdbx_CC_star 
_reflns_shell.pdbx_R_split 
_reflns_shell.percent_possible_all 
_reflns_shell.Rmerge_I_all 
_reflns_shell.Rmerge_I_obs 
_reflns_shell.pdbx_Rsym_value 
_reflns_shell.pdbx_percent_possible_ellipsoidal 
_reflns_shell.pdbx_percent_possible_spherical 
_reflns_shell.pdbx_percent_possible_ellipsoidal_anomalous 
_reflns_shell.pdbx_percent_possible_spherical_anomalous 
_reflns_shell.pdbx_redundancy_anomalous 
_reflns_shell.pdbx_CC_half_anomalous 
_reflns_shell.pdbx_absDiff_over_sigma_anomalous 
_reflns_shell.pdbx_percent_possible_anomalous 
6.424 7.695  ? ? ? ? ? ? 203 ? ? ? ? ? ? ? ? ? ? ? ? ? ? ? ? ? ? 1 1 .607 ? ? ? ? ? ? ? ? ? ? ? ? ? ? 
9.723 57.174 ? ? ? ? ? ? 199 ? ? ? ? ? ? ? ? ? ? ? ? ? ? ? ? ? ? 2 1 .975 ? ? ? ? ? ? ? ? ? ? ? ? ? ? 
# 
_refine.aniso_B[1][1]                            ? 
_refine.aniso_B[1][2]                            ? 
_refine.aniso_B[1][3]                            ? 
_refine.aniso_B[2][2]                            ? 
_refine.aniso_B[2][3]                            ? 
_refine.aniso_B[3][3]                            ? 
_refine.B_iso_max                                ? 
_refine.B_iso_mean                               715.21 
_refine.B_iso_min                                ? 
_refine.correlation_coeff_Fo_to_Fc               ? 
_refine.correlation_coeff_Fo_to_Fc_free          ? 
_refine.details                                  ? 
_refine.diff_density_max                         ? 
_refine.diff_density_max_esd                     ? 
_refine.diff_density_min                         ? 
_refine.diff_density_min_esd                     ? 
_refine.diff_density_rms                         ? 
_refine.diff_density_rms_esd                     ? 
_refine.entry_id                                 9NKT 
_refine.pdbx_refine_id                           'X-RAY DIFFRACTION' 
_refine.ls_abs_structure_details                 ? 
_refine.ls_abs_structure_Flack                   ? 
_refine.ls_abs_structure_Flack_esd               ? 
_refine.ls_abs_structure_Rogers                  ? 
_refine.ls_abs_structure_Rogers_esd              ? 
_refine.ls_d_res_high                            6.42 
_refine.ls_d_res_low                             33.01 
_refine.ls_extinction_coef                       ? 
_refine.ls_extinction_coef_esd                   ? 
_refine.ls_extinction_expression                 ? 
_refine.ls_extinction_method                     ? 
_refine.ls_goodness_of_fit_all                   ? 
_refine.ls_goodness_of_fit_all_esd               ? 
_refine.ls_goodness_of_fit_obs                   ? 
_refine.ls_goodness_of_fit_obs_esd               ? 
_refine.ls_hydrogen_treatment                    ? 
_refine.ls_matrix_type                           ? 
_refine.ls_number_constraints                    ? 
_refine.ls_number_parameters                     ? 
_refine.ls_number_reflns_all                     ? 
_refine.ls_number_reflns_obs                     586 
_refine.ls_number_reflns_R_free                  63 
_refine.ls_number_reflns_R_work                  523 
_refine.ls_number_restraints                     ? 
_refine.ls_percent_reflns_obs                    85.30 
_refine.ls_percent_reflns_R_free                 10.75 
_refine.ls_R_factor_all                          ? 
_refine.ls_R_factor_obs                          0.3237 
_refine.ls_R_factor_R_free                       0.3982 
_refine.ls_R_factor_R_free_error                 ? 
_refine.ls_R_factor_R_free_error_details         ? 
_refine.ls_R_factor_R_work                       0.3137 
_refine.ls_R_Fsqd_factor_obs                     ? 
_refine.ls_R_I_factor_obs                        ? 
_refine.ls_redundancy_reflns_all                 ? 
_refine.ls_redundancy_reflns_obs                 ? 
_refine.ls_restrained_S_all                      ? 
_refine.ls_restrained_S_obs                      ? 
_refine.ls_shift_over_esd_max                    ? 
_refine.ls_shift_over_esd_mean                   ? 
_refine.ls_structure_factor_coef                 ? 
_refine.ls_weighting_details                     ? 
_refine.ls_weighting_scheme                      ? 
_refine.ls_wR_factor_all                         ? 
_refine.ls_wR_factor_obs                         ? 
_refine.ls_wR_factor_R_free                      ? 
_refine.ls_wR_factor_R_work                      ? 
_refine.occupancy_max                            ? 
_refine.occupancy_min                            ? 
_refine.solvent_model_details                    'FLAT BULK SOLVENT MODEL' 
_refine.solvent_model_param_bsol                 ? 
_refine.solvent_model_param_ksol                 ? 
_refine.correlation_coeff_I_to_Fcsqd_work        ? 
_refine.correlation_coeff_I_to_Fcsqd_free        ? 
_refine.pdbx_R_complete                          ? 
_refine.ls_R_factor_gt                           ? 
_refine.ls_goodness_of_fit_gt                    ? 
_refine.ls_goodness_of_fit_ref                   ? 
_refine.ls_shift_over_su_max                     ? 
_refine.ls_shift_over_su_max_lt                  ? 
_refine.ls_shift_over_su_mean                    ? 
_refine.ls_shift_over_su_mean_lt                 ? 
_refine.pdbx_ls_sigma_I                          ? 
_refine.pdbx_ls_sigma_F                          2.03 
_refine.pdbx_ls_sigma_Fsqd                       ? 
_refine.pdbx_data_cutoff_high_absF               ? 
_refine.pdbx_data_cutoff_high_rms_absF           ? 
_refine.pdbx_data_cutoff_low_absF                ? 
_refine.pdbx_isotropic_thermal_model             ? 
_refine.pdbx_ls_cross_valid_method               'FREE R-VALUE' 
_refine.pdbx_method_to_determine_struct          'MOLECULAR REPLACEMENT' 
_refine.pdbx_starting_model                      ? 
_refine.pdbx_stereochemistry_target_values       'GeoStd + Monomer Library + CDL v1.2' 
_refine.pdbx_R_Free_selection_details            ? 
_refine.pdbx_stereochem_target_val_spec_case     ? 
_refine.pdbx_overall_ESU_R                       ? 
_refine.pdbx_overall_ESU_R_Free                  ? 
_refine.pdbx_solvent_vdw_probe_radii             1.1000 
_refine.pdbx_solvent_ion_probe_radii             ? 
_refine.pdbx_solvent_shrinkage_radii             0.9000 
_refine.pdbx_real_space_R                        ? 
_refine.pdbx_density_correlation                 ? 
_refine.pdbx_pd_number_of_powder_patterns        ? 
_refine.pdbx_pd_number_of_points                 ? 
_refine.pdbx_pd_meas_number_of_points            ? 
_refine.pdbx_pd_proc_ls_prof_R_factor            ? 
_refine.pdbx_pd_proc_ls_prof_wR_factor           ? 
_refine.pdbx_pd_Marquardt_correlation_coeff      ? 
_refine.pdbx_pd_Fsqrd_R_factor                   ? 
_refine.pdbx_pd_ls_matrix_band_width             ? 
_refine.pdbx_overall_phase_error                 51.6899 
_refine.pdbx_overall_SU_R_free_Cruickshank_DPI   ? 
_refine.pdbx_overall_SU_R_free_Blow_DPI          ? 
_refine.pdbx_overall_SU_R_Blow_DPI               ? 
_refine.pdbx_TLS_residual_ADP_flag               ? 
_refine.pdbx_diffrn_id                           1 
_refine.overall_SU_B                             ? 
_refine.overall_SU_ML                            0.0000 
_refine.overall_SU_R_Cruickshank_DPI             ? 
_refine.overall_SU_R_free                        ? 
_refine.overall_FOM_free_R_set                   ? 
_refine.overall_FOM_work_R_set                   ? 
_refine.pdbx_average_fsc_overall                 ? 
_refine.pdbx_average_fsc_work                    ? 
_refine.pdbx_average_fsc_free                    ? 
# 
_refine_hist.pdbx_refine_id                   'X-RAY DIFFRACTION' 
_refine_hist.cycle_id                         LAST 
_refine_hist.details                          ? 
_refine_hist.d_res_high                       6.42 
_refine_hist.d_res_low                        33.01 
_refine_hist.number_atoms_solvent             0 
_refine_hist.number_atoms_total               862 
_refine_hist.number_reflns_all                ? 
_refine_hist.number_reflns_obs                ? 
_refine_hist.number_reflns_R_free             ? 
_refine_hist.number_reflns_R_work             ? 
_refine_hist.R_factor_all                     ? 
_refine_hist.R_factor_obs                     ? 
_refine_hist.R_factor_R_free                  ? 
_refine_hist.R_factor_R_work                  ? 
_refine_hist.pdbx_number_residues_total       ? 
_refine_hist.pdbx_B_iso_mean_ligand           ? 
_refine_hist.pdbx_B_iso_mean_solvent          ? 
_refine_hist.pdbx_number_atoms_protein        0 
_refine_hist.pdbx_number_atoms_nucleic_acid   862 
_refine_hist.pdbx_number_atoms_ligand         0 
_refine_hist.pdbx_number_atoms_lipid          ? 
_refine_hist.pdbx_number_atoms_carb           ? 
_refine_hist.pdbx_pseudo_atom_details         ? 
# 
loop_
_refine_ls_restr.pdbx_refine_id 
_refine_ls_restr.criterion 
_refine_ls_restr.dev_ideal 
_refine_ls_restr.dev_ideal_target 
_refine_ls_restr.number 
_refine_ls_restr.rejects 
_refine_ls_restr.type 
_refine_ls_restr.weight 
_refine_ls_restr.pdbx_restraint_function 
'X-RAY DIFFRACTION' ? 0.0050  ? 963  ? f_bond_d           ? ? 
'X-RAY DIFFRACTION' ? 0.7493  ? 1477 ? f_angle_d          ? ? 
'X-RAY DIFFRACTION' ? 0.0380  ? 168  ? f_chiral_restr     ? ? 
'X-RAY DIFFRACTION' ? 0.0046  ? 42   ? f_plane_restr      ? ? 
'X-RAY DIFFRACTION' ? 35.8859 ? 440  ? f_dihedral_angle_d ? ? 
# 
_refine_ls_shell.pdbx_refine_id                      'X-RAY DIFFRACTION' 
_refine_ls_shell.d_res_high                          6.42 
_refine_ls_shell.d_res_low                           33.01 
_refine_ls_shell.number_reflns_all                   ? 
_refine_ls_shell.number_reflns_obs                   ? 
_refine_ls_shell.number_reflns_R_free                63 
_refine_ls_shell.number_reflns_R_work                523 
_refine_ls_shell.percent_reflns_obs                  85.30 
_refine_ls_shell.percent_reflns_R_free               ? 
_refine_ls_shell.R_factor_all                        ? 
_refine_ls_shell.R_factor_obs                        ? 
_refine_ls_shell.R_factor_R_free_error               ? 
_refine_ls_shell.R_factor_R_work                     0.3137 
_refine_ls_shell.redundancy_reflns_all               ? 
_refine_ls_shell.redundancy_reflns_obs               ? 
_refine_ls_shell.wR_factor_all                       ? 
_refine_ls_shell.wR_factor_obs                       ? 
_refine_ls_shell.wR_factor_R_free                    ? 
_refine_ls_shell.wR_factor_R_work                    ? 
_refine_ls_shell.pdbx_R_complete                     ? 
_refine_ls_shell.correlation_coeff_Fo_to_Fc          ? 
_refine_ls_shell.correlation_coeff_Fo_to_Fc_free     ? 
_refine_ls_shell.correlation_coeff_I_to_Fcsqd_work   ? 
_refine_ls_shell.correlation_coeff_I_to_Fcsqd_free   ? 
_refine_ls_shell.pdbx_total_number_of_bins_used      ? 
_refine_ls_shell.pdbx_phase_error                    ? 
_refine_ls_shell.pdbx_fsc_work                       ? 
_refine_ls_shell.pdbx_fsc_free                       ? 
_refine_ls_shell.R_factor_R_free                     0.3982 
# 
_struct.entry_id                     9NKT 
_struct.title                        
;[0,8,12P-->13] Shifted tensegrity triangle with an (arm,center,arm) distribution of (0,8,12) base pairs, 1 nt sticky ends, and 5' phosphates containing a semi-junction that becomes left-handed
;
_struct.pdbx_model_details           ? 
_struct.pdbx_formula_weight          ? 
_struct.pdbx_formula_weight_method   ? 
_struct.pdbx_model_type_details      ? 
_struct.pdbx_CASP_flag               N 
# 
_struct_keywords.entry_id        9NKT 
_struct_keywords.text            'tensegrity triangle, DNA' 
_struct_keywords.pdbx_keywords   DNA 
# 
loop_
_struct_asym.id 
_struct_asym.pdbx_blank_PDB_chainid_flag 
_struct_asym.pdbx_modified 
_struct_asym.entity_id 
_struct_asym.details 
A N N 1 ? 
B N N 2 ? 
C N N 3 ? 
D N N 4 ? 
# 
loop_
_struct_ref.id 
_struct_ref.db_name 
_struct_ref.db_code 
_struct_ref.pdbx_db_accession 
_struct_ref.pdbx_db_isoform 
_struct_ref.entity_id 
_struct_ref.pdbx_seq_one_letter_code 
_struct_ref.pdbx_align_begin 
1 PDB 9NKT 9NKT ? 1 ? 1 
2 PDB 9NKT 9NKT ? 2 ? 1 
3 PDB 9NKT 9NKT ? 3 ? 1 
4 PDB 9NKT 9NKT ? 4 ? 1 
# 
loop_
_struct_ref_seq.align_id 
_struct_ref_seq.ref_id 
_struct_ref_seq.pdbx_PDB_id_code 
_struct_ref_seq.pdbx_strand_id 
_struct_ref_seq.seq_align_beg 
_struct_ref_seq.pdbx_seq_align_beg_ins_code 
_struct_ref_seq.seq_align_end 
_struct_ref_seq.pdbx_seq_align_end_ins_code 
_struct_ref_seq.pdbx_db_accession 
_struct_ref_seq.db_align_beg 
_struct_ref_seq.pdbx_db_align_beg_ins_code 
_struct_ref_seq.db_align_end 
_struct_ref_seq.pdbx_db_align_end_ins_code 
_struct_ref_seq.pdbx_auth_seq_align_beg 
_struct_ref_seq.pdbx_auth_seq_align_end 
1 1 9NKT A 1 ? 16 ? 9NKT 12 ? 27 ? 12 27 
2 2 9NKT B 1 ? 8  ? 9NKT 12 ? 19 ? 12 19 
3 3 9NKT C 1 ? 13 ? 9NKT -5 ? 7  ? -5 7  
4 4 9NKT D 1 ? 5  ? 9NKT 7  ? 11 ? 7  11 
# 
_pdbx_struct_assembly.id                   1 
_pdbx_struct_assembly.details              author_defined_assembly 
_pdbx_struct_assembly.method_details       ? 
_pdbx_struct_assembly.oligomeric_details   dodecameric 
_pdbx_struct_assembly.oligomeric_count     12 
# 
loop_
_pdbx_struct_assembly_gen.assembly_id 
_pdbx_struct_assembly_gen.oper_expression 
_pdbx_struct_assembly_gen.asym_id_list 
1 1 A,B,C,D 
1 2 A,B,C,D 
1 3 A,B,C,D 
# 
_pdbx_struct_assembly_auth_evidence.id                     1 
_pdbx_struct_assembly_auth_evidence.assembly_id            1 
_pdbx_struct_assembly_auth_evidence.experimental_support   'native gel electrophoresis' 
_pdbx_struct_assembly_auth_evidence.details                ? 
# 
loop_
_pdbx_struct_oper_list.id 
_pdbx_struct_oper_list.type 
_pdbx_struct_oper_list.name 
_pdbx_struct_oper_list.symmetry_operation 
_pdbx_struct_oper_list.matrix[1][1] 
_pdbx_struct_oper_list.matrix[1][2] 
_pdbx_struct_oper_list.matrix[1][3] 
_pdbx_struct_oper_list.vector[1] 
_pdbx_struct_oper_list.matrix[2][1] 
_pdbx_struct_oper_list.matrix[2][2] 
_pdbx_struct_oper_list.matrix[2][3] 
_pdbx_struct_oper_list.vector[2] 
_pdbx_struct_oper_list.matrix[3][1] 
_pdbx_struct_oper_list.matrix[3][2] 
_pdbx_struct_oper_list.matrix[3][3] 
_pdbx_struct_oper_list.vector[3] 
1 'identity operation'         1_555 x,y,z         1.0000000000 0.0000000000  0.0000000000 0.0000000000  0.0000000000  1.0000000000  0.0000000000  0.0000000000  0.0000000000 0.0000000000  1.0000000000 0.0000000000   
2 'crystal symmetry operation' 2_655 -y+1,x-y,z    0.3122417428 0.3783564367  0.8714077696 2.9369284475  -0.7563515503 -0.4560228506 0.4690154498  36.1057922739 0.5748368695 -0.8055368189 0.1437811078 6.1378421391   
3 'crystal symmetry operation' 3_665 -x+y+1,-x+1,z 0.3122417428 -0.7563515503 0.5748368695 22.8633823430 0.3783564367  -0.4560228506 -0.8055368189 20.2981183664 0.8714077696 0.4690154498  0.1437811078 -20.3759424148 
# 
loop_
_struct_conn.id 
_struct_conn.conn_type_id 
_struct_conn.pdbx_leaving_atom_flag 
_struct_conn.pdbx_PDB_id 
_struct_conn.ptnr1_label_asym_id 
_struct_conn.ptnr1_label_comp_id 
_struct_conn.ptnr1_label_seq_id 
_struct_conn.ptnr1_label_atom_id 
_struct_conn.pdbx_ptnr1_label_alt_id 
_struct_conn.pdbx_ptnr1_PDB_ins_code 
_struct_conn.pdbx_ptnr1_standard_comp_id 
_struct_conn.ptnr1_symmetry 
_struct_conn.ptnr2_label_asym_id 
_struct_conn.ptnr2_label_comp_id 
_struct_conn.ptnr2_label_seq_id 
_struct_conn.ptnr2_label_atom_id 
_struct_conn.pdbx_ptnr2_label_alt_id 
_struct_conn.pdbx_ptnr2_PDB_ins_code 
_struct_conn.ptnr1_auth_asym_id 
_struct_conn.ptnr1_auth_comp_id 
_struct_conn.ptnr1_auth_seq_id 
_struct_conn.ptnr2_auth_asym_id 
_struct_conn.ptnr2_auth_comp_id 
_struct_conn.ptnr2_auth_seq_id 
_struct_conn.ptnr2_symmetry 
_struct_conn.pdbx_ptnr3_label_atom_id 
_struct_conn.pdbx_ptnr3_label_seq_id 
_struct_conn.pdbx_ptnr3_label_comp_id 
_struct_conn.pdbx_ptnr3_label_asym_id 
_struct_conn.pdbx_ptnr3_label_alt_id 
_struct_conn.pdbx_ptnr3_PDB_ins_code 
_struct_conn.details 
_struct_conn.pdbx_dist_value 
_struct_conn.pdbx_value_order 
_struct_conn.pdbx_role 
hydrog1  hydrog ? ? A DA 1  N1 ? ? ? 1_555 B DT 8  N3 ? ? A DA 12 B DT 19 1_555 ? ? ? ? ? ? WATSON-CRICK ? ? ? 
hydrog2  hydrog ? ? A DA 1  N6 ? ? ? 1_555 B DT 8  O4 ? ? A DA 12 B DT 19 1_555 ? ? ? ? ? ? WATSON-CRICK ? ? ? 
hydrog3  hydrog ? ? A DC 2  N3 ? ? ? 1_555 B DG 7  N1 ? ? A DC 13 B DG 18 1_555 ? ? ? ? ? ? WATSON-CRICK ? ? ? 
hydrog4  hydrog ? ? A DC 2  N4 ? ? ? 1_555 B DG 7  O6 ? ? A DC 13 B DG 18 1_555 ? ? ? ? ? ? WATSON-CRICK ? ? ? 
hydrog5  hydrog ? ? A DC 2  O2 ? ? ? 1_555 B DG 7  N2 ? ? A DC 13 B DG 18 1_555 ? ? ? ? ? ? WATSON-CRICK ? ? ? 
hydrog6  hydrog ? ? A DG 3  N1 ? ? ? 1_555 B DC 6  N3 ? ? A DG 14 B DC 17 1_555 ? ? ? ? ? ? WATSON-CRICK ? ? ? 
hydrog7  hydrog ? ? A DG 3  N2 ? ? ? 1_555 B DC 6  O2 ? ? A DG 14 B DC 17 1_555 ? ? ? ? ? ? WATSON-CRICK ? ? ? 
hydrog8  hydrog ? ? A DG 3  O6 ? ? ? 1_555 B DC 6  N4 ? ? A DG 14 B DC 17 1_555 ? ? ? ? ? ? WATSON-CRICK ? ? ? 
hydrog9  hydrog ? ? A DG 4  N1 ? ? ? 1_555 B DC 5  N3 ? ? A DG 15 B DC 16 1_555 ? ? ? ? ? ? WATSON-CRICK ? ? ? 
hydrog10 hydrog ? ? A DG 4  N2 ? ? ? 1_555 B DC 5  O2 ? ? A DG 15 B DC 16 1_555 ? ? ? ? ? ? WATSON-CRICK ? ? ? 
hydrog11 hydrog ? ? A DG 4  O6 ? ? ? 1_555 B DC 5  N4 ? ? A DG 15 B DC 16 1_555 ? ? ? ? ? ? WATSON-CRICK ? ? ? 
hydrog12 hydrog ? ? A DA 5  N1 ? ? ? 1_555 C DT 13 N3 ? ? A DA 16 C DT 7  1_555 ? ? ? ? ? ? WATSON-CRICK ? ? ? 
hydrog13 hydrog ? ? A DA 5  N6 ? ? ? 1_555 C DT 13 O4 ? ? A DA 16 C DT 7  1_555 ? ? ? ? ? ? WATSON-CRICK ? ? ? 
hydrog14 hydrog ? ? A DC 6  N3 ? ? ? 1_555 C DG 12 N1 ? ? A DC 17 C DG 6  1_555 ? ? ? ? ? ? WATSON-CRICK ? ? ? 
hydrog15 hydrog ? ? A DC 6  N4 ? ? ? 1_555 C DG 12 O6 ? ? A DC 17 C DG 6  1_555 ? ? ? ? ? ? WATSON-CRICK ? ? ? 
hydrog16 hydrog ? ? A DC 6  O2 ? ? ? 1_555 C DG 12 N2 ? ? A DC 17 C DG 6  1_555 ? ? ? ? ? ? WATSON-CRICK ? ? ? 
hydrog17 hydrog ? ? A DA 7  N1 ? ? ? 1_555 C DT 11 N3 ? ? A DA 18 C DT 5  1_555 ? ? ? ? ? ? WATSON-CRICK ? ? ? 
hydrog18 hydrog ? ? A DA 7  N6 ? ? ? 1_555 C DT 11 O4 ? ? A DA 18 C DT 5  1_555 ? ? ? ? ? ? WATSON-CRICK ? ? ? 
hydrog19 hydrog ? ? A DG 8  N1 ? ? ? 1_555 C DC 10 N3 ? ? A DG 19 C DC 4  1_555 ? ? ? ? ? ? WATSON-CRICK ? ? ? 
hydrog20 hydrog ? ? A DG 8  N2 ? ? ? 1_555 C DC 10 O2 ? ? A DG 19 C DC 4  1_555 ? ? ? ? ? ? WATSON-CRICK ? ? ? 
hydrog21 hydrog ? ? A DG 8  O6 ? ? ? 1_555 C DC 10 N4 ? ? A DG 19 C DC 4  1_555 ? ? ? ? ? ? WATSON-CRICK ? ? ? 
hydrog22 hydrog ? ? A DC 9  N3 ? ? ? 1_555 C DG 9  N1 ? ? A DC 20 C DG 3  1_555 ? ? ? ? ? ? WATSON-CRICK ? ? ? 
hydrog23 hydrog ? ? A DC 9  N4 ? ? ? 1_555 C DG 9  O6 ? ? A DC 20 C DG 3  1_555 ? ? ? ? ? ? WATSON-CRICK ? ? ? 
hydrog24 hydrog ? ? A DC 9  O2 ? ? ? 1_555 C DG 9  N2 ? ? A DC 20 C DG 3  1_555 ? ? ? ? ? ? WATSON-CRICK ? ? ? 
hydrog25 hydrog ? ? A DA 10 N1 ? ? ? 1_555 C DT 8  N3 ? ? A DA 21 C DT 2  1_555 ? ? ? ? ? ? WATSON-CRICK ? ? ? 
hydrog26 hydrog ? ? A DA 10 N6 ? ? ? 1_555 C DT 8  O4 ? ? A DA 21 C DT 2  1_555 ? ? ? ? ? ? WATSON-CRICK ? ? ? 
hydrog27 hydrog ? ? A DC 11 N3 ? ? ? 1_555 C DG 7  N1 ? ? A DC 22 C DG 1  1_555 ? ? ? ? ? ? WATSON-CRICK ? ? ? 
hydrog28 hydrog ? ? A DC 11 N4 ? ? ? 1_555 C DG 7  O6 ? ? A DC 22 C DG 1  1_555 ? ? ? ? ? ? WATSON-CRICK ? ? ? 
hydrog29 hydrog ? ? A DC 11 O2 ? ? ? 1_555 C DG 7  N2 ? ? A DC 22 C DG 1  1_555 ? ? ? ? ? ? WATSON-CRICK ? ? ? 
hydrog30 hydrog ? ? A DG 12 N2 ? ? ? 1_555 C DC 6  O2 ? ? A DG 23 C DC 0  1_555 ? ? ? ? ? ? 'DG-DC PAIR' ? ? ? 
hydrog31 hydrog ? ? A DT 13 N3 ? ? ? 1_555 C DA 5  N1 ? ? A DT 24 C DA -1 1_555 ? ? ? ? ? ? WATSON-CRICK ? ? ? 
hydrog32 hydrog ? ? A DT 13 O4 ? ? ? 1_555 C DA 5  N6 ? ? A DT 24 C DA -1 1_555 ? ? ? ? ? ? WATSON-CRICK ? ? ? 
hydrog33 hydrog ? ? A DG 14 N1 ? ? ? 1_555 C DC 4  N3 ? ? A DG 25 C DC -2 1_555 ? ? ? ? ? ? WATSON-CRICK ? ? ? 
hydrog34 hydrog ? ? A DG 14 N2 ? ? ? 1_555 C DC 4  O2 ? ? A DG 25 C DC -2 1_555 ? ? ? ? ? ? WATSON-CRICK ? ? ? 
hydrog35 hydrog ? ? A DG 14 O6 ? ? ? 1_555 C DC 4  N4 ? ? A DG 25 C DC -2 1_555 ? ? ? ? ? ? WATSON-CRICK ? ? ? 
hydrog36 hydrog ? ? A DA 16 N1 ? ? ? 1_555 C DT 2  N3 ? ? A DA 27 C DT -4 1_555 ? ? ? ? ? ? WATSON-CRICK ? ? ? 
hydrog37 hydrog ? ? A DA 16 N6 ? ? ? 1_555 C DT 2  O4 ? ? A DA 27 C DT -4 1_555 ? ? ? ? ? ? WATSON-CRICK ? ? ? 
hydrog38 hydrog ? ? B DC 1  N3 ? ? ? 1_555 D DG 5  N1 ? ? B DC 12 D DG 11 1_555 ? ? ? ? ? ? WATSON-CRICK ? ? ? 
hydrog39 hydrog ? ? B DC 1  N4 ? ? ? 1_555 D DG 5  O6 ? ? B DC 12 D DG 11 1_555 ? ? ? ? ? ? WATSON-CRICK ? ? ? 
hydrog40 hydrog ? ? B DC 1  O2 ? ? ? 1_555 D DG 5  N2 ? ? B DC 12 D DG 11 1_555 ? ? ? ? ? ? WATSON-CRICK ? ? ? 
hydrog41 hydrog ? ? B DA 2  N1 ? ? ? 1_555 D DT 4  N3 ? ? B DA 13 D DT 10 1_555 ? ? ? ? ? ? WATSON-CRICK ? ? ? 
hydrog42 hydrog ? ? B DA 2  N6 ? ? ? 1_555 D DT 4  O4 ? ? B DA 13 D DT 10 1_555 ? ? ? ? ? ? WATSON-CRICK ? ? ? 
hydrog43 hydrog ? ? B DC 3  N3 ? ? ? 1_555 D DG 3  N1 ? ? B DC 14 D DG 9  1_555 ? ? ? ? ? ? WATSON-CRICK ? ? ? 
hydrog44 hydrog ? ? B DC 3  N4 ? ? ? 1_555 D DG 3  O6 ? ? B DC 14 D DG 9  1_555 ? ? ? ? ? ? WATSON-CRICK ? ? ? 
hydrog45 hydrog ? ? B DC 3  O2 ? ? ? 1_555 D DG 3  N2 ? ? B DC 14 D DG 9  1_555 ? ? ? ? ? ? WATSON-CRICK ? ? ? 
hydrog46 hydrog ? ? B DA 4  N1 ? ? ? 1_555 D DT 2  N3 ? ? B DA 15 D DT 8  1_555 ? ? ? ? ? ? WATSON-CRICK ? ? ? 
hydrog47 hydrog ? ? B DA 4  N6 ? ? ? 1_555 D DT 2  O4 ? ? B DA 15 D DT 8  1_555 ? ? ? ? ? ? WATSON-CRICK ? ? ? 
# 
_struct_conn_type.id          hydrog 
_struct_conn_type.criteria    ? 
_struct_conn_type.reference   ? 
# 
_pdbx_entry_details.entry_id                   9NKT 
_pdbx_entry_details.compound_details           ? 
_pdbx_entry_details.source_details             ? 
_pdbx_entry_details.nonpolymer_details         ? 
_pdbx_entry_details.sequence_details           ? 
_pdbx_entry_details.has_ligand_of_interest     ? 
_pdbx_entry_details.has_protein_modification   N 
# 
_pdbx_validate_rmsd_angle.id                         1 
_pdbx_validate_rmsd_angle.PDB_model_num              1 
_pdbx_validate_rmsd_angle.auth_atom_id_1             "O4'" 
_pdbx_validate_rmsd_angle.auth_asym_id_1             B 
_pdbx_validate_rmsd_angle.auth_comp_id_1             DC 
_pdbx_validate_rmsd_angle.auth_seq_id_1              14 
_pdbx_validate_rmsd_angle.PDB_ins_code_1             ? 
_pdbx_validate_rmsd_angle.label_alt_id_1             ? 
_pdbx_validate_rmsd_angle.auth_atom_id_2             "C1'" 
_pdbx_validate_rmsd_angle.auth_asym_id_2             B 
_pdbx_validate_rmsd_angle.auth_comp_id_2             DC 
_pdbx_validate_rmsd_angle.auth_seq_id_2              14 
_pdbx_validate_rmsd_angle.PDB_ins_code_2             ? 
_pdbx_validate_rmsd_angle.label_alt_id_2             ? 
_pdbx_validate_rmsd_angle.auth_atom_id_3             N1 
_pdbx_validate_rmsd_angle.auth_asym_id_3             B 
_pdbx_validate_rmsd_angle.auth_comp_id_3             DC 
_pdbx_validate_rmsd_angle.auth_seq_id_3              14 
_pdbx_validate_rmsd_angle.PDB_ins_code_3             ? 
_pdbx_validate_rmsd_angle.label_alt_id_3             ? 
_pdbx_validate_rmsd_angle.angle_value                110.79 
_pdbx_validate_rmsd_angle.angle_target_value         108.30 
_pdbx_validate_rmsd_angle.angle_deviation            2.49 
_pdbx_validate_rmsd_angle.angle_standard_deviation   0.30 
_pdbx_validate_rmsd_angle.linker_flag                N 
# 
loop_
_space_group_symop.id 
_space_group_symop.operation_xyz 
1 x,y,z                 
2 -y,x-y,z              
3 -x+y,-x,z             
4 x+1/3,y+2/3,z+2/3     
5 -y+1/3,x-y+2/3,z+2/3  
6 -x+y+1/3,-x+2/3,z+2/3 
7 x+2/3,y+1/3,z+1/3     
8 -y+2/3,x-y+1/3,z+1/3  
9 -x+y+2/3,-x+1/3,z+1/3 
# 
loop_
_pdbx_refine_tls.id 
_pdbx_refine_tls.pdbx_refine_id 
_pdbx_refine_tls.details 
_pdbx_refine_tls.method 
_pdbx_refine_tls.origin_x 
_pdbx_refine_tls.origin_y 
_pdbx_refine_tls.origin_z 
_pdbx_refine_tls.T[1][1] 
_pdbx_refine_tls.T[1][1]_esd 
_pdbx_refine_tls.T[1][2] 
_pdbx_refine_tls.T[1][2]_esd 
_pdbx_refine_tls.T[1][3] 
_pdbx_refine_tls.T[1][3]_esd 
_pdbx_refine_tls.T[2][2] 
_pdbx_refine_tls.T[2][2]_esd 
_pdbx_refine_tls.T[2][3] 
_pdbx_refine_tls.T[2][3]_esd 
_pdbx_refine_tls.T[3][3] 
_pdbx_refine_tls.T[3][3]_esd 
_pdbx_refine_tls.L[1][1] 
_pdbx_refine_tls.L[1][1]_esd 
_pdbx_refine_tls.L[1][2] 
_pdbx_refine_tls.L[1][2]_esd 
_pdbx_refine_tls.L[1][3] 
_pdbx_refine_tls.L[1][3]_esd 
_pdbx_refine_tls.L[2][2] 
_pdbx_refine_tls.L[2][2]_esd 
_pdbx_refine_tls.L[2][3] 
_pdbx_refine_tls.L[2][3]_esd 
_pdbx_refine_tls.L[3][3] 
_pdbx_refine_tls.L[3][3]_esd 
_pdbx_refine_tls.S[1][1] 
_pdbx_refine_tls.S[1][1]_esd 
_pdbx_refine_tls.S[1][2] 
_pdbx_refine_tls.S[1][2]_esd 
_pdbx_refine_tls.S[1][3] 
_pdbx_refine_tls.S[1][3]_esd 
_pdbx_refine_tls.S[2][1] 
_pdbx_refine_tls.S[2][1]_esd 
_pdbx_refine_tls.S[2][2] 
_pdbx_refine_tls.S[2][2]_esd 
_pdbx_refine_tls.S[2][3] 
_pdbx_refine_tls.S[2][3]_esd 
_pdbx_refine_tls.S[3][1] 
_pdbx_refine_tls.S[3][1]_esd 
_pdbx_refine_tls.S[3][2] 
_pdbx_refine_tls.S[3][2]_esd 
_pdbx_refine_tls.S[3][3] 
_pdbx_refine_tls.S[3][3]_esd 
1 'X-RAY DIFFRACTION' ? refined 1.6059711022   -3.0006652610 16.1345972007  9.02352252228  ? -3.38676721592 ? -0.552494960024 ? 9.7562359808  ? -0.53647048205 ? 7.20441302200  ? 2.1545699119   ? -0.92890006103  ? -0.1634121347   ? 8.74012350653 ? -3.15441372364 ? -0.33562045555 ? 3.36390554540   ? -0.27634955138  ? 5.663759017835  ? 2.03992050308   ? 0.30077000942   ? -6.09114912414 ? -0.61224822870  ? -1.27979391167  ? 6.74926159847  ? 
2 'X-RAY DIFFRACTION' ? refined 0.7345162534   -0.4659152735 -1.6487877473  10.16467187971 ? -1.50089615382 ? 3.740938185800  ? 13.8608666953 ? -1.62383758582 ? 7.6366415615   ? 0.533216461364 ? -1.23833696984  ? 0.244530415349  ? 3.78257385209 ? -0.2225828062  ? 0.1746718549   ? -2.099769539927 ? -0.189802589307 ? -3.8836366256   ? 0.275609494557  ? 0.033960001607  ? 0.615340034551 ? -0.795091944344 ? 0.40102450513   ? -0.78823928269 ? 
3 'X-RAY DIFFRACTION' ? refined 14.1890775999  -0.7105966941 -16.1520761309 14.32708800841 ? -5.97431040112 ? 3.18458098352   ? 13.8767470840 ? -0.3074432064  ? 5.98363120     ? 2.874392711337 ? -1.427882600911 ? 0.563549698702  ? 2.37584245353 ? 1.721818210075 ? 2.86046571057  ? -2.24425032174  ? 3.030005204946  ? -1.305278032432 ? -1.05135445614  ? -3.29127426609  ? 0.057895488280 ? -1.63617302108  ? 2.57095790473   ? -1.8941551631  ? 
4 'X-RAY DIFFRACTION' ? refined -11.5282825478 -2.0485487134 14.2557282224  5.9482152641   ? -1.85187341534 ? -1.04599184599  ? 12.8965994512 ? -2.03484744792 ? 10.76593602884 ? 8.36156528877  ? -3.72897807786  ? -1.2973128301   ? 1.49612486193 ? 0.52370653565  ? 0.27740502206  ? 3.48751420729   ? -0.23554915554  ? 8.309505733239  ? -3.26035257470  ? 5.48056564158   ? 3.784080611987 ? 6.6260717754    ? -4.41568028654  ? 1.8210037670   ? 
5 'X-RAY DIFFRACTION' ? refined 7.6005924831   0.637779471   -9.4473091783  9.03737650753  ? 3.43253067795  ? 0.7977846533    ? 10.7100012369 ? 2.68234457389  ? 8.2337534699   ? 0.391226075572 ? 0.246854260633  ? 0.179124537001  ? 1.20579814017 ? 1.56409083218  ? 1.526132093763 ? -7.42197166008  ? 5.01873422574   ? -7.51774871891  ? 1.42555246956   ? -4.44469839594  ? 0.430035848661 ? -5.03343531583  ? 3.7426247333    ? -4.9412812615  ? 
6 'X-RAY DIFFRACTION' ? refined -21.3310486921 6.051126116   7.2576915104   8.15719552556  ? -3.62863413681 ? 0.96847819189   ? 9.707503112   ? 2.163532349496 ? 12.6793179708  ? 1.14026307203  ? 0.75636464756   ? -1.765337073171 ? 0.4959953298  ? -1.16749127093 ? 2.762941506720 ? -1.53903830711  ? -1.049729305139 ? 0.0681129705    ? -0.413689060521 ? -0.346957340868 ? -0.87021895147 ? 2.25954074541   ? -1.518620014473 ? 2.12393745426  ? 
# 
loop_
_pdbx_refine_tls_group.id 
_pdbx_refine_tls_group.pdbx_refine_id 
_pdbx_refine_tls_group.refine_tls_id 
_pdbx_refine_tls_group.beg_label_asym_id 
_pdbx_refine_tls_group.beg_label_seq_id 
_pdbx_refine_tls_group.beg_auth_asym_id 
_pdbx_refine_tls_group.beg_auth_seq_id 
_pdbx_refine_tls_group.beg_PDB_ins_code 
_pdbx_refine_tls_group.end_label_asym_id 
_pdbx_refine_tls_group.end_label_seq_id 
_pdbx_refine_tls_group.end_auth_asym_id 
_pdbx_refine_tls_group.end_auth_seq_id 
_pdbx_refine_tls_group.end_PDB_ins_code 
_pdbx_refine_tls_group.selection 
_pdbx_refine_tls_group.selection_details 
1 'X-RAY DIFFRACTION' 1 A ? A 12 ? A ? A 16 ? ? 
;chain 'A' and (resid 12 through 16 )
;
2 'X-RAY DIFFRACTION' 2 A ? A 17 ? A ? A 21 ? ? 
;chain 'A' and (resid 17 through 21 )
;
3 'X-RAY DIFFRACTION' 3 A ? A 22 ? A ? A 27 ? ? 
;chain 'A' and (resid 22 through 27 )
;
4 'X-RAY DIFFRACTION' 4 B ? B 12 ? B ? B 19 ? ? 
;chain 'B' and (resid 12 through 19 )
;
5 'X-RAY DIFFRACTION' 5 C ? C -5 ? C ? C 7  ? ? 
;chain 'C' and (resid -5 through 7 )
;
6 'X-RAY DIFFRACTION' 6 D ? D 7  ? D ? D 11 ? ? 
;chain 'D' and (resid 7 through 11 )
;
# 
loop_
_chem_comp_atom.comp_id 
_chem_comp_atom.atom_id 
_chem_comp_atom.type_symbol 
_chem_comp_atom.pdbx_aromatic_flag 
_chem_comp_atom.pdbx_stereo_config 
_chem_comp_atom.pdbx_ordinal 
DA OP3    O N N 1   
DA P      P N N 2   
DA OP1    O N N 3   
DA OP2    O N N 4   
DA "O5'"  O N N 5   
DA "C5'"  C N N 6   
DA "C4'"  C N R 7   
DA "O4'"  O N N 8   
DA "C3'"  C N S 9   
DA "O3'"  O N N 10  
DA "C2'"  C N N 11  
DA "C1'"  C N R 12  
DA N9     N Y N 13  
DA C8     C Y N 14  
DA N7     N Y N 15  
DA C5     C Y N 16  
DA C6     C Y N 17  
DA N6     N N N 18  
DA N1     N Y N 19  
DA C2     C Y N 20  
DA N3     N Y N 21  
DA C4     C Y N 22  
DA HOP3   H N N 23  
DA HOP2   H N N 24  
DA "H5'"  H N N 25  
DA "H5''" H N N 26  
DA "H4'"  H N N 27  
DA "H3'"  H N N 28  
DA "HO3'" H N N 29  
DA "H2'"  H N N 30  
DA "H2''" H N N 31  
DA "H1'"  H N N 32  
DA H8     H N N 33  
DA H61    H N N 34  
DA H62    H N N 35  
DA H2     H N N 36  
DC OP3    O N N 37  
DC P      P N N 38  
DC OP1    O N N 39  
DC OP2    O N N 40  
DC "O5'"  O N N 41  
DC "C5'"  C N N 42  
DC "C4'"  C N R 43  
DC "O4'"  O N N 44  
DC "C3'"  C N S 45  
DC "O3'"  O N N 46  
DC "C2'"  C N N 47  
DC "C1'"  C N R 48  
DC N1     N N N 49  
DC C2     C N N 50  
DC O2     O N N 51  
DC N3     N N N 52  
DC C4     C N N 53  
DC N4     N N N 54  
DC C5     C N N 55  
DC C6     C N N 56  
DC HOP3   H N N 57  
DC HOP2   H N N 58  
DC "H5'"  H N N 59  
DC "H5''" H N N 60  
DC "H4'"  H N N 61  
DC "H3'"  H N N 62  
DC "HO3'" H N N 63  
DC "H2'"  H N N 64  
DC "H2''" H N N 65  
DC "H1'"  H N N 66  
DC H41    H N N 67  
DC H42    H N N 68  
DC H5     H N N 69  
DC H6     H N N 70  
DG OP3    O N N 71  
DG P      P N N 72  
DG OP1    O N N 73  
DG OP2    O N N 74  
DG "O5'"  O N N 75  
DG "C5'"  C N N 76  
DG "C4'"  C N R 77  
DG "O4'"  O N N 78  
DG "C3'"  C N S 79  
DG "O3'"  O N N 80  
DG "C2'"  C N N 81  
DG "C1'"  C N R 82  
DG N9     N Y N 83  
DG C8     C Y N 84  
DG N7     N Y N 85  
DG C5     C Y N 86  
DG C6     C N N 87  
DG O6     O N N 88  
DG N1     N N N 89  
DG C2     C N N 90  
DG N2     N N N 91  
DG N3     N N N 92  
DG C4     C Y N 93  
DG HOP3   H N N 94  
DG HOP2   H N N 95  
DG "H5'"  H N N 96  
DG "H5''" H N N 97  
DG "H4'"  H N N 98  
DG "H3'"  H N N 99  
DG "HO3'" H N N 100 
DG "H2'"  H N N 101 
DG "H2''" H N N 102 
DG "H1'"  H N N 103 
DG H8     H N N 104 
DG H1     H N N 105 
DG H21    H N N 106 
DG H22    H N N 107 
DT OP3    O N N 108 
DT P      P N N 109 
DT OP1    O N N 110 
DT OP2    O N N 111 
DT "O5'"  O N N 112 
DT "C5'"  C N N 113 
DT "C4'"  C N R 114 
DT "O4'"  O N N 115 
DT "C3'"  C N S 116 
DT "O3'"  O N N 117 
DT "C2'"  C N N 118 
DT "C1'"  C N R 119 
DT N1     N N N 120 
DT C2     C N N 121 
DT O2     O N N 122 
DT N3     N N N 123 
DT C4     C N N 124 
DT O4     O N N 125 
DT C5     C N N 126 
DT C7     C N N 127 
DT C6     C N N 128 
DT HOP3   H N N 129 
DT HOP2   H N N 130 
DT "H5'"  H N N 131 
DT "H5''" H N N 132 
DT "H4'"  H N N 133 
DT "H3'"  H N N 134 
DT "HO3'" H N N 135 
DT "H2'"  H N N 136 
DT "H2''" H N N 137 
DT "H1'"  H N N 138 
DT H3     H N N 139 
DT H71    H N N 140 
DT H72    H N N 141 
DT H73    H N N 142 
DT H6     H N N 143 
# 
loop_
_chem_comp_bond.comp_id 
_chem_comp_bond.atom_id_1 
_chem_comp_bond.atom_id_2 
_chem_comp_bond.value_order 
_chem_comp_bond.pdbx_aromatic_flag 
_chem_comp_bond.pdbx_stereo_config 
_chem_comp_bond.pdbx_ordinal 
DA OP3   P      sing N N 1   
DA OP3   HOP3   sing N N 2   
DA P     OP1    doub N N 3   
DA P     OP2    sing N N 4   
DA P     "O5'"  sing N N 5   
DA OP2   HOP2   sing N N 6   
DA "O5'" "C5'"  sing N N 7   
DA "C5'" "C4'"  sing N N 8   
DA "C5'" "H5'"  sing N N 9   
DA "C5'" "H5''" sing N N 10  
DA "C4'" "O4'"  sing N N 11  
DA "C4'" "C3'"  sing N N 12  
DA "C4'" "H4'"  sing N N 13  
DA "O4'" "C1'"  sing N N 14  
DA "C3'" "O3'"  sing N N 15  
DA "C3'" "C2'"  sing N N 16  
DA "C3'" "H3'"  sing N N 17  
DA "O3'" "HO3'" sing N N 18  
DA "C2'" "C1'"  sing N N 19  
DA "C2'" "H2'"  sing N N 20  
DA "C2'" "H2''" sing N N 21  
DA "C1'" N9     sing N N 22  
DA "C1'" "H1'"  sing N N 23  
DA N9    C8     sing Y N 24  
DA N9    C4     sing Y N 25  
DA C8    N7     doub Y N 26  
DA C8    H8     sing N N 27  
DA N7    C5     sing Y N 28  
DA C5    C6     sing Y N 29  
DA C5    C4     doub Y N 30  
DA C6    N6     sing N N 31  
DA C6    N1     doub Y N 32  
DA N6    H61    sing N N 33  
DA N6    H62    sing N N 34  
DA N1    C2     sing Y N 35  
DA C2    N3     doub Y N 36  
DA C2    H2     sing N N 37  
DA N3    C4     sing Y N 38  
DC OP3   P      sing N N 39  
DC OP3   HOP3   sing N N 40  
DC P     OP1    doub N N 41  
DC P     OP2    sing N N 42  
DC P     "O5'"  sing N N 43  
DC OP2   HOP2   sing N N 44  
DC "O5'" "C5'"  sing N N 45  
DC "C5'" "C4'"  sing N N 46  
DC "C5'" "H5'"  sing N N 47  
DC "C5'" "H5''" sing N N 48  
DC "C4'" "O4'"  sing N N 49  
DC "C4'" "C3'"  sing N N 50  
DC "C4'" "H4'"  sing N N 51  
DC "O4'" "C1'"  sing N N 52  
DC "C3'" "O3'"  sing N N 53  
DC "C3'" "C2'"  sing N N 54  
DC "C3'" "H3'"  sing N N 55  
DC "O3'" "HO3'" sing N N 56  
DC "C2'" "C1'"  sing N N 57  
DC "C2'" "H2'"  sing N N 58  
DC "C2'" "H2''" sing N N 59  
DC "C1'" N1     sing N N 60  
DC "C1'" "H1'"  sing N N 61  
DC N1    C2     sing N N 62  
DC N1    C6     sing N N 63  
DC C2    O2     doub N N 64  
DC C2    N3     sing N N 65  
DC N3    C4     doub N N 66  
DC C4    N4     sing N N 67  
DC C4    C5     sing N N 68  
DC N4    H41    sing N N 69  
DC N4    H42    sing N N 70  
DC C5    C6     doub N N 71  
DC C5    H5     sing N N 72  
DC C6    H6     sing N N 73  
DG OP3   P      sing N N 74  
DG OP3   HOP3   sing N N 75  
DG P     OP1    doub N N 76  
DG P     OP2    sing N N 77  
DG P     "O5'"  sing N N 78  
DG OP2   HOP2   sing N N 79  
DG "O5'" "C5'"  sing N N 80  
DG "C5'" "C4'"  sing N N 81  
DG "C5'" "H5'"  sing N N 82  
DG "C5'" "H5''" sing N N 83  
DG "C4'" "O4'"  sing N N 84  
DG "C4'" "C3'"  sing N N 85  
DG "C4'" "H4'"  sing N N 86  
DG "O4'" "C1'"  sing N N 87  
DG "C3'" "O3'"  sing N N 88  
DG "C3'" "C2'"  sing N N 89  
DG "C3'" "H3'"  sing N N 90  
DG "O3'" "HO3'" sing N N 91  
DG "C2'" "C1'"  sing N N 92  
DG "C2'" "H2'"  sing N N 93  
DG "C2'" "H2''" sing N N 94  
DG "C1'" N9     sing N N 95  
DG "C1'" "H1'"  sing N N 96  
DG N9    C8     sing Y N 97  
DG N9    C4     sing Y N 98  
DG C8    N7     doub Y N 99  
DG C8    H8     sing N N 100 
DG N7    C5     sing Y N 101 
DG C5    C6     sing N N 102 
DG C5    C4     doub Y N 103 
DG C6    O6     doub N N 104 
DG C6    N1     sing N N 105 
DG N1    C2     sing N N 106 
DG N1    H1     sing N N 107 
DG C2    N2     sing N N 108 
DG C2    N3     doub N N 109 
DG N2    H21    sing N N 110 
DG N2    H22    sing N N 111 
DG N3    C4     sing N N 112 
DT OP3   P      sing N N 113 
DT OP3   HOP3   sing N N 114 
DT P     OP1    doub N N 115 
DT P     OP2    sing N N 116 
DT P     "O5'"  sing N N 117 
DT OP2   HOP2   sing N N 118 
DT "O5'" "C5'"  sing N N 119 
DT "C5'" "C4'"  sing N N 120 
DT "C5'" "H5'"  sing N N 121 
DT "C5'" "H5''" sing N N 122 
DT "C4'" "O4'"  sing N N 123 
DT "C4'" "C3'"  sing N N 124 
DT "C4'" "H4'"  sing N N 125 
DT "O4'" "C1'"  sing N N 126 
DT "C3'" "O3'"  sing N N 127 
DT "C3'" "C2'"  sing N N 128 
DT "C3'" "H3'"  sing N N 129 
DT "O3'" "HO3'" sing N N 130 
DT "C2'" "C1'"  sing N N 131 
DT "C2'" "H2'"  sing N N 132 
DT "C2'" "H2''" sing N N 133 
DT "C1'" N1     sing N N 134 
DT "C1'" "H1'"  sing N N 135 
DT N1    C2     sing N N 136 
DT N1    C6     sing N N 137 
DT C2    O2     doub N N 138 
DT C2    N3     sing N N 139 
DT N3    C4     sing N N 140 
DT N3    H3     sing N N 141 
DT C4    O4     doub N N 142 
DT C4    C5     sing N N 143 
DT C5    C7     sing N N 144 
DT C5    C6     doub N N 145 
DT C7    H71    sing N N 146 
DT C7    H72    sing N N 147 
DT C7    H73    sing N N 148 
DT C6    H6     sing N N 149 
# 
loop_
_ndb_struct_conf_na.entry_id 
_ndb_struct_conf_na.feature 
9NKT 'double helix'        
9NKT 'b-form double helix' 
# 
loop_
_ndb_struct_na_base_pair.model_number 
_ndb_struct_na_base_pair.i_label_asym_id 
_ndb_struct_na_base_pair.i_label_comp_id 
_ndb_struct_na_base_pair.i_label_seq_id 
_ndb_struct_na_base_pair.i_symmetry 
_ndb_struct_na_base_pair.j_label_asym_id 
_ndb_struct_na_base_pair.j_label_comp_id 
_ndb_struct_na_base_pair.j_label_seq_id 
_ndb_struct_na_base_pair.j_symmetry 
_ndb_struct_na_base_pair.shear 
_ndb_struct_na_base_pair.stretch 
_ndb_struct_na_base_pair.stagger 
_ndb_struct_na_base_pair.buckle 
_ndb_struct_na_base_pair.propeller 
_ndb_struct_na_base_pair.opening 
_ndb_struct_na_base_pair.pair_number 
_ndb_struct_na_base_pair.pair_name 
_ndb_struct_na_base_pair.i_auth_asym_id 
_ndb_struct_na_base_pair.i_auth_seq_id 
_ndb_struct_na_base_pair.i_PDB_ins_code 
_ndb_struct_na_base_pair.j_auth_asym_id 
_ndb_struct_na_base_pair.j_auth_seq_id 
_ndb_struct_na_base_pair.j_PDB_ins_code 
_ndb_struct_na_base_pair.hbond_type_28 
_ndb_struct_na_base_pair.hbond_type_12 
1 A DA 1  1_555 B DT 8  1_555 0.220  -0.069 0.678  0.267   -14.948 -15.147 1  A_DA12:DT19_B A 12 ? B 19 ? 20 1 
1 A DC 2  1_555 B DG 7  1_555 0.039  -0.183 0.552  -6.703  -13.055 -5.509  2  A_DC13:DG18_B A 13 ? B 18 ? 19 1 
1 A DG 3  1_555 B DC 6  1_555 -0.249 -0.154 -0.401 -13.163 -2.758  1.654   3  A_DG14:DC17_B A 14 ? B 17 ? 19 1 
1 A DG 4  1_555 B DC 5  1_555 -0.198 -0.166 -0.382 -4.658  -3.927  -0.733  4  A_DG15:DC16_B A 15 ? B 16 ? 19 1 
1 A DA 5  1_555 C DT 13 1_555 0.218  0.049  0.047  1.276   -9.282  -14.096 5  A_DA16:DT7_C  A 16 ? C 7  ? 20 1 
1 A DC 6  1_555 C DG 12 1_555 0.118  -0.187 0.499  -2.368  -10.004 -4.126  6  A_DC17:DG6_C  A 17 ? C 6  ? 19 1 
1 A DA 7  1_555 C DT 11 1_555 0.097  0.045  -0.122 -11.159 -11.580 -9.351  7  A_DA18:DT5_C  A 18 ? C 5  ? 20 1 
1 A DG 8  1_555 C DC 10 1_555 -0.118 -0.371 -1.317 -11.592 -2.542  -2.463  8  A_DG19:DC4_C  A 19 ? C 4  ? 19 1 
1 A DC 9  1_555 C DG 9  1_555 0.171  -0.133 -0.412 -2.593  5.213   -2.845  9  A_DC20:DG3_C  A 20 ? C 3  ? 19 1 
1 A DA 10 1_555 C DT 8  1_555 0.159  -0.018 0.143  -2.799  -14.999 -5.359  10 A_DA21:DT2_C  A 21 ? C 2  ? 20 1 
1 A DC 11 1_555 C DG 7  1_555 0.127  -0.125 0.295  -10.981 -13.018 -2.822  11 A_DC22:DG1_C  A 22 ? C 1  ? 19 1 
1 A DG 12 1_555 C DC 6  1_555 0.417  0.733  0.494  -14.840 -3.614  2.673   12 A_DG23:DC0_C  A 23 ? C 0  ? ?  1 
1 A DT 13 1_555 C DA 5  1_555 -0.073 -0.073 0.284  -3.990  -2.403  0.836   13 A_DT24:DA-1_C A 24 ? C -1 ? 20 1 
1 A DG 14 1_555 C DC 4  1_555 -0.171 -0.139 0.542  0.169   -5.219  -3.076  14 A_DG25:DC-2_C A 25 ? C -2 ? 19 1 
1 A DA 16 1_555 C DT 2  1_555 0.218  -0.091 -0.886 -9.082  -11.465 -6.839  15 A_DA27:DT-4_C A 27 ? C -4 ? 20 1 
1 B DC 1  1_555 D DG 5  1_555 0.181  -0.192 0.408  -1.035  -6.925  -2.980  16 B_DC12:DG11_D B 12 ? D 11 ? 19 1 
1 B DA 2  1_555 D DT 4  1_555 0.247  0.093  -0.282 -9.274  0.984   -13.816 17 B_DA13:DT10_D B 13 ? D 10 ? 20 1 
1 B DC 3  1_555 D DG 3  1_555 0.209  -0.142 -0.145 -1.059  3.645   -0.782  18 B_DC14:DG9_D  B 14 ? D 9  ? 19 1 
1 B DA 4  1_555 D DT 2  1_555 0.145  -0.043 -0.027 1.343   1.044   -1.157  19 B_DA15:DT8_D  B 15 ? D 8  ? 20 1 
# 
loop_
_ndb_struct_na_base_pair_step.model_number 
_ndb_struct_na_base_pair_step.i_label_asym_id_1 
_ndb_struct_na_base_pair_step.i_label_comp_id_1 
_ndb_struct_na_base_pair_step.i_label_seq_id_1 
_ndb_struct_na_base_pair_step.i_symmetry_1 
_ndb_struct_na_base_pair_step.j_label_asym_id_1 
_ndb_struct_na_base_pair_step.j_label_comp_id_1 
_ndb_struct_na_base_pair_step.j_label_seq_id_1 
_ndb_struct_na_base_pair_step.j_symmetry_1 
_ndb_struct_na_base_pair_step.i_label_asym_id_2 
_ndb_struct_na_base_pair_step.i_label_comp_id_2 
_ndb_struct_na_base_pair_step.i_label_seq_id_2 
_ndb_struct_na_base_pair_step.i_symmetry_2 
_ndb_struct_na_base_pair_step.j_label_asym_id_2 
_ndb_struct_na_base_pair_step.j_label_comp_id_2 
_ndb_struct_na_base_pair_step.j_label_seq_id_2 
_ndb_struct_na_base_pair_step.j_symmetry_2 
_ndb_struct_na_base_pair_step.shift 
_ndb_struct_na_base_pair_step.slide 
_ndb_struct_na_base_pair_step.rise 
_ndb_struct_na_base_pair_step.tilt 
_ndb_struct_na_base_pair_step.roll 
_ndb_struct_na_base_pair_step.twist 
_ndb_struct_na_base_pair_step.x_displacement 
_ndb_struct_na_base_pair_step.y_displacement 
_ndb_struct_na_base_pair_step.helical_rise 
_ndb_struct_na_base_pair_step.inclination 
_ndb_struct_na_base_pair_step.tip 
_ndb_struct_na_base_pair_step.helical_twist 
_ndb_struct_na_base_pair_step.step_number 
_ndb_struct_na_base_pair_step.step_name 
_ndb_struct_na_base_pair_step.i_auth_asym_id_1 
_ndb_struct_na_base_pair_step.i_auth_seq_id_1 
_ndb_struct_na_base_pair_step.i_PDB_ins_code_1 
_ndb_struct_na_base_pair_step.j_auth_asym_id_1 
_ndb_struct_na_base_pair_step.j_auth_seq_id_1 
_ndb_struct_na_base_pair_step.j_PDB_ins_code_1 
_ndb_struct_na_base_pair_step.i_auth_asym_id_2 
_ndb_struct_na_base_pair_step.i_auth_seq_id_2 
_ndb_struct_na_base_pair_step.i_PDB_ins_code_2 
_ndb_struct_na_base_pair_step.j_auth_asym_id_2 
_ndb_struct_na_base_pair_step.j_auth_seq_id_2 
_ndb_struct_na_base_pair_step.j_PDB_ins_code_2 
1 A DA 1  1_555 B DT 8  1_555 A DC 2  1_555 B DG 7  1_555 1.356  -0.434 3.667 -3.474 -4.720  32.311 0.131  -3.061 3.533 -8.396  
6.179  32.824 1  AA_DA12DC13:DG18DT19_BB A 12 ? B 19 ? A 13 ? B 18 ? 
1 A DC 2  1_555 B DG 7  1_555 A DG 3  1_555 B DC 6  1_555 0.503  -0.215 3.795 2.301  -10.117 36.676 1.181  -0.427 3.745 -15.696 
-3.570 38.067 2  AA_DC13DG14:DC17DG18_BB A 13 ? B 18 ? A 14 ? B 17 ? 
1 A DG 3  1_555 B DC 6  1_555 A DG 4  1_555 B DC 5  1_555 -1.091 1.299  3.090 -8.836 6.375   38.931 1.155  0.573  3.411 9.345   
12.951 40.370 3  AA_DG14DG15:DC16DC17_BB A 14 ? B 17 ? A 15 ? B 16 ? 
1 A DG 4  1_555 B DC 5  1_555 A DA 5  1_555 C DT 13 1_555 -1.307 -0.323 2.913 -7.666 5.811   37.830 -1.133 1.103  3.031 8.790   
11.597 38.991 4  AA_DG15DA16:DT7DC16_CB  A 15 ? B 16 ? A 16 ? C 7  ? 
1 A DA 5  1_555 C DT 13 1_555 A DC 6  1_555 C DG 12 1_555 0.480  -0.515 3.161 -2.850 -3.245  33.000 -0.376 -1.299 3.144 -5.683  
4.990  33.273 5  AA_DA16DC17:DG6DT7_CC   A 16 ? C 7  ? A 17 ? C 6  ? 
1 A DC 6  1_555 C DG 12 1_555 A DA 7  1_555 C DT 11 1_555 -0.848 -0.315 3.504 -3.622 -1.596  37.780 -0.263 0.802  3.577 -2.456  
5.575  37.980 6  AA_DC17DA18:DT5DG6_CC   A 17 ? C 6  ? A 18 ? C 5  ? 
1 A DA 7  1_555 C DT 11 1_555 A DG 8  1_555 C DC 10 1_555 -0.420 -0.826 3.957 -0.826 -1.213  31.450 -1.248 0.587  3.994 -2.236  
1.523  31.484 7  AA_DA18DG19:DC4DT5_CC   A 18 ? C 5  ? A 19 ? C 4  ? 
1 A DG 8  1_555 C DC 10 1_555 A DC 9  1_555 C DG 9  1_555 -0.468 -0.585 3.409 -3.376 1.515   34.873 -1.208 0.248  3.410 2.519   
5.614  35.063 8  AA_DG19DC20:DG3DC4_CC   A 19 ? C 4  ? A 20 ? C 3  ? 
1 A DC 9  1_555 C DG 9  1_555 A DA 10 1_555 C DT 8  1_555 0.621  -0.498 2.978 -3.261 12.819  32.699 -2.497 -1.452 2.540 21.696  
5.520  35.206 9  AA_DC20DA21:DT2DG3_CC   A 20 ? C 3  ? A 21 ? C 2  ? 
1 A DA 10 1_555 C DT 8  1_555 A DC 11 1_555 C DG 7  1_555 -0.624 -0.120 3.209 -3.738 -5.606  36.836 0.546  0.484  3.238 -8.781  
5.855  37.426 10 AA_DA21DC22:DG1DT2_CC   A 21 ? C 2  ? A 22 ? C 1  ? 
1 A DC 11 1_555 C DG 7  1_555 A DG 12 1_555 C DC 6  1_555 0.324  -0.651 2.941 -0.686 2.564   32.897 -1.534 -0.675 2.876 4.518   
1.209  33.001 11 AA_DC22DG23:DC0DG1_CC   A 22 ? C 1  ? A 23 ? C 0  ? 
1 A DG 12 1_555 C DC 6  1_555 A DT 13 1_555 C DA 5  1_555 0.096  0.747  3.221 -4.567 2.803   26.650 0.888  -1.345 3.220 6.005   
9.782  27.173 12 AA_DG23DT24:DA-1DC0_CC  A 23 ? C 0  ? A 24 ? C -1 ? 
1 A DT 13 1_555 C DA 5  1_555 A DG 14 1_555 C DC 4  1_555 1.166  1.026  3.195 -4.529 7.766   35.669 0.580  -2.460 3.175 12.437  
7.252  36.749 13 AA_DT24DG25:DC-2DA-1_CC A 24 ? C -1 ? A 25 ? C -2 ? 
1 A DG 14 1_555 C DC 4  1_555 A DA 16 1_555 C DT 2  1_555 -1.524 0.938  6.786 9.525  -3.320  69.448 1.058  2.018  6.512 -2.898  
-8.317 70.086 14 AA_DG25DA27:DT-4DC-2_CC A 25 ? C -2 ? A 27 ? C -4 ? 
1 B DC 1  1_555 D DG 5  1_555 B DA 2  1_555 D DT 4  1_555 -1.592 -0.781 3.212 0.892  0.440   37.831 -1.259 2.566  3.166 0.678   
-1.376 37.843 15 BB_DC12DA13:DT10DG11_DD B 12 ? D 11 ? B 13 ? D 10 ? 
1 B DA 2  1_555 D DT 4  1_555 B DC 3  1_555 D DG 3  1_555 1.312  -0.592 3.198 -2.896 4.696   23.595 -2.805 -3.986 2.849 11.287  
6.961  24.223 16 BB_DA13DC14:DG9DT10_DD  B 13 ? D 10 ? B 14 ? D 9  ? 
1 B DC 3  1_555 D DG 3  1_555 B DA 4  1_555 D DT 2  1_555 0.366  0.314  3.347 -3.217 1.168   39.605 0.324  -0.920 3.316 1.719   
4.737  39.747 17 BB_DC14DA15:DT8DG9_DD   B 14 ? D 9  ? B 15 ? D 8  ? 
# 
loop_
_pdbx_audit_support.funding_organization 
_pdbx_audit_support.country 
_pdbx_audit_support.grant_number 
_pdbx_audit_support.ordinal 
'Office of Naval Research (ONR)'                   'United States' N000141912596 1 
'Department of Energy (DOE, United States)'        'United States' DE-SC0007991  2 
'National Science Foundation (NSF, United States)' 'United States' CCF-2106790   3 
'National Science Foundation (NSF, United States)' 'United States' GCR-2317843   4 
# 
_pdbx_initial_refinement_model.id               1 
_pdbx_initial_refinement_model.entity_id_list   ? 
_pdbx_initial_refinement_model.type             'experimental model' 
_pdbx_initial_refinement_model.source_name      PDB 
_pdbx_initial_refinement_model.accession_code   8D93 
_pdbx_initial_refinement_model.details          'tensegrity triangle' 
# 
_space_group.name_H-M_alt     'R 3 :H' 
_space_group.name_Hall        'R 3' 
_space_group.IT_number        146 
_space_group.crystal_system   trigonal 
_space_group.id               1 
# 
_atom_sites.entry_id                    9NKT 
_atom_sites.Cartn_transf_matrix[1][1]   ? 
_atom_sites.Cartn_transf_matrix[1][2]   ? 
_atom_sites.Cartn_transf_matrix[1][3]   ? 
_atom_sites.Cartn_transf_matrix[2][1]   ? 
_atom_sites.Cartn_transf_matrix[2][2]   ? 
_atom_sites.Cartn_transf_matrix[2][3]   ? 
_atom_sites.Cartn_transf_matrix[3][1]   ? 
_atom_sites.Cartn_transf_matrix[3][2]   ? 
_atom_sites.Cartn_transf_matrix[3][3]   ? 
_atom_sites.Cartn_transf_vector[1]      ? 
_atom_sites.Cartn_transf_vector[2]      ? 
_atom_sites.Cartn_transf_vector[3]      ? 
_atom_sites.Cartn_transform_axes        ? 
_atom_sites.fract_transf_matrix[1][1]   0.00679125 
_atom_sites.fract_transf_matrix[1][2]   0.00073073 
_atom_sites.fract_transf_matrix[1][3]   -0.00743723 
_atom_sites.fract_transf_matrix[2][1]   0.00270744 
_atom_sites.fract_transf_matrix[2][2]   -0.00822730 
_atom_sites.fract_transf_matrix[2][3]   -0.00519143 
_atom_sites.fract_transf_matrix[3][1]   -0.01068915 
_atom_sites.fract_transf_matrix[3][2]   0.00248722 
_atom_sites.fract_transf_matrix[3][3]   -0.00951633 
_atom_sites.fract_transf_vector[1]      0.559210 
_atom_sites.fract_transf_vector[2]      0.440090 
_atom_sites.fract_transf_vector[3]      0.146857 
_atom_sites.solution_primary            ? 
_atom_sites.solution_secondary          ? 
_atom_sites.solution_hydrogens          ? 
_atom_sites.special_details             ? 
# 
loop_
_atom_type.symbol 
_atom_type.scat_dispersion_real 
_atom_type.scat_dispersion_imag 
_atom_type.scat_Cromer_Mann_a1 
_atom_type.scat_Cromer_Mann_a2 
_atom_type.scat_Cromer_Mann_a3 
_atom_type.scat_Cromer_Mann_a4 
_atom_type.scat_Cromer_Mann_b1 
_atom_type.scat_Cromer_Mann_b2 
_atom_type.scat_Cromer_Mann_b3 
_atom_type.scat_Cromer_Mann_b4 
_atom_type.scat_Cromer_Mann_c 
_atom_type.scat_source 
_atom_type.scat_dispersion_source 
C ? ? 5.96793  ? ? ? 14.89577 ? ? ? 0.0 
;1-Gaussian fit: Grosse-Kunstleve RW, Sauter NK, Adams PD: Newsletter of the IUCr Commission on Crystallographic Computing 2004, 3, 22-31.
;
? 
N ? ? 6.96715  ? ? ? 11.43723 ? ? ? 0.0 
;1-Gaussian fit: Grosse-Kunstleve RW, Sauter NK, Adams PD: Newsletter of the IUCr Commission on Crystallographic Computing 2004, 3, 22-31.
;
? 
O ? ? 7.96527  ? ? ? 9.05267  ? ? ? 0.0 
;1-Gaussian fit: Grosse-Kunstleve RW, Sauter NK, Adams PD: Newsletter of the IUCr Commission on Crystallographic Computing 2004, 3, 22-31.
;
? 
P ? ? 14.90797 ? ? ? 11.91318 ? ? ? 0.0 
;1-Gaussian fit: Grosse-Kunstleve RW, Sauter NK, Adams PD: Newsletter of the IUCr Commission on Crystallographic Computing 2004, 3, 22-31.
;
? 
# 
loop_
_atom_site.group_PDB 
_atom_site.id 
_atom_site.type_symbol 
_atom_site.label_atom_id 
_atom_site.label_alt_id 
_atom_site.label_comp_id 
_atom_site.label_asym_id 
_atom_site.label_entity_id 
_atom_site.label_seq_id 
_atom_site.pdbx_PDB_ins_code 
_atom_site.Cartn_x 
_atom_site.Cartn_y 
_atom_site.Cartn_z 
_atom_site.occupancy 
_atom_site.B_iso_or_equiv 
_atom_site.pdbx_formal_charge 
_atom_site.auth_seq_id 
_atom_site.auth_comp_id 
_atom_site.auth_asym_id 
_atom_site.auth_atom_id 
_atom_site.pdbx_PDB_model_num 
ATOM 1   P P     . DA A 1 1  ? -0.92401  5.51947   24.10829  1.000 715.68306 ? 12 DA A P     1 
ATOM 2   O OP1   . DA A 1 1  ? -1.74377  6.27400   25.08797  1.000 717.45694 ? 12 DA A OP1   1 
ATOM 3   O OP2   . DA A 1 1  ? -0.63854  6.09390   22.77417  1.000 715.24045 ? 12 DA A OP2   1 
ATOM 4   O "O5'" . DA A 1 1  ? 0.47028   5.06174   24.75590  1.000 717.08383 ? 12 DA A "O5'" 1 
ATOM 5   C "C5'" . DA A 1 1  ? 0.59686   3.75766   25.32405  1.000 715.64348 ? 12 DA A "C5'" 1 
ATOM 6   C "C4'" . DA A 1 1  ? 1.42078   2.85244   24.42488  1.000 713.46565 ? 12 DA A "C4'" 1 
ATOM 7   O "O4'" . DA A 1 1  ? 0.66544   1.64230   24.14737  1.000 709.67665 ? 12 DA A "O4'" 1 
ATOM 8   C "C3'" . DA A 1 1  ? 1.78701   3.46115   23.06358  1.000 713.05162 ? 12 DA A "C3'" 1 
ATOM 9   O "O3'" . DA A 1 1  ? 3.18508   3.31900   22.79875  1.000 714.05857 ? 12 DA A "O3'" 1 
ATOM 10  C "C2'" . DA A 1 1  ? 0.94449   2.66379   22.07260  1.000 708.67398 ? 12 DA A "C2'" 1 
ATOM 11  C "C1'" . DA A 1 1  ? 0.77148   1.32600   22.78335  1.000 706.60306 ? 12 DA A "C1'" 1 
ATOM 12  N N9    . DA A 1 1  ? -0.44303  0.61558   22.37813  1.000 702.61305 ? 12 DA A N9    1 
ATOM 13  C C8    . DA A 1 1  ? -1.68042  1.16187   22.23202  1.000 702.31143 ? 12 DA A C8    1 
ATOM 14  N N7    . DA A 1 1  ? -2.59925  0.30727   21.86060  1.000 698.26966 ? 12 DA A N7    1 
ATOM 15  C C5    . DA A 1 1  ? -1.92046  -0.88924  21.74427  1.000 695.38944 ? 12 DA A C5    1 
ATOM 16  C C6    . DA A 1 1  ? -2.34213  -2.18162  21.37868  1.000 685.88322 ? 12 DA A C6    1 
ATOM 17  N N6    . DA A 1 1  ? -3.60560  -2.46539  21.05296  1.000 678.36378 ? 12 DA A N6    1 
ATOM 18  N N1    . DA A 1 1  ? -1.42049  -3.16616  21.35350  1.000 683.56885 ? 12 DA A N1    1 
ATOM 19  C C2    . DA A 1 1  ? -0.15290  -2.87099  21.68638  1.000 691.55125 ? 12 DA A C2    1 
ATOM 20  N N3    . DA A 1 1  ? 0.36513   -1.68701  22.04623  1.000 696.64444 ? 12 DA A N3    1 
ATOM 21  C C4    . DA A 1 1  ? -0.58210  -0.72979  22.05725  1.000 698.16217 ? 12 DA A C4    1 
ATOM 22  P P     . DC A 1 2  ? 3.86870   4.08702   21.55724  1.000 714.83167 ? 13 DC A P     1 
ATOM 23  O OP1   . DC A 1 2  ? 5.33101   3.92824   21.72212  1.000 716.72827 ? 13 DC A OP1   1 
ATOM 24  O OP2   . DC A 1 2  ? 3.27552   5.44233   21.46861  1.000 716.78874 ? 13 DC A OP2   1 
ATOM 25  O "O5'" . DC A 1 2  ? 3.39476   3.26950   20.25736  1.000 710.38219 ? 13 DC A "O5'" 1 
ATOM 26  C "C5'" . DC A 1 2  ? 4.26153   2.31665   19.63963  1.000 708.37063 ? 13 DC A "C5'" 1 
ATOM 27  C "C4'" . DC A 1 2  ? 4.08186   0.94248   20.26100  1.000 705.61025 ? 13 DC A "C4'" 1 
ATOM 28  O "O4'" . DC A 1 2  ? 2.66897   0.66949   20.44795  1.000 703.04851 ? 13 DC A "O4'" 1 
ATOM 29  C "C3'" . DC A 1 2  ? 4.60078   -0.22508  19.43484  1.000 701.80911 ? 13 DC A "C3'" 1 
ATOM 30  O "O3'" . DC A 1 2  ? 4.98505   -1.27750  20.32443  1.000 701.21842 ? 13 DC A "O3'" 1 
ATOM 31  C "C2'" . DC A 1 2  ? 3.36129   -0.59933  18.62207  1.000 696.97190 ? 13 DC A "C2'" 1 
ATOM 32  C "C1'" . DC A 1 2  ? 2.29811   -0.46976  19.69305  1.000 697.78056 ? 13 DC A "C1'" 1 
ATOM 33  N N1    . DC A 1 2  ? 0.87664   -0.27118  19.22225  1.000 695.14273 ? 13 DC A N1    1 
ATOM 34  C C2    . DC A 1 2  ? 0.10165   -1.35321  18.75815  1.000 689.55065 ? 13 DC A C2    1 
ATOM 35  O O2    . DC A 1 2  ? 0.59875   -2.48155  18.66618  1.000 686.44325 ? 13 DC A O2    1 
ATOM 36  N N3    . DC A 1 2  ? -1.18649  -1.11781  18.39390  1.000 687.51817 ? 13 DC A N3    1 
ATOM 37  C C4    . DC A 1 2  ? -1.70350  0.10448   18.50032  1.000 690.94771 ? 13 DC A C4    1 
ATOM 38  N N4    . DC A 1 2  ? -2.97343  0.28358   18.13065  1.000 688.81991 ? 13 DC A N4    1 
ATOM 39  C C5    . DC A 1 2  ? -0.94377  1.19905   18.98537  1.000 696.36243 ? 13 DC A C5    1 
ATOM 40  C C6    . DC A 1 2  ? 0.32134   0.96744   19.33154  1.000 698.18298 ? 13 DC A C6    1 
ATOM 41  P P     . DG A 1 3  ? 6.10951   -2.34977  19.90809  1.000 699.38405 ? 14 DG A P     1 
ATOM 42  O OP1   . DG A 1 3  ? 6.29746   -3.27093  21.05338  1.000 699.32678 ? 14 DG A OP1   1 
ATOM 43  O OP2   . DG A 1 3  ? 7.28179   -1.63733  19.35555  1.000 702.63596 ? 14 DG A OP2   1 
ATOM 44  O "O5'" . DG A 1 3  ? 5.41361   -3.17894  18.73680  1.000 693.16280 ? 14 DG A "O5'" 1 
ATOM 45  C "C5'" . DG A 1 3  ? 4.30473   -4.00526  19.04375  1.000 688.98566 ? 14 DG A "C5'" 1 
ATOM 46  C "C4'" . DG A 1 3  ? 3.73337   -4.65465  17.79773  1.000 682.76235 ? 14 DG A "C4'" 1 
ATOM 47  O "O4'" . DG A 1 3  ? 2.49810   -3.99640  17.41315  1.000 681.66493 ? 14 DG A "O4'" 1 
ATOM 48  C "C3'" . DG A 1 3  ? 4.62567   -4.61502  16.55734  1.000 681.96405 ? 14 DG A "C3'" 1 
ATOM 49  O "O3'" . DG A 1 3  ? 4.47217   -5.83048  15.85818  1.000 675.65049 ? 14 DG A "O3'" 1 
ATOM 50  C "C2'" . DG A 1 3  ? 4.02678   -3.45378  15.76403  1.000 682.95927 ? 14 DG A "C2'" 1 
ATOM 51  C "C1'" . DG A 1 3  ? 2.55648   -3.69960  16.03737  1.000 679.59695 ? 14 DG A "C1'" 1 
ATOM 52  N N9    . DG A 1 3  ? 1.67213   -2.56830  15.77406  1.000 681.23050 ? 14 DG A N9    1 
ATOM 53  C C8    . DG A 1 3  ? 1.93930   -1.23899  15.95192  1.000 686.69992 ? 14 DG A C8    1 
ATOM 54  N N7    . DG A 1 3  ? 0.93554   -0.46157  15.66167  1.000 686.82058 ? 14 DG A N7    1 
ATOM 55  C C5    . DG A 1 3  ? -0.05945  -1.33437  15.25830  1.000 681.16967 ? 14 DG A C5    1 
ATOM 56  C C6    . DG A 1 3  ? -1.37651  -1.07810  14.81592  1.000 678.80496 ? 14 DG A C6    1 
ATOM 57  O O6    . DG A 1 3  ? -1.94202  0.01883   14.68900  1.000 681.44983 ? 14 DG A O6    1 
ATOM 58  N N1    . DG A 1 3  ? -2.05173  -2.25373  14.50436  1.000 669.60089 ? 14 DG A N1    1 
ATOM 59  C C2    . DG A 1 3  ? -1.51883  -3.51852  14.60814  1.000 664.77159 ? 14 DG A C2    1 
ATOM 60  N N2    . DG A 1 3  ? -2.31728  -4.53707  14.26520  1.000 655.32887 ? 14 DG A N2    1 
ATOM 61  N N3    . DG A 1 3  ? -0.28851  -3.76879  15.01728  1.000 669.12572 ? 14 DG A N3    1 
ATOM 62  C C4    . DG A 1 3  ? 0.37816   -2.63873  15.32728  1.000 677.49325 ? 14 DG A C4    1 
ATOM 63  P P     . DG A 1 4  ? 5.71853   -6.52579  15.12181  1.000 674.43680 ? 15 DG A P     1 
ATOM 64  O OP1   . DG A 1 4  ? 6.42127   -7.35664  16.12156  1.000 675.36499 ? 15 DG A OP1   1 
ATOM 65  O OP2   . DG A 1 4  ? 6.46304   -5.51071  14.34564  1.000 678.42095 ? 15 DG A OP2   1 
ATOM 66  O "O5'" . DG A 1 4  ? 5.02241   -7.54107  14.11244  1.000 666.53804 ? 15 DG A "O5'" 1 
ATOM 67  C "C5'" . DG A 1 4  ? 4.30768   -8.64645  14.63729  1.000 661.42176 ? 15 DG A "C5'" 1 
ATOM 68  C "C4'" . DG A 1 4  ? 3.26010   -9.12958  13.66106  1.000 652.45760 ? 15 DG A "C4'" 1 
ATOM 69  O "O4'" . DG A 1 4  ? 2.19439   -8.15444  13.57800  1.000 652.91994 ? 15 DG A "O4'" 1 
ATOM 70  C "C3'" . DG A 1 4  ? 3.76505   -9.33977  12.24326  1.000 651.83361 ? 15 DG A "C3'" 1 
ATOM 71  O "O3'" . DG A 1 4  ? 3.16316   -10.48328 11.67387  1.000 642.33801 ? 15 DG A "O3'" 1 
ATOM 72  C "C2'" . DG A 1 4  ? 3.35355   -8.06272  11.51797  1.000 654.42842 ? 15 DG A "C2'" 1 
ATOM 73  C "C1'" . DG A 1 4  ? 2.10909   -7.62010  12.27351  1.000 653.74178 ? 15 DG A "C1'" 1 
ATOM 74  N N9    . DG A 1 4  ? 2.01229   -6.17589  12.38386  1.000 660.64967 ? 15 DG A N9    1 
ATOM 75  C C8    . DG A 1 4  ? 2.96606   -5.32620  12.88251  1.000 667.30869 ? 15 DG A C8    1 
ATOM 76  N N7    . DG A 1 4  ? 2.61301   -4.07541  12.85313  1.000 671.19574 ? 15 DG A N7    1 
ATOM 77  C C5    . DG A 1 4  ? 1.33950   -4.09679  12.30240  1.000 667.08118 ? 15 DG A C5    1 
ATOM 78  C C6    . DG A 1 4  ? 0.45589   -3.03300  12.02707  1.000 668.67435 ? 15 DG A C6    1 
ATOM 79  O O6    . DG A 1 4  ? 0.62650   -1.82411  12.22668  1.000 673.97840 ? 15 DG A O6    1 
ATOM 80  N N1    . DG A 1 4  ? -0.73643  -3.48933  11.46373  1.000 663.20516 ? 15 DG A N1    1 
ATOM 81  C C2    . DG A 1 4  ? -1.02994  -4.80742  11.20188  1.000 654.50753 ? 15 DG A C2    1 
ATOM 82  N N2    . DG A 1 4  ? -2.23367  -5.05492  10.65148  1.000 647.81504 ? 15 DG A N2    1 
ATOM 83  N N3    . DG A 1 4  ? -0.20250  -5.81429  11.45588  1.000 652.71494 ? 15 DG A N3    1 
ATOM 84  C C4    . DG A 1 4  ? 0.96045   -5.38210  12.00578  1.000 660.58386 ? 15 DG A C4    1 
ATOM 85  P P     . DA A 1 5  ? 3.69736   -11.04898 10.26775  1.000 640.25338 ? 16 DA A P     1 
ATOM 86  O OP1   . DA A 1 5  ? 3.92145   -12.50584 10.42280  1.000 634.06354 ? 16 DA A OP1   1 
ATOM 87  O OP2   . DA A 1 5  ? 4.82923   -10.18908 9.83966   1.000 646.19673 ? 16 DA A OP2   1 
ATOM 88  O "O5'" . DA A 1 5  ? 2.46950   -10.79529 9.26749   1.000 635.78457 ? 16 DA A "O5'" 1 
ATOM 89  C "C5'" . DA A 1 5  ? 1.15547   -11.18818 9.64400   1.000 628.28685 ? 16 DA A "C5'" 1 
ATOM 90  C "C4'" . DA A 1 5  ? 0.12525   -10.72030 8.62708   1.000 625.91585 ? 16 DA A "C4'" 1 
ATOM 91  O "O4'" . DA A 1 5  ? -0.26932  -9.35330  8.91315   1.000 631.50560 ? 16 DA A "O4'" 1 
ATOM 92  C "C3'" . DA A 1 5  ? 0.58539   -10.76097 7.17649   1.000 627.17369 ? 16 DA A "C3'" 1 
ATOM 93  O "O3'" . DA A 1 5  ? -0.37757  -11.42980 6.37808   1.000 619.82106 ? 16 DA A "O3'" 1 
ATOM 94  C "C2'" . DA A 1 5  ? 0.72985   -9.29305  6.78036   1.000 633.34576 ? 16 DA A "C2'" 1 
ATOM 95  C "C1'" . DA A 1 5  ? -0.17289  -8.54916  7.75879   1.000 635.52459 ? 16 DA A "C1'" 1 
ATOM 96  N N9    . DA A 1 5  ? 0.39270   -7.26570  8.16764   1.000 643.61399 ? 16 DA A N9    1 
ATOM 97  C C8    . DA A 1 5  ? 1.58851   -7.08366  8.79979   1.000 648.43745 ? 16 DA A C8    1 
ATOM 98  N N7    . DA A 1 5  ? 1.86865   -5.83534  9.06161   1.000 654.71174 ? 16 DA A N7    1 
ATOM 99  C C5    . DA A 1 5  ? 0.78268   -5.13782  8.56624   1.000 653.98462 ? 16 DA A C5    1 
ATOM 100 C C6    . DA A 1 5  ? 0.48570   -3.76729  8.54082   1.000 658.72444 ? 16 DA A C6    1 
ATOM 101 N N6    . DA A 1 5  ? 1.30100   -2.84626  9.04726   1.000 665.13681 ? 16 DA A N6    1 
ATOM 102 N N1    . DA A 1 5  ? -0.67715  -3.37940  7.97681   1.000 656.65110 ? 16 DA A N1    1 
ATOM 103 C C2    . DA A 1 5  ? -1.49381  -4.32037  7.47181   1.000 650.22755 ? 16 DA A C2    1 
ATOM 104 N N3    . DA A 1 5  ? -1.31820  -5.65223  7.43461   1.000 645.09779 ? 16 DA A N3    1 
ATOM 105 C C4    . DA A 1 5  ? -0.14649  -5.99764  8.00860   1.000 647.31008 ? 16 DA A C4    1 
ATOM 106 P P     . DC A 1 6  ? -0.19971  -11.50140 4.78182   1.000 790.39707 ? 17 DC A P     1 
ATOM 107 O OP1   . DC A 1 6  ? -0.94903  -12.68817 4.31211   1.000 792.66063 ? 17 DC A OP1   1 
ATOM 108 O OP2   . DC A 1 6  ? 1.24457   -11.38800 4.46871   1.000 789.56784 ? 17 DC A OP2   1 
ATOM 109 O "O5'" . DC A 1 6  ? -0.94415  -10.18314 4.25787   1.000 786.63694 ? 17 DC A "O5'" 1 
ATOM 110 C "C5'" . DC A 1 6  ? -2.22978  -9.85961  4.76551   1.000 786.79830 ? 17 DC A "C5'" 1 
ATOM 111 C "C4'" . DC A 1 6  ? -2.74421  -8.55320  4.18699   1.000 782.95980 ? 17 DC A "C4'" 1 
ATOM 112 O "O4'" . DC A 1 6  ? -2.09848  -7.42851  4.84016   1.000 781.03276 ? 17 DC A "O4'" 1 
ATOM 113 C "C3'" . DC A 1 6  ? -2.52021  -8.36916  2.68846   1.000 780.47882 ? 17 DC A "C3'" 1 
ATOM 114 O "O3'" . DC A 1 6  ? -3.69923  -7.83787  2.09753   1.000 778.72469 ? 17 DC A "O3'" 1 
ATOM 115 C "C2'" . DC A 1 6  ? -1.35559  -7.37908  2.62869   1.000 777.82194 ? 17 DC A "C2'" 1 
ATOM 116 C "C1'" . DC A 1 6  ? -1.60017  -6.53435  3.86852   1.000 777.45918 ? 17 DC A "C1'" 1 
ATOM 117 N N1    . DC A 1 6  ? -0.36414  -5.91424  4.42047   1.000 776.61290 ? 17 DC A N1    1 
ATOM 118 C C2    . DC A 1 6  ? -0.25616  -4.51945  4.54455   1.000 773.44353 ? 17 DC A C2    1 
ATOM 119 O O2    . DC A 1 6  ? -1.19096  -3.79561  4.17796   1.000 771.24561 ? 17 DC A O2    1 
ATOM 120 N N3    . DC A 1 6  ? 0.88501   -4.00016  5.06579   1.000 772.94451 ? 17 DC A N3    1 
ATOM 121 C C4    . DC A 1 6  ? 1.87217   -4.80756  5.45316   1.000 775.47688 ? 17 DC A C4    1 
ATOM 122 N N4    . DC A 1 6  ? 2.97654   -4.25321  5.95889   1.000 775.03989 ? 17 DC A N4    1 
ATOM 123 C C5    . DC A 1 6  ? 1.77484   -6.21896  5.33579   1.000 778.63497 ? 17 DC A C5    1 
ATOM 124 C C6    . DC A 1 6  ? 0.65410   -6.71940  4.81676   1.000 779.05267 ? 17 DC A C6    1 
ATOM 125 P P     . DA A 1 7  ? -3.84717  -7.72524  0.50024   1.000 776.58205 ? 18 DA A P     1 
ATOM 126 O OP1   . DA A 1 7  ? -5.09433  -8.42836  0.12382   1.000 778.26027 ? 18 DA A OP1   1 
ATOM 127 O OP2   . DA A 1 7  ? -2.56665  -8.10525  -0.13983  1.000 776.46930 ? 18 DA A OP2   1 
ATOM 128 O "O5'" . DA A 1 7  ? -4.06879  -6.16138  0.26410   1.000 772.56142 ? 18 DA A "O5'" 1 
ATOM 129 C "C5'" . DA A 1 7  ? -4.99192  -5.45362  1.08078   1.000 772.03379 ? 18 DA A "C5'" 1 
ATOM 130 C "C4'" . DA A 1 7  ? -4.82787  -3.95265  0.92043   1.000 768.11063 ? 18 DA A "C4'" 1 
ATOM 131 O "O4'" . DA A 1 7  ? -3.63584  -3.50200  1.61448   1.000 767.55132 ? 18 DA A "O4'" 1 
ATOM 132 C "C3'" . DA A 1 7  ? -4.69316  -3.46452  -0.51451  1.000 765.25856 ? 18 DA A "C3'" 1 
ATOM 133 O "O3'" . DA A 1 7  ? -5.44399  -2.26652  -0.66798  1.000 762.34730 ? 18 DA A "O3'" 1 
ATOM 134 C "C2'" . DA A 1 7  ? -3.18342  -3.23255  -0.66905  1.000 764.19373 ? 18 DA A "C2'" 1 
ATOM 135 C "C1'" . DA A 1 7  ? -2.79541  -2.78346  0.72945   1.000 764.60248 ? 18 DA A "C1'" 1 
ATOM 136 N N9    . DA A 1 7  ? -1.41631  -3.08790  1.10454   1.000 765.62447 ? 18 DA A N9    1 
ATOM 137 C C8    . DA A 1 7  ? -0.87006  -4.33084  1.24218   1.000 768.73900 ? 18 DA A C8    1 
ATOM 138 N N7    . DA A 1 7  ? 0.38093   -4.32186  1.62849   1.000 769.14449 ? 18 DA A N7    1 
ATOM 139 C C5    . DA A 1 7  ? 0.67855   -2.97721  1.77212   1.000 766.12456 ? 18 DA A C5    1 
ATOM 140 C C6    . DA A 1 7  ? 1.85528   -2.30780  2.16094   1.000 765.10819 ? 18 DA A C6    1 
ATOM 141 N N6    . DA A 1 7  ? 2.98075   -2.94649  2.48520   1.000 767.17838 ? 18 DA A N6    1 
ATOM 142 N N1    . DA A 1 7  ? 1.83188   -0.95785  2.20126   1.000 761.96367 ? 18 DA A N1    1 
ATOM 143 C C2    . DA A 1 7  ? 0.69520   -0.32343  1.87062   1.000 759.92654 ? 18 DA A C2    1 
ATOM 144 N N3    . DA A 1 7  ? -0.47889  -0.84900  1.48893   1.000 760.66687 ? 18 DA A N3    1 
ATOM 145 C C4    . DA A 1 7  ? -0.41750  -2.19555  1.46100   1.000 763.86261 ? 18 DA A C4    1 
ATOM 146 P P     . DG A 1 8  ? -5.32802  -1.39153  -2.00728  1.000 758.77409 ? 19 DG A P     1 
ATOM 147 O OP1   . DG A 1 8  ? -6.59504  -0.64202  -2.16380  1.000 757.13745 ? 19 DG A OP1   1 
ATOM 148 O OP2   . DG A 1 8  ? -4.85245  -2.26775  -3.10185  1.000 759.76092 ? 19 DG A OP2   1 
ATOM 149 O "O5'" . DG A 1 8  ? -4.16659  -0.35227  -1.67082  1.000 756.28955 ? 19 DG A "O5'" 1 
ATOM 150 C "C5'" . DG A 1 8  ? -3.58450  0.39411   -2.70916  1.000 753.34744 ? 19 DG A "C5'" 1 
ATOM 151 C "C4'" . DG A 1 8  ? -2.95305  1.65850   -2.17505  1.000 750.70439 ? 19 DG A "C4'" 1 
ATOM 152 O "O4'" . DG A 1 8  ? -1.85091  1.31142   -1.29513  1.000 752.36157 ? 19 DG A "O4'" 1 
ATOM 153 C "C3'" . DG A 1 8  ? -2.32740  2.53196   -3.23909  1.000 747.53151 ? 19 DG A "C3'" 1 
ATOM 154 O "O3'" . DG A 1 8  ? -2.20628  3.85916   -2.74700  1.000 744.77243 ? 19 DG A "O3'" 1 
ATOM 155 C "C2'" . DG A 1 8  ? -0.96685  1.86701   -3.39012  1.000 748.97763 ? 19 DG A "C2'" 1 
ATOM 156 C "C1'" . DG A 1 8  ? -0.62504  1.63963   -1.92853  1.000 750.92572 ? 19 DG A "C1'" 1 
ATOM 157 N N9    . DG A 1 8  ? 0.31835   0.55495   -1.68918  1.000 753.80781 ? 19 DG A N9    1 
ATOM 158 C C8    . DG A 1 8  ? 0.08001   -0.79047  -1.81345  1.000 756.87816 ? 19 DG A C8    1 
ATOM 159 N N7    . DG A 1 8  ? 1.10837   -1.52948  -1.50748  1.000 759.00636 ? 19 DG A N7    1 
ATOM 160 C C5    . DG A 1 8  ? 2.08899   -0.61615  -1.14964  1.000 757.33185 ? 19 DG A C5    1 
ATOM 161 C C6    . DG A 1 8  ? 3.41759   -0.83252  -0.72264  1.000 758.53686 ? 19 DG A C6    1 
ATOM 162 O O6    . DG A 1 8  ? 4.00418   -1.91147  -0.57442  1.000 761.34398 ? 19 DG A O6    1 
ATOM 163 N N1    . DG A 1 8  ? 4.07906   0.36647   -0.45874  1.000 756.19230 ? 19 DG A N1    1 
ATOM 164 C C2    . DG A 1 8  ? 3.51792   1.61776   -0.58764  1.000 752.98740 ? 19 DG A C2    1 
ATOM 165 N N2    . DG A 1 8  ? 4.31515   2.66269   -0.28926  1.000 751.11574 ? 19 DG A N2    1 
ATOM 166 N N3    . DG A 1 8  ? 2.26885   1.83115   -0.98921  1.000 751.77065 ? 19 DG A N3    1 
ATOM 167 C C4    . DG A 1 8  ? 1.61723   0.67158   -1.25051  1.000 754.11964 ? 19 DG A C4    1 
ATOM 168 P P     . DC A 1 9  ? -2.49917  5.10868   -3.71211  1.000 740.87076 ? 20 DC A P     1 
ATOM 169 O OP1   . DC A 1 9  ? -3.42659  6.02123   -3.00963  1.000 739.32011 ? 20 DC A OP1   1 
ATOM 170 O OP2   . DC A 1 9  ? -2.86970  4.56077   -5.03450  1.000 741.09380 ? 20 DC A OP2   1 
ATOM 171 O "O5'" . DC A 1 9  ? -1.07306  5.81429   -3.85950  1.000 739.08381 ? 20 DC A "O5'" 1 
ATOM 172 C "C5'" . DC A 1 9  ? 0.07498   5.01749   -4.12164  1.000 740.87372 ? 20 DC A "C5'" 1 
ATOM 173 C "C4'" . DC A 1 9  ? 1.30873   5.87198   -4.27645  1.000 738.92221 ? 20 DC A "C4'" 1 
ATOM 174 O "O4'" . DC A 1 9  ? 2.45944   5.15356   -3.76839  1.000 741.31894 ? 20 DC A "O4'" 1 
ATOM 175 C "C3'" . DC A 1 9  ? 1.63996   6.24743   -5.70683  1.000 736.95338 ? 20 DC A "C3'" 1 
ATOM 176 O "O3'" . DC A 1 9  ? 2.21346   7.54134   -5.74806  1.000 734.03898 ? 20 DC A "O3'" 1 
ATOM 177 C "C2'" . DC A 1 9  ? 2.63023   5.16558   -6.13542  1.000 739.40679 ? 20 DC A "C2'" 1 
ATOM 178 C "C1'" . DC A 1 9  ? 3.30987   4.75989   -4.82457  1.000 741.57114 ? 20 DC A "C1'" 1 
ATOM 179 N N1    . DC A 1 9  ? 3.53543   3.28252   -4.71684  1.000 745.15914 ? 20 DC A N1    1 
ATOM 180 C C2    . DC A 1 9  ? 4.78609   2.77997   -4.30824  1.000 747.06308 ? 20 DC A C2    1 
ATOM 181 O O2    . DC A 1 9  ? 5.69774   3.57069   -4.02770  1.000 745.83723 ? 20 DC A O2    1 
ATOM 182 N N3    . DC A 1 9  ? 4.95522   1.43205   -4.22829  1.000 750.29342 ? 20 DC A N3    1 
ATOM 183 C C4    . DC A 1 9  ? 3.94596   0.61431   -4.54187  1.000 751.61246 ? 20 DC A C4    1 
ATOM 184 N N4    . DC A 1 9  ? 4.15044   -0.70284  -4.44950  1.000 754.79705 ? 20 DC A N4    1 
ATOM 185 C C5    . DC A 1 9  ? 2.67780   1.10965   -4.96265  1.000 749.81226 ? 20 DC A C5    1 
ATOM 186 C C6    . DC A 1 9  ? 2.52027   2.43246   -5.03816  1.000 746.62238 ? 20 DC A C6    1 
ATOM 187 P P     . DA A 1 10 ? 2.67436   8.17840   -7.14910  1.000 731.68391 ? 21 DA A P     1 
ATOM 188 O OP1   . DA A 1 10 ? 2.55385   9.64925   -7.01846  1.000 728.31738 ? 21 DA A OP1   1 
ATOM 189 O OP2   . DA A 1 10 ? 1.95749   7.47077   -8.24100  1.000 732.41760 ? 21 DA A OP2   1 
ATOM 190 O "O5'" . DA A 1 10 ? 4.22650   7.80176   -7.23087  1.000 733.05386 ? 21 DA A "O5'" 1 
ATOM 191 C "C5'" . DA A 1 10 ? 5.01762   7.83509   -6.05287  1.000 734.14947 ? 21 DA A "C5'" 1 
ATOM 192 C "C4'" . DA A 1 10 ? 6.34381   7.13706   -6.27192  1.000 736.20311 ? 21 DA A "C4'" 1 
ATOM 193 O "O4'" . DA A 1 10 ? 6.21068   5.71087   -6.01105  1.000 739.56603 ? 21 DA A "O4'" 1 
ATOM 194 C "C3'" . DA A 1 10 ? 6.91317   7.26571   -7.68593  1.000 735.22249 ? 21 DA A "C3'" 1 
ATOM 195 O "O3'" . DA A 1 10 ? 8.28190   7.62380   -7.60636  1.000 735.26288 ? 21 DA A "O3'" 1 
ATOM 196 C "C2'" . DA A 1 10 ? 6.72858   5.86200   -8.26206  1.000 737.92004 ? 21 DA A "C2'" 1 
ATOM 197 C "C1'" . DA A 1 10 ? 6.89063   5.00436   -7.01835  1.000 740.76022 ? 21 DA A "C1'" 1 
ATOM 198 N N9    . DA A 1 10 ? 6.31238   3.66346   -7.14205  1.000 743.43860 ? 21 DA A N9    1 
ATOM 199 C C8    . DA A 1 10 ? 5.02673   3.35486   -7.48701  1.000 743.39069 ? 21 DA A C8    1 
ATOM 200 N N7    . DA A 1 10 ? 4.77735   2.06816   -7.52254  1.000 746.23399 ? 21 DA A N7    1 
ATOM 201 C C5    . DA A 1 10 ? 5.98934   1.48286   -7.18819  1.000 748.23253 ? 21 DA A C5    1 
ATOM 202 C C6    . DA A 1 10 ? 6.38308   0.13459   -7.05656  1.000 751.54399 ? 21 DA A C6    1 
ATOM 203 N N6    . DA A 1 10 ? 5.55718   -0.89568  -7.25446  1.000 753.46584 ? 21 DA A N6    1 
ATOM 204 N N1    . DA A 1 10 ? 7.66743   -0.11255  -6.71108  1.000 752.88443 ? 21 DA A N1    1 
ATOM 205 C C2    . DA A 1 10 ? 8.49099   0.92537   -6.51422  1.000 751.09580 ? 21 DA A C2    1 
ATOM 206 N N3    . DA A 1 10 ? 8.23249   2.23487   -6.60734  1.000 747.96328 ? 21 DA A N3    1 
ATOM 207 C C4    . DA A 1 10 ? 6.94615   2.44721   -6.94992  1.000 746.61166 ? 21 DA A C4    1 
ATOM 208 P P     . DC A 1 11 ? 9.09817   8.09764   -8.90871  1.000 677.24159 ? 22 DC A P     1 
ATOM 209 O OP1   . DC A 1 11 ? 9.45257   9.52058   -8.70867  1.000 678.94008 ? 22 DC A OP1   1 
ATOM 210 O OP2   . DC A 1 11 ? 8.35514   7.71602   -10.13220 1.000 679.89664 ? 22 DC A OP2   1 
ATOM 211 O "O5'" . DC A 1 11 ? 10.44077  7.23089   -8.82482  1.000 679.33705 ? 22 DC A "O5'" 1 
ATOM 212 C "C5'" . DC A 1 11 ? 11.22899  7.27904   -7.64275  1.000 676.82767 ? 22 DC A "C5'" 1 
ATOM 213 C "C4'" . DC A 1 11 ? 11.99333  5.98377   -7.42609  1.000 676.74499 ? 22 DC A "C4'" 1 
ATOM 214 O "O4'" . DC A 1 11 ? 11.08718  4.84658   -7.46035  1.000 673.50852 ? 22 DC A "O4'" 1 
ATOM 215 C "C3'" . DC A 1 11 ? 13.07192  5.67437   -8.45729  1.000 683.25231 ? 22 DC A "C3'" 1 
ATOM 216 O "O3'" . DC A 1 11 ? 14.12845  5.00684   -7.80155  1.000 683.03232 ? 22 DC A "O3'" 1 
ATOM 217 C "C2'" . DC A 1 11 ? 12.33886  4.73732   -9.41165  1.000 684.16714 ? 22 DC A "C2'" 1 
ATOM 218 C "C1'" . DC A 1 11 ? 11.56030  3.90769   -8.40945  1.000 677.57464 ? 22 DC A "C1'" 1 
ATOM 219 N N1    . DC A 1 11 ? 10.37655  3.17002   -8.95898  1.000 676.07158 ? 22 DC A N1    1 
ATOM 220 C C2    . DC A 1 11 ? 10.37783  1.76291   -9.02348  1.000 675.31836 ? 22 DC A C2    1 
ATOM 221 O O2    . DC A 1 11 ? 11.38534  1.12869   -8.67739  1.000 676.17531 ? 22 DC A O2    1 
ATOM 222 N N3    . DC A 1 11 ? 9.27223   1.13138   -9.49857  1.000 673.96731 ? 22 DC A N3    1 
ATOM 223 C C4    . DC A 1 11 ? 8.20472   1.83521   -9.87065  1.000 673.27686 ? 22 DC A C4    1 
ATOM 224 N N4    . DC A 1 11 ? 7.14007   1.16696   -10.32575 1.000 672.08104 ? 22 DC A N4    1 
ATOM 225 C C5    . DC A 1 11 ? 8.18214   3.25339   -9.79933  1.000 673.98908 ? 22 DC A C5    1 
ATOM 226 C C6    . DC A 1 11 ? 9.27194   3.87130   -9.33249  1.000 675.30975 ? 22 DC A C6    1 
ATOM 227 P P     . DG A 1 12 ? 15.60310  4.96928   -8.43021  1.000 680.47880 ? 23 DG A P     1 
ATOM 228 O OP1   . DG A 1 12 ? 16.43156  5.91131   -7.64110  1.000 680.67384 ? 23 DG A OP1   1 
ATOM 229 O OP2   . DG A 1 12 ? 15.48604  5.14874   -9.89577  1.000 685.94300 ? 23 DG A OP2   1 
ATOM 230 O "O5'" . DG A 1 12 ? 16.08316  3.46967   -8.13483  1.000 679.52663 ? 23 DG A "O5'" 1 
ATOM 231 C "C5'" . DG A 1 12 ? 15.11849  2.41589   -8.06971  1.000 675.80717 ? 23 DG A "C5'" 1 
ATOM 232 C "C4'" . DG A 1 12 ? 15.41935  1.34557   -9.10227  1.000 679.84831 ? 23 DG A "C4'" 1 
ATOM 233 O "O4'" . DG A 1 12 ? 14.16888  0.79808   -9.62149  1.000 678.02303 ? 23 DG A "O4'" 1 
ATOM 234 C "C3'" . DG A 1 12 ? 16.17619  1.84768   -10.33083 1.000 687.01967 ? 23 DG A "C3'" 1 
ATOM 235 O "O3'" . DG A 1 12 ? 16.90839  0.79036   -10.91636 1.000 690.71198 ? 23 DG A "O3'" 1 
ATOM 236 C "C2'" . DG A 1 12 ? 15.02328  2.22852   -11.23795 1.000 687.60133 ? 23 DG A "C2'" 1 
ATOM 237 C "C1'" . DG A 1 12 ? 14.12839  1.01891   -11.01717 1.000 683.46623 ? 23 DG A "C1'" 1 
ATOM 238 N N9    . DG A 1 12 ? 12.74351  1.22193   -11.44782 1.000 681.58200 ? 23 DG A N9    1 
ATOM 239 C C8    . DG A 1 12 ? 12.09213  2.41893   -11.56952 1.000 681.19296 ? 23 DG A C8    1 
ATOM 240 N N7    . DG A 1 12 ? 10.86268  2.30775   -11.98146 1.000 679.61147 ? 23 DG A N7    1 
ATOM 241 C C5    . DG A 1 12 ? 10.68585  0.94651   -12.15972 1.000 678.93409 ? 23 DG A C5    1 
ATOM 242 C C6    . DG A 1 12 ? 9.54986   0.22571   -12.59312 1.000 677.39780 ? 23 DG A C6    1 
ATOM 243 O O6    . DG A 1 12 ? 8.43950   0.67227   -12.91796 1.000 676.31167 ? 23 DG A O6    1 
ATOM 244 N N1    . DG A 1 12 ? 9.79061   -1.14305  -12.63464 1.000 677.37538 ? 23 DG A N1    1 
ATOM 245 C C2    . DG A 1 12 ? 10.98162  -1.74228  -12.29691 1.000 678.70738 ? 23 DG A C2    1 
ATOM 246 N N2    . DG A 1 12 ? 11.02261  -3.07701  -12.39869 1.000 678.63109 ? 23 DG A N2    1 
ATOM 247 N N3    . DG A 1 12 ? 12.05643  -1.07956  -11.88748 1.000 680.17731 ? 23 DG A N3    1 
ATOM 248 C C4    . DG A 1 12 ? 11.83634  0.25445   -11.83649 1.000 680.14644 ? 23 DG A C4    1 
ATOM 249 P P     . DT A 1 13 ? 18.28387  0.24887   -10.28727 1.000 693.72951 ? 24 DT A P     1 
ATOM 250 O OP1   . DT A 1 13 ? 18.28917  0.40935   -8.81517  1.000 688.26726 ? 24 DT A OP1   1 
ATOM 251 O OP2   . DT A 1 13 ? 19.37872  0.84097   -11.09150 1.000 700.42938 ? 24 DT A OP2   1 
ATOM 252 O "O5'" . DT A 1 13 ? 18.20709  -1.31346  -10.61513 1.000 693.96977 ? 24 DT A "O5'" 1 
ATOM 253 C "C5'" . DT A 1 13 ? 16.94078  -1.89880  -10.93575 1.000 691.24158 ? 24 DT A "C5'" 1 
ATOM 254 C "C4'" . DT A 1 13 ? 16.88799  -2.32067  -12.39655 1.000 696.60958 ? 24 DT A "C4'" 1 
ATOM 255 O "O4'" . DT A 1 13 ? 15.56665  -2.04703  -12.94922 1.000 695.18099 ? 24 DT A "O4'" 1 
ATOM 256 C "C3'" . DT A 1 13 ? 17.88212  -1.60442  -13.31389 1.000 703.45269 ? 24 DT A "C3'" 1 
ATOM 257 O "O3'" . DT A 1 13 ? 18.48851  -2.53671  -14.18857 1.000 708.33052 ? 24 DT A "O3'" 1 
ATOM 258 C "C2'" . DT A 1 13 ? 16.99978  -0.62282  -14.07797 1.000 704.49851 ? 24 DT A "C2'" 1 
ATOM 259 C "C1'" . DT A 1 13 ? 15.72073  -1.42814  -14.20527 1.000 700.98637 ? 24 DT A "C1'" 1 
ATOM 260 N N1    . DT A 1 13 ? 14.50611  -0.59886  -14.49145 1.000 699.26737 ? 24 DT A N1    1 
ATOM 261 C C2    . DT A 1 13 ? 13.34452  -1.22053  -14.89477 1.000 697.47933 ? 24 DT A C2    1 
ATOM 262 O O2    . DT A 1 13 ? 13.24647  -2.42742  -15.03412 1.000 697.19362 ? 24 DT A O2    1 
ATOM 263 N N3    . DT A 1 13 ? 12.29150  -0.37392  -15.12709 1.000 696.17569 ? 24 DT A N3    1 
ATOM 264 C C4    . DT A 1 13 ? 12.28623  1.00438   -15.00251 1.000 696.52737 ? 24 DT A C4    1 
ATOM 265 O O4    . DT A 1 13 ? 11.28799  1.67951   -15.23469 1.000 695.44245 ? 24 DT A O4    1 
ATOM 266 C C5    . DT A 1 13 ? 13.53730  1.59206   -14.57942 1.000 698.44105 ? 24 DT A C5    1 
ATOM 267 C C7    . DT A 1 13 ? 13.65495  3.07788   -14.41325 1.000 699.19329 ? 24 DT A C7    1 
ATOM 268 C C6    . DT A 1 13 ? 14.57462  0.77231   -14.35309 1.000 699.72067 ? 24 DT A C6    1 
ATOM 269 P P     . DG A 1 14 ? 19.99540  -2.30339  -14.68877 1.000 702.62804 ? 25 DG A P     1 
ATOM 270 O OP1   . DG A 1 14 ? 20.73054  -3.56545  -14.45391 1.000 703.41996 ? 25 DG A OP1   1 
ATOM 271 O OP2   . DG A 1 14 ? 20.48857  -1.05115  -14.07528 1.000 702.22510 ? 25 DG A OP2   1 
ATOM 272 O "O5'" . DG A 1 14 ? 19.84513  -2.05226  -16.26045 1.000 708.76067 ? 25 DG A "O5'" 1 
ATOM 273 C "C5'" . DG A 1 14 ? 19.89744  -3.14499  -17.15752 1.000 712.19633 ? 25 DG A "C5'" 1 
ATOM 274 C "C4'" . DG A 1 14 ? 18.53156  -3.78918  -17.31952 1.000 708.59135 ? 25 DG A "C4'" 1 
ATOM 275 O "O4'" . DG A 1 14 ? 17.49411  -2.88317  -16.85503 1.000 703.99988 ? 25 DG A "O4'" 1 
ATOM 276 C "C3'" . DG A 1 14 ? 18.17674  -4.14349  -18.75963 1.000 713.58820 ? 25 DG A "C3'" 1 
ATOM 277 O "O3'" . DG A 1 14 ? 17.69459  -5.47186  -18.83589 1.000 712.08436 ? 25 DG A "O3'" 1 
ATOM 278 C "C2'" . DG A 1 14 ? 17.10352  -3.12052  -19.14006 1.000 712.60504 ? 25 DG A "C2'" 1 
ATOM 279 C "C1'" . DG A 1 14 ? 16.45086  -2.82585  -17.80353 1.000 705.11469 ? 25 DG A "C1'" 1 
ATOM 280 N N9    . DG A 1 14 ? 15.84034  -1.49618  -17.73511 1.000 703.79182 ? 25 DG A N9    1 
ATOM 281 C C8    . DG A 1 14 ? 16.44648  -0.33841  -17.31225 1.000 704.32111 ? 25 DG A C8    1 
ATOM 282 N N7    . DG A 1 14 ? 15.66578  0.70347   -17.34517 1.000 702.97919 ? 25 DG A N7    1 
ATOM 283 C C5    . DG A 1 14 ? 14.45992  0.21386   -17.82680 1.000 701.47474 ? 25 DG A C5    1 
ATOM 284 C C6    . DG A 1 14 ? 13.24292  0.89285   -18.07890 1.000 699.83649 ? 25 DG A C6    1 
ATOM 285 O O6    . DG A 1 14 ? 12.99112  2.09508   -17.91662 1.000 699.37688 ? 25 DG A O6    1 
ATOM 286 N N1    . DG A 1 14 ? 12.25908  0.03310   -18.56336 1.000 698.84479 ? 25 DG A N1    1 
ATOM 287 C C2    . DG A 1 14 ? 12.43316  -1.31469  -18.78076 1.000 699.40485 ? 25 DG A C2    1 
ATOM 288 N N2    . DG A 1 14 ? 11.36517  -1.97907  -19.25529 1.000 698.43149 ? 25 DG A N2    1 
ATOM 289 N N3    . DG A 1 14 ? 13.57573  -1.96851  -18.54843 1.000 700.97867 ? 25 DG A N3    1 
ATOM 290 C C4    . DG A 1 14 ? 14.54396  -1.14047  -18.07301 1.000 701.93178 ? 25 DG A C4    1 
ATOM 291 P P     . DT A 1 15 ? 18.10858  -6.39602  -20.08355 1.000 718.44959 ? 26 DT A P     1 
ATOM 292 O OP1   . DT A 1 15 ? 18.80633  -7.58984  -19.55596 1.000 717.92931 ? 26 DT A OP1   1 
ATOM 293 O OP2   . DT A 1 15 ? 18.79787  -5.52979  -21.07004 1.000 725.04575 ? 26 DT A OP2   1 
ATOM 294 O "O5'" . DT A 1 15 ? 16.70432  -6.84864  -20.69851 1.000 717.06130 ? 26 DT A "O5'" 1 
ATOM 295 C "C5'" . DT A 1 15 ? 15.51065  -6.21268  -20.27008 1.000 712.02448 ? 26 DT A "C5'" 1 
ATOM 296 C "C4'" . DT A 1 15 ? 14.67995  -5.78046  -21.45989 1.000 715.22621 ? 26 DT A "C4'" 1 
ATOM 297 O "O4'" . DT A 1 15 ? 14.25910  -4.39602  -21.28454 1.000 713.82180 ? 26 DT A "O4'" 1 
ATOM 298 C "C3'" . DT A 1 15 ? 15.41740  -5.82271  -22.80251 1.000 723.31100 ? 26 DT A "C3'" 1 
ATOM 299 O "O3'" . DT A 1 15 ? 14.52577  -6.23589  -23.82702 1.000 725.53510 ? 26 DT A "O3'" 1 
ATOM 300 C "C2'" . DT A 1 15 ? 15.83120  -4.36892  -22.98838 1.000 725.83923 ? 26 DT A "C2'" 1 
ATOM 301 C "C1'" . DT A 1 15 ? 14.59001  -3.68223  -22.45264 1.000 720.34479 ? 26 DT A "C1'" 1 
ATOM 302 N N1    . DT A 1 15 ? 14.76686  -2.23242  -22.13211 1.000 720.08044 ? 26 DT A N1    1 
ATOM 303 C C2    . DT A 1 15 ? 13.64982  -1.45295  -21.94681 1.000 716.74971 ? 26 DT A C2    1 
ATOM 304 O O2    . DT A 1 15 ? 12.51263  -1.88787  -22.01980 1.000 713.91271 ? 26 DT A O2    1 
ATOM 305 N N3    . DT A 1 15 ? 13.90905  -0.13844  -21.66715 1.000 716.98772 ? 26 DT A N3    1 
ATOM 306 C C4    . DT A 1 15 ? 15.14864  0.46425   -21.56022 1.000 720.18928 ? 26 DT A C4    1 
ATOM 307 O O4    . DT A 1 15 ? 15.27775  1.65718   -21.30402 1.000 720.26215 ? 26 DT A O4    1 
ATOM 308 C C5    . DT A 1 15 ? 16.27994  -0.40857  -21.77194 1.000 723.61301 ? 26 DT A C5    1 
ATOM 309 C C7    . DT A 1 15 ? 17.67565  0.13045   -21.68203 1.000 727.43057 ? 26 DT A C7    1 
ATOM 310 C C6    . DT A 1 15 ? 16.03750  -1.69837  -22.05021 1.000 723.42557 ? 26 DT A C6    1 
ATOM 311 P P     . DA A 1 16 ? 14.63487  -7.71157  -24.45249 1.000 728.33367 ? 27 DA A P     1 
ATOM 312 O OP1   . DA A 1 16 ? 15.10807  -8.62010  -23.38305 1.000 724.44561 ? 27 DA A OP1   1 
ATOM 313 O OP2   . DA A 1 16 ? 15.39719  -7.60142  -25.71823 1.000 736.37408 ? 27 DA A OP2   1 
ATOM 314 O "O5'" . DA A 1 16 ? 13.12183  -8.07920  -24.82437 1.000 726.05175 ? 27 DA A "O5'" 1 
ATOM 315 C "C5'" . DA A 1 16 ? 12.04748  -7.45019  -24.13747 1.000 720.24635 ? 27 DA A "C5'" 1 
ATOM 316 C "C4'" . DA A 1 16 ? 11.17951  -6.66177  -25.10448 1.000 722.90976 ? 27 DA A "C4'" 1 
ATOM 317 O "O4'" . DA A 1 16 ? 11.37872  -5.23607  -24.89831 1.000 722.94094 ? 27 DA A "O4'" 1 
ATOM 318 C "C3'" . DA A 1 16 ? 11.46169  -6.92181  -26.58167 1.000 730.63834 ? 27 DA A "C3'" 1 
ATOM 319 O "O3'" . DA A 1 16 ? 10.24247  -6.94607  -27.31087 1.000 731.26270 ? 27 DA A "O3'" 1 
ATOM 320 C "C2'" . DA A 1 16 ? 12.33187  -5.73191  -26.98045 1.000 735.16708 ? 27 DA A "C2'" 1 
ATOM 321 C "C1'" . DA A 1 16 ? 11.75239  -4.62238  -26.11491 1.000 729.99215 ? 27 DA A "C1'" 1 
ATOM 322 N N9    . DA A 1 16 ? 12.70315  -3.55836  -25.81249 1.000 731.41336 ? 27 DA A N9    1 
ATOM 323 C C8    . DA A 1 16 ? 14.06164  -3.67108  -25.74551 1.000 734.49334 ? 27 DA A C8    1 
ATOM 324 N N7    . DA A 1 16 ? 14.67116  -2.55232  -25.43793 1.000 735.20454 ? 27 DA A N7    1 
ATOM 325 C C5    . DA A 1 16 ? 13.64052  -1.63971  -25.29362 1.000 732.39466 ? 27 DA A C5    1 
ATOM 326 C C6    . DA A 1 16 ? 13.63128  -0.27019  -24.97338 1.000 731.75662 ? 27 DA A C6    1 
ATOM 327 N N6    . DA A 1 16 ? 14.74152  0.42501   -24.72751 1.000 733.95789 ? 27 DA A N6    1 
ATOM 328 N N1    . DA A 1 16 ? 12.43500  0.35604   -24.91235 1.000 728.91211 ? 27 DA A N1    1 
ATOM 329 C C2    . DA A 1 16 ? 11.32492  -0.35435  -25.16117 1.000 726.85943 ? 27 DA A C2    1 
ATOM 330 N N3    . DA A 1 16 ? 11.21032  -1.65004  -25.47288 1.000 727.20342 ? 27 DA A N3    1 
ATOM 331 C C4    . DA A 1 16 ? 12.41888  -2.23935  -25.52363 1.000 730.04910 ? 27 DA A C4    1 
ATOM 332 P P     . DC B 2 1  ? -26.06025 1.38892   19.61983  1.000 801.34187 ? 12 DC B P     1 
ATOM 333 O OP1   . DC B 2 1  ? -27.13187 0.84803   20.48303  1.000 801.59105 ? 12 DC B OP1   1 
ATOM 334 O OP2   . DC B 2 1  ? -25.35756 2.63446   20.00522  1.000 800.32644 ? 12 DC B OP2   1 
ATOM 335 O "O5'" . DC B 2 1  ? -24.94982 0.26525   19.38147  1.000 802.38941 ? 12 DC B "O5'" 1 
ATOM 336 C "C5'" . DC B 2 1  ? -23.58387 0.61869   19.45867  1.000 802.27196 ? 12 DC B "C5'" 1 
ATOM 337 C "C4'" . DC B 2 1  ? -22.69493 -0.58563  19.24686  1.000 803.27740 ? 12 DC B "C4'" 1 
ATOM 338 O "O4'" . DC B 2 1  ? -23.01977 -1.21507  17.98215  1.000 803.35594 ? 12 DC B "O4'" 1 
ATOM 339 C "C3'" . DC B 2 1  ? -21.22175 -0.26312  19.15259  1.000 797.88216 ? 12 DC B "C3'" 1 
ATOM 340 O "O3'" . DC B 2 1  ? -20.47395 -1.40265  19.50898  1.000 790.37539 ? 12 DC B "O3'" 1 
ATOM 341 C "C2'" . DC B 2 1  ? -21.06601 0.07590   17.67236  1.000 800.48513 ? 12 DC B "C2'" 1 
ATOM 342 C "C1'" . DC B 2 1  ? -22.00970 -0.93541  17.02621  1.000 802.87533 ? 12 DC B "C1'" 1 
ATOM 343 N N1    . DC B 2 1  ? -22.67636 -0.43667  15.78460  1.000 802.05289 ? 12 DC B N1    1 
ATOM 344 C C2    . DC B 2 1  ? -22.19781 -0.82593  14.52440  1.000 801.56691 ? 12 DC B C2    1 
ATOM 345 O O2    . DC B 2 1  ? -21.20921 -1.56900  14.45438  1.000 801.72525 ? 12 DC B O2    1 
ATOM 346 N N3    . DC B 2 1  ? -22.82784 -0.36330  13.41518  1.000 800.82359 ? 12 DC B N3    1 
ATOM 347 C C4    . DC B 2 1  ? -23.89053 0.43549   13.53508  1.000 800.67748 ? 12 DC B C4    1 
ATOM 348 N N4    . DC B 2 1  ? -24.48013 0.86626   12.41856  1.000 800.06720 ? 12 DC B N4    1 
ATOM 349 C C5    . DC B 2 1  ? -24.39521 0.83140   14.80621  1.000 801.04300 ? 12 DC B C5    1 
ATOM 350 C C6    . DC B 2 1  ? -23.76685 0.37460   15.89130  1.000 801.66572 ? 12 DC B C6    1 
ATOM 351 P P     . DA B 2 2  ? -18.91043 -1.26493  19.83554  1.000 778.23406 ? 13 DA B P     1 
ATOM 352 O OP1   . DA B 2 2  ? -18.55201 -2.26173  20.86707  1.000 772.21735 ? 13 DA B OP1   1 
ATOM 353 O OP2   . DA B 2 2  ? -18.63099 0.15976   20.11455  1.000 776.87446 ? 13 DA B OP2   1 
ATOM 354 O "O5'" . DA B 2 2  ? -18.21051 -1.64370  18.45206  1.000 775.95023 ? 13 DA B "O5'" 1 
ATOM 355 C "C5'" . DA B 2 2  ? -16.84000 -1.38187  18.28149  1.000 766.58139 ? 13 DA B "C5'" 1 
ATOM 356 C "C4'" . DA B 2 2  ? -16.28574 -2.09732  17.06707  1.000 764.56737 ? 13 DA B "C4'" 1 
ATOM 357 O "O4'" . DA B 2 2  ? -17.25499 -2.06697  15.97830  1.000 774.07871 ? 13 DA B "O4'" 1 
ATOM 358 C "C3'" . DA B 2 2  ? -15.03653 -1.46215  16.49401  1.000 757.71747 ? 13 DA B "C3'" 1 
ATOM 359 O "O3'" . DA B 2 2  ? -14.28966 -2.44692  15.80495  1.000 752.56170 ? 13 DA B "O3'" 1 
ATOM 360 C "C2'" . DA B 2 2  ? -15.63611 -0.44768  15.53281  1.000 766.04644 ? 13 DA B "C2'" 1 
ATOM 361 C "C1'" . DA B 2 2  ? -16.74174 -1.28182  14.91192  1.000 774.03051 ? 13 DA B "C1'" 1 
ATOM 362 N N9    . DA B 2 2  ? -17.83694 -0.49615  14.34607  1.000 784.24266 ? 13 DA B N9    1 
ATOM 363 C C8    . DA B 2 2  ? -18.81496 0.14835   15.04374  1.000 790.63285 ? 13 DA B C8    1 
ATOM 364 N N7    . DA B 2 2  ? -19.68270 0.77300   14.28821  1.000 799.14246 ? 13 DA B N7    1 
ATOM 365 C C5    . DA B 2 2  ? -19.25476 0.51308   12.99740  1.000 798.11668 ? 13 DA B C5    1 
ATOM 366 C C6    . DA B 2 2  ? -19.75908 0.89965   11.74007  1.000 799.39598 ? 13 DA B C6    1 
ATOM 367 N N6    . DA B 2 2  ? -20.84986 1.65097   11.59841  1.000 799.35044 ? 13 DA B N6    1 
ATOM 368 N N1    . DA B 2 2  ? -19.10033 0.48229   10.63617  1.000 798.61646 ? 13 DA B N1    1 
ATOM 369 C C2    . DA B 2 2  ? -18.00188 -0.27628  10.79197  1.000 791.91845 ? 13 DA B C2    1 
ATOM 370 N N3    . DA B 2 2  ? -17.43122 -0.70363  11.92965  1.000 785.71731 ? 13 DA B N3    1 
ATOM 371 C C4    . DA B 2 2  ? -18.11538 -0.26761  13.00651  1.000 789.17552 ? 13 DA B C4    1 
ATOM 372 P P     . DC B 2 3  ? -12.70334 -2.28603  15.62803  1.000 741.68165 ? 14 DC B P     1 
ATOM 373 O OP1   . DC B 2 3  ? -12.06965 -3.53703  16.10783  1.000 734.06617 ? 14 DC B OP1   1 
ATOM 374 O OP2   . DC B 2 3  ? -12.33941 -0.99290  16.25030  1.000 739.28034 ? 14 DC B OP2   1 
ATOM 375 O "O5'" . DC B 2 3  ? -12.50133 -2.17673  14.03849  1.000 744.39382 ? 14 DC B "O5'" 1 
ATOM 376 C "C5'" . DC B 2 3  ? -13.60486 -1.82037  13.19458  1.000 754.92503 ? 14 DC B "C5'" 1 
ATOM 377 C "C4'" . DC B 2 3  ? -13.38312 -0.46749  12.53095  1.000 757.62087 ? 14 DC B "C4'" 1 
ATOM 378 O "O4'" . DC B 2 3  ? -14.65419 0.20286   12.30054  1.000 768.40149 ? 14 DC B "O4'" 1 
ATOM 379 C "C3'" . DC B 2 3  ? -12.51759 0.53613   13.32383  1.000 751.41519 ? 14 DC B "C3'" 1 
ATOM 380 O "O3'" . DC B 2 3  ? -11.54642 1.13581   12.47494  1.000 748.18645 ? 14 DC B "O3'" 1 
ATOM 381 C "C2'" . DC B 2 3  ? -13.53312 1.59034   13.75623  1.000 759.49760 ? 14 DC B "C2'" 1 
ATOM 382 C "C1'" . DC B 2 3  ? -14.45003 1.56824   12.55261  1.000 769.30284 ? 14 DC B "C1'" 1 
ATOM 383 N N1    . DC B 2 3  ? -15.75249 2.27196   12.74578  1.000 779.34626 ? 14 DC B N1    1 
ATOM 384 C C2    . DC B 2 3  ? -16.43269 2.76011   11.62685  1.000 787.88556 ? 14 DC B C2    1 
ATOM 385 O O2    . DC B 2 3  ? -15.94924 2.56728   10.50492  1.000 786.79678 ? 14 DC B O2    1 
ATOM 386 N N3    . DC B 2 3  ? -17.60527 3.41783   11.80488  1.000 796.75174 ? 14 DC B N3    1 
ATOM 387 C C4    . DC B 2 3  ? -18.08395 3.60161   13.03680  1.000 797.45162 ? 14 DC B C4    1 
ATOM 388 N N4    . DC B 2 3  ? -19.24229 4.25369   13.16907  1.000 799.41842 ? 14 DC B N4    1 
ATOM 389 C C5    . DC B 2 3  ? -17.39585 3.12245   14.19133  1.000 788.66265 ? 14 DC B C5    1 
ATOM 390 C C6    . DC B 2 3  ? -16.24089 2.47821   14.00143  1.000 779.77534 ? 14 DC B C6    1 
ATOM 391 P P     . DA B 2 4  ? -10.48882 0.26655   11.63533  1.000 741.25261 ? 15 DA B P     1 
ATOM 392 O OP1   . DA B 2 4  ? -10.56783 -1.17021  11.98863  1.000 737.77738 ? 15 DA B OP1   1 
ATOM 393 O OP2   . DA B 2 4  ? -9.19963  0.97236   11.79639  1.000 733.21494 ? 15 DA B OP2   1 
ATOM 394 O "O5'" . DA B 2 4  ? -10.94584 0.48744   10.11551  1.000 749.12333 ? 15 DA B "O5'" 1 
ATOM 395 C "C5'" . DA B 2 4  ? -12.14629 1.17946   9.81665   1.000 759.79207 ? 15 DA B "C5'" 1 
ATOM 396 C "C4'" . DA B 2 4  ? -11.95776 2.11302   8.64176   1.000 764.02328 ? 15 DA B "C4'" 1 
ATOM 397 O "O4'" . DA B 2 4  ? -12.99515 3.12027   8.67976   1.000 773.55867 ? 15 DA B "O4'" 1 
ATOM 398 C "C3'" . DA B 2 4  ? -10.66659 2.90768   8.66589   1.000 757.61442 ? 15 DA B "C3'" 1 
ATOM 399 O "O3'" . DA B 2 4  ? -10.40768 3.43156   7.36996   1.000 761.09926 ? 15 DA B "O3'" 1 
ATOM 400 C "C2'" . DA B 2 4  ? -11.02775 4.02070   9.63943   1.000 760.21731 ? 15 DA B "C2'" 1 
ATOM 401 C "C1'" . DA B 2 4  ? -12.46233 4.32596   9.20759   1.000 772.09180 ? 15 DA B "C1'" 1 
ATOM 402 N N9    . DA B 2 4  ? -13.32386 4.77525   10.29421  1.000 775.89003 ? 15 DA B N9    1 
ATOM 403 C C8    . DA B 2 4  ? -13.16438 4.53355   11.62876  1.000 769.94567 ? 15 DA B C8    1 
ATOM 404 N N7    . DA B 2 4  ? -14.10565 5.05948   12.37709  1.000 775.34466 ? 15 DA B N7    1 
ATOM 405 C C5    . DA B 2 4  ? -14.94205 5.68679   11.46600  1.000 785.69115 ? 15 DA B C5    1 
ATOM 406 C C6    . DA B 2 4  ? -16.13071 6.43223   11.61733  1.000 795.29305 ? 15 DA B C6    1 
ATOM 407 N N6    . DA B 2 4  ? -16.70022 6.67891   12.80148  1.000 795.97148 ? 15 DA B N6    1 
ATOM 408 N N1    . DA B 2 4  ? -16.71321 6.91776   10.49776  1.000 798.37585 ? 15 DA B N1    1 
ATOM 409 C C2    . DA B 2 4  ? -16.14085 6.66834   9.31386   1.000 798.09976 ? 15 DA B C2    1 
ATOM 410 N N3    . DA B 2 4  ? -15.03032 5.98320   9.04882   1.000 794.19268 ? 15 DA B N3    1 
ATOM 411 C C4    . DA B 2 4  ? -14.47574 5.51457   10.17802  1.000 786.04172 ? 15 DA B C4    1 
ATOM 412 P P     . DC B 2 5  ? -9.22693  2.83279   6.45676   1.000 754.04957 ? 16 DC B P     1 
ATOM 413 O OP1   . DC B 2 5  ? -8.18773  3.88523   6.35720   1.000 750.90446 ? 16 DC B OP1   1 
ATOM 414 O OP2   . DC B 2 5  ? -9.84842  2.29259   5.22227   1.000 759.31247 ? 16 DC B OP2   1 
ATOM 415 O "O5'" . DC B 2 5  ? -8.65857  1.59634   7.30722   1.000 744.24218 ? 16 DC B "O5'" 1 
ATOM 416 C "C5'" . DC B 2 5  ? -7.80413  0.62880   6.68825   1.000 737.39609 ? 16 DC B "C5'" 1 
ATOM 417 C "C4'" . DC B 2 5  ? -7.55008  -0.55232  7.61650   1.000 729.91905 ? 16 DC B "C4'" 1 
ATOM 418 O "O4'" . DC B 2 5  ? -6.16874  -0.60516  8.00159   1.000 719.33546 ? 16 DC B "O4'" 1 
ATOM 419 C "C3'" . DC B 2 5  ? -8.32741  -0.52303  8.92143   1.000 731.83372 ? 16 DC B "C3'" 1 
ATOM 420 O "O3'" . DC B 2 5  ? -9.53722  -1.30191  8.78203   1.000 738.46725 ? 16 DC B "O3'" 1 
ATOM 421 C "C2'" . DC B 2 5  ? -7.35106  -1.07594  9.99245   1.000 720.78350 ? 16 DC B "C2'" 1 
ATOM 422 C "C1'" . DC B 2 5  ? -6.06173  -1.33754  9.20434   1.000 713.35325 ? 16 DC B "C1'" 1 
ATOM 423 N N1    . DC B 2 5  ? -4.78091  -0.90961  9.87478   1.000 703.45218 ? 16 DC B N1    1 
ATOM 424 C C2    . DC B 2 5  ? -3.75067  -1.84191  10.07248  1.000 693.38665 ? 16 DC B C2    1 
ATOM 425 O O2    . DC B 2 5  ? -3.93107  -3.02141  9.74322   1.000 692.90196 ? 16 DC B O2    1 
ATOM 426 N N3    . DC B 2 5  ? -2.58541  -1.42592  10.63264  1.000 684.34478 ? 16 DC B N3    1 
ATOM 427 C C4    . DC B 2 5  ? -2.42777  -0.14705  10.97561  1.000 685.02856 ? 16 DC B C4    1 
ATOM 428 N N4    . DC B 2 5  ? -1.26481  0.21863   11.52734  1.000 675.66569 ? 16 DC B N4    1 
ATOM 429 C C5    . DC B 2 5  ? -3.45293  0.81756   10.76390  1.000 695.28885 ? 16 DC B C5    1 
ATOM 430 C C6    . DC B 2 5  ? -4.59742  0.39882   10.21138  1.000 704.24421 ? 16 DC B C6    1 
ATOM 431 P P     . DC B 2 6  ? -9.53691  -2.91190  8.82806   1.000 734.43388 ? 17 DC B P     1 
ATOM 432 O OP1   . DC B 2 6  ? -8.29904  -3.45933  8.23905   1.000 726.02366 ? 17 DC B OP1   1 
ATOM 433 O OP2   . DC B 2 6  ? -10.83987 -3.36388  8.29296   1.000 743.19951 ? 17 DC B OP2   1 
ATOM 434 O "O5'" . DC B 2 6  ? -9.52877  -3.24063  10.38458  1.000 730.11091 ? 17 DC B "O5'" 1 
ATOM 435 C "C5'" . DC B 2 6  ? -10.15308 -4.40889  10.85809  1.000 730.99288 ? 17 DC B "C5'" 1 
ATOM 436 C "C4'" . DC B 2 6  ? -9.19050  -5.21901  11.70281  1.000 720.82385 ? 17 DC B "C4'" 1 
ATOM 437 O "O4'" . DC B 2 6  ? -7.92933  -4.50768  11.82604  1.000 712.86257 ? 17 DC B "O4'" 1 
ATOM 438 C "C3'" . DC B 2 6  ? -9.66237  -5.50244  13.12790  1.000 720.56205 ? 17 DC B "C3'" 1 
ATOM 439 O "O3'" . DC B 2 6  ? -9.33653  -6.83890  13.47948  1.000 715.37419 ? 17 DC B "O3'" 1 
ATOM 440 C "C2'" . DC B 2 6  ? -8.88091  -4.48813  13.96549  1.000 714.57278 ? 17 DC B "C2'" 1 
ATOM 441 C "C1'" . DC B 2 6  ? -7.57774  -4.39517  13.18754  1.000 707.18393 ? 17 DC B "C1'" 1 
ATOM 442 N N1    . DC B 2 6  ? -6.83497  -3.10852  13.38415  1.000 703.51643 ? 17 DC B N1    1 
ATOM 443 C C2    . DC B 2 6  ? -5.44581  -3.13724  13.51720  1.000 692.99114 ? 17 DC B C2    1 
ATOM 444 O O2    . DC B 2 6  ? -4.86835  -4.23019  13.47281  1.000 687.00343 ? 17 DC B O2    1 
ATOM 445 N N3    . DC B 2 6  ? -4.77485  -1.97091  13.68914  1.000 689.68957 ? 17 DC B N3    1 
ATOM 446 C C4    . DC B 2 6  ? -5.44408  -0.81580  13.72608  1.000 696.57162 ? 17 DC B C4    1 
ATOM 447 N N4    . DC B 2 6  ? -4.74135  0.31053   13.89953  1.000 693.01823 ? 17 DC B N4    1 
ATOM 448 C C5    . DC B 2 6  ? -6.86390  -0.76661  13.58775  1.000 707.40762 ? 17 DC B C5    1 
ATOM 449 C C6    . DC B 2 6  ? -7.51169  -1.92571  13.41826  1.000 710.46031 ? 17 DC B C6    1 
ATOM 450 P P     . DG B 2 7  ? -10.03810 -7.54512  14.73910  1.000 716.93574 ? 18 DG B P     1 
ATOM 451 O OP1   . DG B 2 7  ? -10.45191 -8.89454  14.29087  1.000 719.15774 ? 18 DG B OP1   1 
ATOM 452 O OP2   . DG B 2 7  ? -11.03453 -6.61260  15.31355  1.000 724.24757 ? 18 DG B OP2   1 
ATOM 453 O "O5'" . DG B 2 7  ? -8.84257  -7.73079  15.78132  1.000 705.72868 ? 18 DG B "O5'" 1 
ATOM 454 C "C5'" . DG B 2 7  ? -8.43441  -9.03247  16.14546  1.000 700.54009 ? 18 DG B "C5'" 1 
ATOM 455 C "C4'" . DG B 2 7  ? -6.95257  -9.23639  15.88678  1.000 689.76943 ? 18 DG B "C4'" 1 
ATOM 456 O "O4'" . DG B 2 7  ? -6.33458  -7.97604  15.53609  1.000 687.31646 ? 18 DG B "O4'" 1 
ATOM 457 C "C3'" . DG B 2 7  ? -6.18488  -9.79833  17.07350  1.000 681.05299 ? 18 DG B "C3'" 1 
ATOM 458 O "O3'" . DG B 2 7  ? -5.41207  -10.91299 16.67986  1.000 675.01039 ? 18 DG B "O3'" 1 
ATOM 459 C "C2'" . DG B 2 7  ? -5.32012  -8.64210  17.57888  1.000 674.51151 ? 18 DG B "C2'" 1 
ATOM 460 C "C1'" . DG B 2 7  ? -5.26484  -7.67125  16.40597  1.000 677.72468 ? 18 DG B "C1'" 1 
ATOM 461 N N9    . DG B 2 7  ? -5.41486  -6.28212  16.81857  1.000 679.46130 ? 18 DG B N9    1 
ATOM 462 C C8    . DG B 2 7  ? -6.59430  -5.59312  16.96119  1.000 688.73457 ? 18 DG B C8    1 
ATOM 463 N N7    . DG B 2 7  ? -6.43378  -4.36164  17.34856  1.000 688.00672 ? 18 DG B N7    1 
ATOM 464 C C5    . DG B 2 7  ? -5.05851  -4.22096  17.46831  1.000 677.57673 ? 18 DG B C5    1 
ATOM 465 C C6    . DG B 2 7  ? -4.29390  -3.10041  17.85378  1.000 672.16756 ? 18 DG B C6    1 
ATOM 466 O O6    . DG B 2 7  ? -4.69416  -1.97603  18.17313  1.000 675.63369 ? 18 DG B O6    1 
ATOM 467 N N1    . DG B 2 7  ? -2.92764  -3.37662  17.84547  1.000 661.63746 ? 18 DG B N1    1 
ATOM 468 C C2    . DG B 2 7  ? -2.37107  -4.58667  17.50903  1.000 656.92072 ? 18 DG B C2    1 
ATOM 469 N N2    . DG B 2 7  ? -1.02792  -4.65809  17.56818  1.000 646.62279 ? 18 DG B N2    1 
ATOM 470 N N3    . DG B 2 7  ? -3.07932  -5.65209  17.14265  1.000 661.90692 ? 18 DG B N3    1 
ATOM 471 C C4    . DG B 2 7  ? -4.41381  -5.39464  17.14575  1.000 672.19402 ? 18 DG B C4    1 
ATOM 472 P P     . DT B 2 8  ? -5.49327  -12.26782 17.53707  1.000 673.00041 ? 19 DT B P     1 
ATOM 473 O OP1   . DT B 2 8  ? -5.25818  -13.39276 16.60596  1.000 672.03052 ? 19 DT B OP1   1 
ATOM 474 O OP2   . DT B 2 8  ? -6.75190  -12.22799 18.32260  1.000 681.26089 ? 19 DT B OP2   1 
ATOM 475 O "O5'" . DT B 2 8  ? -4.24634  -12.15143 18.53464  1.000 661.74968 ? 19 DT B "O5'" 1 
ATOM 476 C "C5'" . DT B 2 8  ? -2.93596  -11.99629 17.99862  1.000 652.83085 ? 19 DT B "C5'" 1 
ATOM 477 C "C4'" . DT B 2 8  ? -1.97927  -11.40000 19.02047  1.000 643.92294 ? 19 DT B "C4'" 1 
ATOM 478 O "O4'" . DT B 2 8  ? -2.01392  -9.96211  18.95336  1.000 645.32575 ? 19 DT B "O4'" 1 
ATOM 479 C "C3'" . DT B 2 8  ? -2.29770  -11.70638 20.46843  1.000 643.35347 ? 19 DT B "C3'" 1 
ATOM 480 O "O3'" . DT B 2 8  ? -1.77608  -12.98257 20.82096  1.000 638.15160 ? 19 DT B "O3'" 1 
ATOM 481 C "C2'" . DT B 2 8  ? -1.57245  -10.57511 21.21204  1.000 636.79116 ? 19 DT B "C2'" 1 
ATOM 482 C "C1'" . DT B 2 8  ? -1.50591  -9.44233  20.16923  1.000 639.15206 ? 19 DT B "C1'" 1 
ATOM 483 N N1    . DT B 2 8  ? -2.30178  -8.23374  20.54724  1.000 645.18815 ? 19 DT B N1    1 
ATOM 484 C C2    . DT B 2 8  ? -1.65412  -7.04803  20.84607  1.000 640.36401 ? 19 DT B C2    1 
ATOM 485 O O2    . DT B 2 8  ? -0.44172  -6.91699  20.81922  1.000 631.28788 ? 19 DT B O2    1 
ATOM 486 N N3    . DT B 2 8  ? -2.49295  -6.01510  21.18622  1.000 646.66883 ? 19 DT B N3    1 
ATOM 487 C C4    . DT B 2 8  ? -3.87557  -6.04956  21.24942  1.000 657.02797 ? 19 DT B C4    1 
ATOM 488 O O4    . DT B 2 8  ? -4.53978  -5.07229  21.55677  1.000 662.01090 ? 19 DT B O4    1 
ATOM 489 C C5    . DT B 2 8  ? -4.48064  -7.31591  20.92447  1.000 661.57617 ? 19 DT B C5    1 
ATOM 490 C C7    . DT B 2 8  ? -5.97182  -7.47254  20.95856  1.000 672.80726 ? 19 DT B C7    1 
ATOM 491 C C6    . DT B 2 8  ? -3.67507  -8.33106  20.59597  1.000 655.51578 ? 19 DT B C6    1 
ATOM 492 P P     . DG C 3 1  ? 17.44746  9.79133   -24.78909 1.000 659.98663 ? -5 DG C P     1 
ATOM 493 O OP1   . DG C 3 1  ? 17.03393  9.91548   -23.37535 1.000 660.39260 ? -5 DG C OP1   1 
ATOM 494 O OP2   . DG C 3 1  ? 18.22161  8.61043   -25.23084 1.000 661.00566 ? -5 DG C OP2   1 
ATOM 495 O "O5'" . DG C 3 1  ? 16.14522  9.89958   -25.70688 1.000 660.61898 ? -5 DG C "O5'" 1 
ATOM 496 C "C5'" . DG C 3 1  ? 15.34805  11.07739  -25.68189 1.000 659.66339 ? -5 DG C "C5'" 1 
ATOM 497 C "C4'" . DG C 3 1  ? 13.94169  10.76775  -26.14973 1.000 661.10403 ? -5 DG C "C4'" 1 
ATOM 498 O "O4'" . DG C 3 1  ? 13.97814  9.59912   -27.01237 1.000 662.33969 ? -5 DG C "O4'" 1 
ATOM 499 C "C3'" . DG C 3 1  ? 12.96269  10.40892  -25.04207 1.000 662.64893 ? -5 DG C "C3'" 1 
ATOM 500 O "O3'" . DG C 3 1  ? 11.64486  10.71733  -25.46156 1.000 663.28260 ? -5 DG C "O3'" 1 
ATOM 501 C "C2'" . DG C 3 1  ? 13.16469  8.90586   -24.92605 1.000 664.46141 ? -5 DG C "C2'" 1 
ATOM 502 C "C1'" . DG C 3 1  ? 13.28145  8.53137   -26.39454 1.000 664.37180 ? -5 DG C "C1'" 1 
ATOM 503 N N9    . DG C 3 1  ? 14.01437  7.29058   -26.63215 1.000 665.27745 ? -5 DG C N9    1 
ATOM 504 C C8    . DG C 3 1  ? 15.32988  7.03250   -26.33062 1.000 664.77822 ? -5 DG C C8    1 
ATOM 505 N N7    . DG C 3 1  ? 15.71273  5.83009   -26.66231 1.000 665.92705 ? -5 DG C N7    1 
ATOM 506 C C5    . DG C 3 1  ? 14.57910  5.25399   -27.22264 1.000 667.14998 ? -5 DG C C5    1 
ATOM 507 C C6    . DG C 3 1  ? 14.38521  3.96028   -27.76443 1.000 668.57402 ? -5 DG C C6    1 
ATOM 508 O O6    . DG C 3 1  ? 15.20502  3.03569   -27.85951 1.000 669.13573 ? -5 DG C O6    1 
ATOM 509 N N1    . DG C 3 1  ? 13.08265  3.78551   -28.22672 1.000 669.35482 ? -5 DG C N1    1 
ATOM 510 C C2    . DG C 3 1  ? 12.09372  4.73901   -28.17190 1.000 668.95026 ? -5 DG C C2    1 
ATOM 511 N N2    . DG C 3 1  ? 10.89866  4.38607   -28.66790 1.000 669.87880 ? -5 DG C N2    1 
ATOM 512 N N3    . DG C 3 1  ? 12.26242  5.95386   -27.66745 1.000 667.69897 ? -5 DG C N3    1 
ATOM 513 C C4    . DG C 3 1  ? 13.52569  6.14065   -27.21240 1.000 666.79473 ? -5 DG C C4    1 
ATOM 514 P P     . DT C 3 2  ? 10.50553  11.04734  -24.38014 1.000 661.04523 ? -4 DT C P     1 
ATOM 515 O OP1   . DT C 3 2  ? 10.31428  12.51802  -24.38036 1.000 659.34866 ? -4 DT C OP1   1 
ATOM 516 O OP2   . DT C 3 2  ? 10.88513  10.36285  -23.11921 1.000 661.97422 ? -4 DT C OP2   1 
ATOM 517 O "O5'" . DT C 3 2  ? 9.19487   10.34868  -24.99033 1.000 662.93492 ? -4 DT C "O5'" 1 
ATOM 518 C "C5'" . DT C 3 2  ? 9.32185   9.19453   -25.82310 1.000 663.87213 ? -4 DT C "C5'" 1 
ATOM 519 C "C4'" . DT C 3 2  ? 8.81816   7.95526   -25.10799 1.000 666.06152 ? -4 DT C "C4'" 1 
ATOM 520 O "O4'" . DT C 3 2  ? 9.69716   6.82714   -25.38983 1.000 666.49764 ? -4 DT C "O4'" 1 
ATOM 521 C "C3'" . DT C 3 2  ? 8.76477   8.08242   -23.58339 1.000 666.66833 ? -4 DT C "C3'" 1 
ATOM 522 O "O3'" . DT C 3 2  ? 7.47131   7.74982   -23.10709 1.000 668.50473 ? -4 DT C "O3'" 1 
ATOM 523 C "C2'" . DT C 3 2  ? 9.82510   7.09391   -23.09925 1.000 667.17099 ? -4 DT C "C2'" 1 
ATOM 524 C "C1'" . DT C 3 2  ? 9.82916   6.06713   -24.21491 1.000 667.86948 ? -4 DT C "C1'" 1 
ATOM 525 N N1    . DT C 3 2  ? 11.09663  5.26103   -24.26330 1.000 667.80211 ? -4 DT C N1    1 
ATOM 526 C C2    . DT C 3 2  ? 11.09239  3.99403   -24.82528 1.000 669.03013 ? -4 DT C C2    1 
ATOM 527 O O2    . DT C 3 2  ? 10.10184  3.48266   -25.32648 1.000 670.06010 ? -4 DT C O2    1 
ATOM 528 N N3    . DT C 3 2  ? 12.31299  3.35508   -24.79266 1.000 668.94070 ? -4 DT C N3    1 
ATOM 529 C C4    . DT C 3 2  ? 13.49501  3.84335   -24.25602 1.000 667.79531 ? -4 DT C C4    1 
ATOM 530 O O4    . DT C 3 2  ? 14.54081  3.20645   -24.26867 1.000 667.89121 ? -4 DT C O4    1 
ATOM 531 C C5    . DT C 3 2  ? 13.41712  5.16173   -23.68029 1.000 666.43998 ? -4 DT C C5    1 
ATOM 532 C C7    . DT C 3 2  ? 14.63351  5.78890   -23.07308 1.000 664.96450 ? -4 DT C C7    1 
ATOM 533 C C6    . DT C 3 2  ? 12.24032  5.79326   -23.70484 1.000 666.51530 ? -4 DT C C6    1 
ATOM 534 P P     . DG C 3 3  ? 6.52657   8.89262   -22.48670 1.000 668.36215 ? -3 DG C P     1 
ATOM 535 O OP1   . DG C 3 3  ? 6.33778   9.93119   -23.52538 1.000 666.80579 ? -3 DG C OP1   1 
ATOM 536 O OP2   . DG C 3 3  ? 7.07275   9.24528   -21.15530 1.000 668.02464 ? -3 DG C OP2   1 
ATOM 537 O "O5'" . DG C 3 3  ? 5.12617   8.15668   -22.25247 1.000 670.76770 ? -3 DG C "O5'" 1 
ATOM 538 C "C5'" . DG C 3 3  ? 4.43873   7.56885   -23.34630 1.000 671.46158 ? -3 DG C "C5'" 1 
ATOM 539 C "C4'" . DG C 3 3  ? 4.32611   6.06534   -23.16702 1.000 673.31393 ? -3 DG C "C4'" 1 
ATOM 540 O "O4'" . DG C 3 3  ? 5.65516   5.46986   -23.20157 1.000 672.73790 ? -3 DG C "O4'" 1 
ATOM 541 C "C3'" . DG C 3 3  ? 3.69523   5.61966   -21.84319 1.000 675.29553 ? -3 DG C "C3'" 1 
ATOM 542 O "O3'" . DG C 3 3  ? 2.80066   4.53106   -22.05747 1.000 677.12660 ? -3 DG C "O3'" 1 
ATOM 543 C "C2'" . DG C 3 3  ? 4.90301   5.18975   -21.02152 1.000 675.21682 ? -3 DG C "C2'" 1 
ATOM 544 C "C1'" . DG C 3 3  ? 5.79764   4.60726   -22.09893 1.000 674.31471 ? -3 DG C "C1'" 1 
ATOM 545 N N9    . DG C 3 3  ? 7.20156   4.55121   -21.70685 1.000 673.39854 ? -3 DG C N9    1 
ATOM 546 C C8    . DG C 3 3  ? 7.90469   5.51059   -21.02256 1.000 672.02661 ? -3 DG C C8    1 
ATOM 547 N N7    . DG C 3 3  ? 9.14411   5.17865   -20.78808 1.000 671.46396 ? -3 DG C N7    1 
ATOM 548 C C5    . DG C 3 3  ? 9.27090   3.91566   -21.35109 1.000 672.61670 ? -3 DG C C5    1 
ATOM 549 C C6    . DG C 3 3  ? 10.38663  3.04756   -21.39864 1.000 672.76499 ? -3 DG C C6    1 
ATOM 550 O O6    . DG C 3 3  ? 11.52702  3.23761   -20.95356 1.000 671.88464 ? -3 DG C O6    1 
ATOM 551 N N1    . DG C 3 3  ? 10.08222  1.85306   -22.04733 1.000 674.06247 ? -3 DG C N1    1 
ATOM 552 C C2    . DG C 3 3  ? 8.85394   1.53715   -22.57813 1.000 674.99516 ? -3 DG C C2    1 
ATOM 553 N N2    . DG C 3 3  ? 8.75188   0.33627   -23.16710 1.000 676.01066 ? -3 DG C N2    1 
ATOM 554 N N3    . DG C 3 3  ? 7.79830   2.34023   -22.53498 1.000 674.91300 ? -3 DG C N3    1 
ATOM 555 C C4    . DG C 3 3  ? 8.08033   3.51003   -21.91114 1.000 673.74834 ? -3 DG C C4    1 
ATOM 556 P P     . DC C 3 4  ? 2.20352   3.71311   -20.80497 1.000 714.09031 ? -2 DC C P     1 
ATOM 557 O OP1   . DC C 3 4  ? 0.88956   3.18396   -21.23291 1.000 718.10915 ? -2 DC C OP1   1 
ATOM 558 O OP2   . DC C 3 4  ? 2.27681   4.55869   -19.58903 1.000 714.48345 ? -2 DC C OP2   1 
ATOM 559 O "O5'" . DC C 3 4  ? 3.20929   2.47468   -20.63750 1.000 714.32115 ? -2 DC C "O5'" 1 
ATOM 560 C "C5'" . DC C 3 4  ? 3.19823   1.43932   -21.60884 1.000 717.28568 ? -2 DC C "C5'" 1 
ATOM 561 C "C4'" . DC C 3 4  ? 4.30554   0.41763   -21.38175 1.000 716.76199 ? -2 DC C "C4'" 1 
ATOM 562 O "O4'" . DC C 3 4  ? 5.55633   1.06371   -21.04194 1.000 712.12162 ? -2 DC C "O4'" 1 
ATOM 563 C "C3'" . DC C 3 4  ? 4.05092   -0.61379  -20.27461 1.000 720.64318 ? -2 DC C "C3'" 1 
ATOM 564 O "O3'" . DC C 3 4  ? 4.22420   -1.90805  -20.81450 1.000 722.41851 ? -2 DC C "O3'" 1 
ATOM 565 C "C2'" . DC C 3 4  ? 5.13438   -0.29559  -19.23284 1.000 717.86052 ? -2 DC C "C2'" 1 
ATOM 566 C "C1'" . DC C 3 4  ? 6.23120   0.22460   -20.13630 1.000 712.68520 ? -2 DC C "C1'" 1 
ATOM 567 N N1    . DC C 3 4  ? 7.31226   1.01534   -19.46861 1.000 708.68237 ? -2 DC C N1    1 
ATOM 568 C C2    . DC C 3 4  ? 8.56592   0.42623   -19.21793 1.000 706.02368 ? -2 DC C C2    1 
ATOM 569 O O2    . DC C 3 4  ? 8.75039   -0.76505  -19.51130 1.000 707.23981 ? -2 DC C O2    1 
ATOM 570 N N3    . DC C 3 4  ? 9.54077   1.18072   -18.64617 1.000 702.11347 ? -2 DC C N3    1 
ATOM 571 C C4    . DC C 3 4  ? 9.30392   2.45996   -18.34453 1.000 700.79293 ? -2 DC C C4    1 
ATOM 572 N N4    . DC C 3 4  ? 10.29076  3.16603   -17.78224 1.000 697.37571 ? -2 DC C N4    1 
ATOM 573 C C5    . DC C 3 4  ? 8.04296   3.07206   -18.59971 1.000 703.55623 ? -2 DC C C5    1 
ATOM 574 C C6    . DC C 3 4  ? 7.09156   2.32426   -19.16480 1.000 707.45324 ? -2 DC C C6    1 
ATOM 575 P P     . DA C 3 5  ? 3.21354   -3.09106  -20.42979 1.000 750.33068 ? -1 DA C P     1 
ATOM 576 O OP1   . DA C 3 5  ? 2.79400   -3.74747  -21.68648 1.000 749.97110 ? -1 DA C OP1   1 
ATOM 577 O OP2   . DA C 3 5  ? 2.18924   -2.53636  -19.51765 1.000 751.43845 ? -1 DA C OP2   1 
ATOM 578 O "O5'" . DA C 3 5  ? 4.12898   -4.09701  -19.59935 1.000 751.51511 ? -1 DA C "O5'" 1 
ATOM 579 C "C5'" . DA C 3 5  ? 3.62165   -5.34803  -19.20389 1.000 753.46368 ? -1 DA C "C5'" 1 
ATOM 580 C "C4'" . DA C 3 5  ? 4.65293   -6.09039  -18.38795 1.000 754.39318 ? -1 DA C "C4'" 1 
ATOM 581 O "O4'" . DA C 3 5  ? 5.80652   -5.23151  -18.18632 1.000 752.99144 ? -1 DA C "O4'" 1 
ATOM 582 C "C3'" . DA C 3 5  ? 4.17847   -6.51202  -17.00605 1.000 756.58885 ? -1 DA C "C3'" 1 
ATOM 583 O "O3'" . DA C 3 5  ? 4.67769   -7.79768  -16.69364 1.000 757.89203 ? -1 DA C "O3'" 1 
ATOM 584 C "C2'" . DA C 3 5  ? 4.75252   -5.43537  -16.08653 1.000 756.10516 ? -1 DA C "C2'" 1 
ATOM 585 C "C1'" . DA C 3 5  ? 6.03342   -5.02601  -16.81076 1.000 754.02555 ? -1 DA C "C1'" 1 
ATOM 586 N N9    . DA C 3 5  ? 6.39184   -3.62166  -16.59993 1.000 752.40693 ? -1 DA C N9    1 
ATOM 587 C C8    . DA C 3 5  ? 5.55247   -2.54494  -16.65634 1.000 751.75516 ? -1 DA C C8    1 
ATOM 588 N N7    . DA C 3 5  ? 6.14204   -1.39832  -16.41211 1.000 750.17009 ? -1 DA C N7    1 
ATOM 589 C C5    . DA C 3 5  ? 7.46247   -1.74457  -16.17454 1.000 749.73549 ? -1 DA C C5    1 
ATOM 590 C C6    . DA C 3 5  ? 8.60486   -0.97893  -15.85639 1.000 748.10223 ? -1 DA C C6    1 
ATOM 591 N N6    . DA C 3 5  ? 8.58864   0.35255   -15.72399 1.000 746.44917 ? -1 DA C N6    1 
ATOM 592 N N1    . DA C 3 5  ? 9.77111   -1.63789  -15.68084 1.000 748.18337 ? -1 DA C N1    1 
ATOM 593 C C2    . DA C 3 5  ? 9.78639   -2.97009  -15.81545 1.000 749.81974 ? -1 DA C C2    1 
ATOM 594 N N3    . DA C 3 5  ? 8.78138   -3.79500  -16.11115 1.000 751.33740 ? -1 DA C N3    1 
ATOM 595 C C4    . DA C 3 5  ? 7.63486   -3.11268  -16.28001 1.000 751.18660 ? -1 DA C C4    1 
ATOM 596 P P     . DC C 3 6  ? 3.76583   -8.82902  -15.86860 1.000 695.86057 ? 0  DC C P     1 
ATOM 597 O OP1   . DC C 3 6  ? 4.41112   -10.16089 -15.94678 1.000 696.65971 ? 0  DC C OP1   1 
ATOM 598 O OP2   . DC C 3 6  ? 2.37274   -8.66840  -16.34409 1.000 695.94742 ? 0  DC C OP2   1 
ATOM 599 O "O5'" . DC C 3 6  ? 3.81979   -8.25959  -14.37407 1.000 697.01042 ? 0  DC C "O5'" 1 
ATOM 600 C "C5'" . DC C 3 6  ? 4.00728   -9.14323  -13.27932 1.000 699.03603 ? 0  DC C "C5'" 1 
ATOM 601 C "C4'" . DC C 3 6  ? 5.48214   -9.43214  -13.07085 1.000 698.70591 ? 0  DC C "C4'" 1 
ATOM 602 O "O4'" . DC C 3 6  ? 6.25795   -8.27077  -13.46288 1.000 696.56510 ? 0  DC C "O4'" 1 
ATOM 603 C "C3'" . DC C 3 6  ? 5.88355   -9.69688  -11.63274 1.000 700.43214 ? 0  DC C "C3'" 1 
ATOM 604 O "O3'" . DC C 3 6  ? 7.09846   -10.42491 -11.60817 1.000 700.53891 ? 0  DC C "O3'" 1 
ATOM 605 C "C2'" . DC C 3 6  ? 6.08051   -8.27995  -11.11437 1.000 699.38014 ? 0  DC C "C2'" 1 
ATOM 606 C "C1'" . DC C 3 6  ? 6.77078   -7.62869  -12.30762 1.000 696.82264 ? 0  DC C "C1'" 1 
ATOM 607 N N1    . DC C 3 6  ? 6.50952   -6.16662  -12.42474 1.000 695.17335 ? 0  DC C N1    1 
ATOM 608 C C2    . DC C 3 6  ? 7.58027   -5.26470  -12.38157 1.000 693.32909 ? 0  DC C C2    1 
ATOM 609 O O2    . DC C 3 6  ? 8.73063   -5.69962  -12.24040 1.000 693.17388 ? 0  DC C O2    1 
ATOM 610 N N3    . DC C 3 6  ? 7.32412   -3.93654  -12.48846 1.000 691.73184 ? 0  DC C N3    1 
ATOM 611 C C4    . DC C 3 6  ? 6.06844   -3.50871  -12.63678 1.000 692.06678 ? 0  DC C C4    1 
ATOM 612 N N4    . DC C 3 6  ? 5.86421   -2.19093  -12.74054 1.000 690.47462 ? 0  DC C N4    1 
ATOM 613 C C5    . DC C 3 6  ? 4.96609   -4.41343  -12.68551 1.000 694.00262 ? 0  DC C C5    1 
ATOM 614 C C6    . DC C 3 6  ? 5.23019   -5.71945  -12.57652 1.000 695.42557 ? 0  DC C C6    1 
ATOM 615 P P     . DG C 3 7  ? 7.61439   -11.10728 -10.24860 1.000 702.60372 ? 1  DG C P     1 
ATOM 616 O OP1   . DG C 3 7  ? 7.35783   -12.56077 -10.38147 1.000 704.12364 ? 1  DG C OP1   1 
ATOM 617 O OP2   . DG C 3 7  ? 7.05252   -10.36611 -9.09499  1.000 703.48339 ? 1  DG C OP2   1 
ATOM 618 O "O5'" . DG C 3 7  ? 9.19120   -10.83314 -10.27064 1.000 701.39909 ? 1  DG C "O5'" 1 
ATOM 619 C "C5'" . DG C 3 7  ? 9.69332   -9.64962  -10.88270 1.000 698.98811 ? 1  DG C "C5'" 1 
ATOM 620 C "C4'" . DG C 3 7  ? 10.49506  -8.82605  -9.89250  1.000 698.56570 ? 1  DG C "C4'" 1 
ATOM 621 O "O4'" . DG C 3 7  ? 10.21701  -7.41017  -10.09183 1.000 696.65366 ? 1  DG C "O4'" 1 
ATOM 622 C "C3'" . DG C 3 7  ? 10.19651  -9.11387  -8.42185  1.000 700.79202 ? 1  DG C "C3'" 1 
ATOM 623 O "O3'" . DG C 3 7  ? 11.41282  -9.13065  -7.68766  1.000 700.85684 ? 1  DG C "O3'" 1 
ATOM 624 C "C2'" . DG C 3 7  ? 9.30998   -7.93884  -8.01934  1.000 700.29726 ? 1  DG C "C2'" 1 
ATOM 625 C "C1'" . DG C 3 7  ? 9.89887   -6.81824  -8.85474  1.000 697.41723 ? 1  DG C "C1'" 1 
ATOM 626 N N9    . DG C 3 7  ? 8.95774   -5.72642  -9.07949  1.000 696.38736 ? 1  DG C N9    1 
ATOM 627 C C8    . DG C 3 7  ? 7.59712   -5.83810  -9.22094  1.000 697.46457 ? 1  DG C C8    1 
ATOM 628 N N7    . DG C 3 7  ? 6.99549   -4.69748  -9.39559  1.000 696.25980 ? 1  DG C N7    1 
ATOM 629 C C5    . DG C 3 7  ? 8.02062   -3.76301  -9.37133  1.000 694.12200 ? 1  DG C C5    1 
ATOM 630 C C6    . DG C 3 7  ? 7.96763   -2.35724  -9.51381  1.000 692.00897 ? 1  DG C C6    1 
ATOM 631 O O6    . DG C 3 7  ? 6.97090   -1.64299  -9.69624  1.000 691.74341 ? 1  DG C O6    1 
ATOM 632 N N1    . DG C 3 7  ? 9.23147   -1.78158  -9.42384  1.000 690.04461 ? 1  DG C N1    1 
ATOM 633 C C2    . DG C 3 7  ? 10.40159  -2.47664  -9.22502  1.000 690.22369 ? 1  DG C C2    1 
ATOM 634 N N2    . DG C 3 7  ? 11.51982  -1.73678  -9.16165  1.000 688.07766 ? 1  DG C N2    1 
ATOM 635 N N3    . DG C 3 7  ? 10.46820  -3.80144  -9.08939  1.000 692.33656 ? 1  DG C N3    1 
ATOM 636 C C4    . DG C 3 7  ? 9.23958   -4.37674  -9.17223  1.000 694.15205 ? 1  DG C C4    1 
ATOM 637 P P     . DT C 3 8  ? 11.45655  -9.62597  -6.15719  1.000 703.26336 ? 2  DT C P     1 
ATOM 638 O OP1   . DT C 3 8  ? 11.83996  -11.05588 -6.16274  1.000 704.98561 ? 2  DT C OP1   1 
ATOM 639 O OP2   . DT C 3 8  ? 10.22686  -9.20691  -5.44530  1.000 704.33503 ? 2  DT C OP2   1 
ATOM 640 O "O5'" . DT C 3 8  ? 12.65536  -8.77129  -5.54097  1.000 701.91794 ? 2  DT C "O5'" 1 
ATOM 641 C "C5'" . DT C 3 8  ? 13.42132  -7.92749  -6.38524  1.000 699.16563 ? 2  DT C "C5'" 1 
ATOM 642 C "C4'" . DT C 3 8  ? 13.30146  -6.47191  -5.96197  1.000 697.38620 ? 2  DT C "C4'" 1 
ATOM 643 O "O4'" . DT C 3 8  ? 12.07853  -5.90302  -6.46381  1.000 696.91707 ? 2  DT C "O4'" 1 
ATOM 644 C "C3'" . DT C 3 8  ? 13.26141  -6.22807  -4.45648  1.000 698.57923 ? 2  DT C "C3'" 1 
ATOM 645 O "O3'" . DT C 3 8  ? 14.56217  -5.86987  -3.99222  1.000 697.37221 ? 2  DT C "O3'" 1 
ATOM 646 C "C2'" . DT C 3 8  ? 12.25081  -5.06999  -4.28416  1.000 697.65282 ? 2  DT C "C2'" 1 
ATOM 647 C "C1'" . DT C 3 8  ? 11.81924  -4.74488  -5.71544  1.000 696.02998 ? 2  DT C "C1'" 1 
ATOM 648 N N1    . DT C 3 8  ? 10.36663  -4.38854  -5.84628  1.000 696.61010 ? 2  DT C N1    1 
ATOM 649 C C2    . DT C 3 8  ? 10.00972  -3.07652  -6.09547  1.000 694.56914 ? 2  DT C C2    1 
ATOM 650 O O2    . DT C 3 8  ? 10.82147  -2.17476  -6.22289  1.000 692.14934 ? 2  DT C O2    1 
ATOM 651 N N3    . DT C 3 8  ? 8.65605   -2.86239  -6.19831  1.000 695.44023 ? 2  DT C N3    1 
ATOM 652 C C4    . DT C 3 8  ? 7.65096   -3.80554  -6.07464  1.000 697.99661 ? 2  DT C C4    1 
ATOM 653 O O4    . DT C 3 8  ? 6.46310   -3.51814  -6.18082  1.000 698.60395 ? 2  DT C O4    1 
ATOM 654 C C5    . DT C 3 8  ? 8.09531   -5.15364  -5.81017  1.000 699.86535 ? 2  DT C C5    1 
ATOM 655 C C7    . DT C 3 8  ? 7.09424   -6.25806  -5.65646  1.000 702.46597 ? 2  DT C C7    1 
ATOM 656 C C6    . DT C 3 8  ? 9.41347   -5.37641  -5.70639  1.000 699.14512 ? 2  DT C C6    1 
ATOM 657 P P     . DG C 3 9  ? 14.79722  -5.47768  -2.45190  1.000 698.00210 ? 3  DG C P     1 
ATOM 658 O OP1   . DG C 3 9  ? 16.22767  -5.70602  -2.15411  1.000 697.51634 ? 3  DG C OP1   1 
ATOM 659 O OP2   . DG C 3 9  ? 13.77078  -6.16442  -1.63512  1.000 700.98580 ? 3  DG C OP2   1 
ATOM 660 O "O5'" . DG C 3 9  ? 14.51122  -3.90396  -2.41886  1.000 695.30569 ? 3  DG C "O5'" 1 
ATOM 661 C "C5'" . DG C 3 9  ? 14.24544  -3.25162  -1.18794  1.000 695.41557 ? 3  DG C "C5'" 1 
ATOM 662 C "C4'" . DG C 3 9  ? 14.32164  -1.74423  -1.35189  1.000 692.10823 ? 3  DG C "C4'" 1 
ATOM 663 O "O4'" . DG C 3 9  ? 13.37490  -1.31731  -2.36658  1.000 691.37733 ? 3  DG C "O4'" 1 
ATOM 664 C "C3'" . DG C 3 9  ? 13.96641  -0.94428  -0.10825  1.000 691.81121 ? 3  DG C "C3'" 1 
ATOM 665 O "O3'" . DG C 3 9  ? 14.63473  0.30828   -0.13731  1.000 688.25434 ? 3  DG C "O3'" 1 
ATOM 666 C "C2'" . DG C 3 9  ? 12.45719  -0.77608  -0.25372  1.000 693.04769 ? 3  DG C "C2'" 1 
ATOM 667 C "C1'" . DG C 3 9  ? 12.30305  -0.60542  -1.76514  1.000 691.60985 ? 3  DG C "C1'" 1 
ATOM 668 N N9    . DG C 3 9  ? 11.04886  -1.13705  -2.30018  1.000 693.61968 ? 3  DG C N9    1 
ATOM 669 C C8    . DG C 3 9  ? 10.74036  -2.45959  -2.49327  1.000 696.28002 ? 3  DG C C8    1 
ATOM 670 N N7    . DG C 3 9  ? 9.55708   -2.65115  -3.00049  1.000 697.38784 ? 3  DG C N7    1 
ATOM 671 C C5    . DG C 3 9  ? 9.04263   -1.37099  -3.16285  1.000 695.51572 ? 3  DG C C5    1 
ATOM 672 C C6    . DG C 3 9  ? 7.79104   -0.95232  -3.67169  1.000 695.70826 ? 3  DG C C6    1 
ATOM 673 O O6    . DG C 3 9  ? 6.86384   -1.65392  -4.09330  1.000 697.52266 ? 3  DG C O6    1 
ATOM 674 N N1    . DG C 3 9  ? 7.66406   0.43472   -3.66034  1.000 693.40669 ? 3  DG C N1    1 
ATOM 675 C C2    . DG C 3 9  ? 8.62823   1.30891   -3.22082  1.000 690.97290 ? 3  DG C C2    1 
ATOM 676 N N2    . DG C 3 9  ? 8.32215   2.61568   -3.29444  1.000 688.76209 ? 3  DG C N2    1 
ATOM 677 N N3    . DG C 3 9  ? 9.81006   0.93048   -2.73991  1.000 690.64957 ? 3  DG C N3    1 
ATOM 678 C C4    . DG C 3 9  ? 9.94726   -0.42278  -2.74049  1.000 693.11252 ? 3  DG C C4    1 
ATOM 679 P P     . DC C 3 10 ? 14.96497  1.09076   1.22636   1.000 686.98259 ? 4  DC C P     1 
ATOM 680 O OP1   . DC C 3 10 ? 15.96655  2.12596   0.89192   1.000 683.09009 ? 4  DC C OP1   1 
ATOM 681 O OP2   . DC C 3 10 ? 15.27041  0.07527   2.25891   1.000 689.75622 ? 4  DC C OP2   1 
ATOM 682 O "O5'" . DC C 3 10 ? 13.58905  1.82251   1.60440   1.000 687.15513 ? 4  DC C "O5'" 1 
ATOM 683 C "C5'" . DC C 3 10 ? 13.11226  2.90889   0.80515   1.000 684.66587 ? 4  DC C "C5'" 1 
ATOM 684 C "C4'" . DC C 3 10 ? 11.67286  3.25177   1.15315   1.000 685.95936 ? 4  DC C "C4'" 1 
ATOM 685 O "O4'" . DC C 3 10 ? 10.77437  2.42613   0.38779   1.000 688.60997 ? 4  DC C "O4'" 1 
ATOM 686 C "C3'" . DC C 3 10 ? 11.28956  3.02698   2.61668   1.000 687.90612 ? 4  DC C "C3'" 1 
ATOM 687 O "O3'" . DC C 3 10 ? 11.19113  4.27678   3.29592   1.000 685.25681 ? 4  DC C "O3'" 1 
ATOM 688 C "C2'" . DC C 3 10 ? 9.92852   2.30831   2.55619   1.000 691.53442 ? 4  DC C "C2'" 1 
ATOM 689 C "C1'" . DC C 3 10 ? 9.55740   2.35798   1.07784   1.000 690.90954 ? 4  DC C "C1'" 1 
ATOM 690 N N1    . DC C 3 10 ? 8.83060   1.14795   0.62969   1.000 694.22843 ? 4  DC C N1    1 
ATOM 691 C C2    . DC C 3 10 ? 7.62014   1.26778   -0.06754  1.000 695.03625 ? 4  DC C C2    1 
ATOM 692 O O2    . DC C 3 10 ? 7.15109   2.38686   -0.30229  1.000 693.17992 ? 4  DC C O2    1 
ATOM 693 N N3    . DC C 3 10 ? 6.97057   0.14224   -0.44534  1.000 697.79954 ? 4  DC C N3    1 
ATOM 694 C C4    . DC C 3 10 ? 7.49371   -1.05316  -0.16778  1.000 699.67334 ? 4  DC C C4    1 
ATOM 695 N N4    . DC C 3 10 ? 6.82462   -2.13336  -0.56838  1.000 702.04377 ? 4  DC C N4    1 
ATOM 696 C C5    . DC C 3 10 ? 8.72120   -1.19324  0.53908   1.000 699.10083 ? 4  DC C C5    1 
ATOM 697 C C6    . DC C 3 10 ? 9.34518   -0.07861  0.91777   1.000 696.38796 ? 4  DC C C6    1 
ATOM 698 P P     . DT C 3 11 ? 10.75826  4.32471   4.84366   1.000 686.50713 ? 5  DT C P     1 
ATOM 699 O OP1   . DT C 3 11 ? 11.35821  5.54113   5.43653   1.000 682.46761 ? 5  DT C OP1   1 
ATOM 700 O OP2   . DT C 3 11 ? 11.05755  2.99517   5.42321   1.000 689.91210 ? 5  DT C OP2   1 
ATOM 701 O "O5'" . DT C 3 11 ? 9.16506   4.50611   4.80014   1.000 686.74681 ? 5  DT C "O5'" 1 
ATOM 702 C "C5'" . DT C 3 11 ? 8.59669   5.72572   4.32804   1.000 683.41157 ? 5  DT C "C5'" 1 
ATOM 703 C "C4'" . DT C 3 11 ? 7.09523   5.58783   4.10355   1.000 679.94653 ? 5  DT C "C4'" 1 
ATOM 704 O "O4'" . DT C 3 11 ? 6.77683   4.26199   3.61872   1.000 683.78112 ? 5  DT C "O4'" 1 
ATOM 705 C "C3'" . DT C 3 11 ? 6.21588   5.80889   5.33958   1.000 673.02707 ? 5  DT C "C3'" 1 
ATOM 706 O "O3'" . DT C 3 11 ? 5.34940   6.90872   5.09857   1.000 668.54025 ? 5  DT C "O3'" 1 
ATOM 707 C "C2'" . DT C 3 11 ? 5.43356   4.48900   5.49079   1.000 673.60862 ? 5  DT C "C2'" 1 
ATOM 708 C "C1'" . DT C 3 11 ? 5.49909   3.91483   4.08630   1.000 679.48724 ? 5  DT C "C1'" 1 
ATOM 709 N N1    . DT C 3 11 ? 5.35539   2.41968   4.02643   1.000 683.04065 ? 5  DT C N1    1 
ATOM 710 C C2    . DT C 3 11 ? 4.28881   1.86352   3.33995   1.000 683.44747 ? 5  DT C C2    1 
ATOM 711 O O2    . DT C 3 11 ? 3.43918   2.52901   2.77053   1.000 681.06433 ? 5  DT C O2    1 
ATOM 712 N N3    . DT C 3 11 ? 4.25989   0.48767   3.34612   1.000 686.88714 ? 5  DT C N3    1 
ATOM 713 C C4    . DT C 3 11 ? 5.17197   -0.36001  3.95656   1.000 689.93727 ? 5  DT C C4    1 
ATOM 714 O O4    . DT C 3 11 ? 5.07001   -1.57974  3.91233   1.000 693.01158 ? 5  DT C O4    1 
ATOM 715 C C5    . DT C 3 11 ? 6.25605   0.29092   4.65442   1.000 689.34576 ? 5  DT C C5    1 
ATOM 716 C C7    . DT C 3 11 ? 7.29943   -0.52673  5.35184   1.000 692.59280 ? 5  DT C C7    1 
ATOM 717 C C6    . DT C 3 11 ? 6.29529   1.62887   4.65519   1.000 685.95238 ? 5  DT C C6    1 
ATOM 718 P P     . DG C 3 12 ? 4.52590   7.59202   6.29760   1.000 660.83184 ? 6  DG C P     1 
ATOM 719 O OP1   . DG C 3 12 ? 4.78802   9.05204   6.24644   1.000 658.18772 ? 6  DG C OP1   1 
ATOM 720 O OP2   . DG C 3 12 ? 4.81326   6.84001   7.54199   1.000 659.73161 ? 6  DG C OP2   1 
ATOM 721 O "O5'" . DG C 3 12 ? 2.99635   7.32122   5.90476   1.000 658.40981 ? 6  DG C "O5'" 1 
ATOM 722 C "C5'" . DG C 3 12 ? 2.67931   6.62464   4.70332   1.000 662.91786 ? 6  DG C "C5'" 1 
ATOM 723 C "C4'" . DG C 3 12 ? 1.30737   5.98864   4.80245   1.000 660.41582 ? 6  DG C "C4'" 1 
ATOM 724 O "O4'" . DG C 3 12 ? 1.42336   4.54115   4.72067   1.000 664.55637 ? 6  DG C "O4'" 1 
ATOM 725 C "C3'" . DG C 3 12 ? 0.55963   6.29988   6.09404   1.000 653.71659 ? 6  DG C "C3'" 1 
ATOM 726 O "O3'" . DG C 3 12 ? -0.77330  6.69469   5.79527   1.000 650.13541 ? 6  DG C "O3'" 1 
ATOM 727 C "C2'" . DG C 3 12 ? 0.61665   4.98693   6.87774   1.000 654.80174 ? 6  DG C "C2'" 1 
ATOM 728 C "C1'" . DG C 3 12 ? 0.70945   3.93981   5.77597   1.000 660.97828 ? 6  DG C "C1'" 1 
ATOM 729 N N9    . DG C 3 12 ? 1.42927   2.73912   6.19281   1.000 664.76594 ? 6  DG C N9    1 
ATOM 730 C C8    . DG C 3 12 ? 2.57296   2.69127   6.95446   1.000 665.79909 ? 6  DG C C8    1 
ATOM 731 N N7    . DG C 3 12 ? 2.99534   1.48135   7.18167   1.000 669.49953 ? 6  DG C N7    1 
ATOM 732 C C5    . DG C 3 12 ? 2.07729   0.67011   6.52747   1.000 670.99401 ? 6  DG C C5    1 
ATOM 733 C C6    . DG C 3 12 ? 2.02635   -0.73753  6.42397   1.000 674.92265 ? 6  DG C C6    1 
ATOM 734 O O6    . DG C 3 12 ? 2.80811   -1.56532  6.90711   1.000 677.97932 ? 6  DG C O6    1 
ATOM 735 N N1    . DG C 3 12 ? 0.93336   -1.16475  5.67270   1.000 675.22151 ? 6  DG C N1    1 
ATOM 736 C C2    . DG C 3 12 ? 0.00652   -0.33316  5.09217   1.000 672.16936 ? 6  DG C C2    1 
ATOM 737 N N2    . DG C 3 12 ? -0.98039  -0.93292  4.40827   1.000 673.10875 ? 6  DG C N2    1 
ATOM 738 N N3    . DG C 3 12 ? 0.04013   0.99557   5.18144   1.000 668.50913 ? 6  DG C N3    1 
ATOM 739 C C4    . DG C 3 12 ? 1.10289   1.42535   5.91288   1.000 668.11555 ? 6  DG C C4    1 
ATOM 740 P P     . DT C 3 13 ? -1.75959  7.18569   6.96419   1.000 642.84333 ? 7  DT C P     1 
ATOM 741 O OP1   . DT C 3 13 ? -2.89935  7.88441   6.32560   1.000 640.19027 ? 7  DT C OP1   1 
ATOM 742 O OP2   . DT C 3 13 ? -0.94998  7.89018   7.98333   1.000 640.12285 ? 7  DT C OP2   1 
ATOM 743 O "O5'" . DT C 3 13 ? -2.26765  5.81879   7.61620   1.000 642.99158 ? 7  DT C "O5'" 1 
ATOM 744 C "C5'" . DT C 3 13 ? -3.62338  5.65989   7.95793   1.000 638.97566 ? 7  DT C "C5'" 1 
ATOM 745 C "C4'" . DT C 3 13 ? -4.22526  4.46984   7.23151   1.000 642.63384 ? 7  DT C "C4'" 1 
ATOM 746 O "O4'" . DT C 3 13 ? -3.18132  3.70392   6.57251   1.000 649.11246 ? 7  DT C "O4'" 1 
ATOM 747 C "C3'" . DT C 3 13 ? -4.92233  3.47062   8.12813   1.000 640.87682 ? 7  DT C "C3'" 1 
ATOM 748 O "O3'" . DT C 3 13 ? -6.25726  3.88649   8.36913   1.000 635.90079 ? 7  DT C "O3'" 1 
ATOM 749 C "C2'" . DT C 3 13 ? -4.87244  2.20428   7.28150   1.000 646.72434 ? 7  DT C "C2'" 1 
ATOM 750 C "C1'" . DT C 3 13 ? -3.50866  2.31639   6.60588   1.000 651.75756 ? 7  DT C "C1'" 1 
ATOM 751 N N1    . DT C 3 13 ? -2.41440  1.58310   7.32869   1.000 654.35534 ? 7  DT C N1    1 
ATOM 752 C C2    . DT C 3 13 ? -2.30613  0.19986   7.22633   1.000 658.59596 ? 7  DT C C2    1 
ATOM 753 O O2    . DT C 3 13 ? -3.06646  -0.48928  6.56649   1.000 660.37143 ? 7  DT C O2    1 
ATOM 754 N N3    . DT C 3 13 ? -1.25292  -0.33929  7.93842   1.000 660.76406 ? 7  DT C N3    1 
ATOM 755 C C4    . DT C 3 13 ? -0.32914  0.35210   8.70833   1.000 659.15393 ? 7  DT C C4    1 
ATOM 756 O O4    . DT C 3 13 ? 0.57592   -0.20298  9.31742   1.000 661.38192 ? 7  DT C O4    1 
ATOM 757 C C5    . DT C 3 13 ? -0.51494  1.77896   8.76826   1.000 654.65133 ? 7  DT C C5    1 
ATOM 758 C C7    . DT C 3 13 ? 0.41799   2.62542   9.57966   1.000 652.55582 ? 7  DT C C7    1 
ATOM 759 C C6    . DT C 3 13 ? -1.52844  2.31373   8.08452   1.000 652.53997 ? 7  DT C C6    1 
ATOM 760 P P     . DC D 4 1  ? -22.15116 13.94256  13.46199  1.000 759.39432 ? 7  DC D P     1 
ATOM 761 O OP1   . DC D 4 1  ? -23.26891 13.04462  13.82695  1.000 762.06666 ? 7  DC D OP1   1 
ATOM 762 O OP2   . DC D 4 1  ? -21.43101 14.69547  14.51295  1.000 758.23327 ? 7  DC D OP2   1 
ATOM 763 O "O5'" . DC D 4 1  ? -22.65510 14.98633  12.35940  1.000 758.04688 ? 7  DC D "O5'" 1 
ATOM 764 C "C5'" . DC D 4 1  ? -22.14046 16.31376  12.34556  1.000 755.81224 ? 7  DC D "C5'" 1 
ATOM 765 C "C4'" . DC D 4 1  ? -21.63440 16.67621  10.96096  1.000 753.90032 ? 7  DC D "C4'" 1 
ATOM 766 O "O4'" . DC D 4 1  ? -20.18778 16.59527  10.94396  1.000 752.17620 ? 7  DC D "O4'" 1 
ATOM 767 C "C3'" . DC D 4 1  ? -22.10399 15.74756  9.85407   1.000 754.97283 ? 7  DC D "C3'" 1 
ATOM 768 O "O3'" . DC D 4 1  ? -23.30646 16.23597  9.28608   1.000 755.54064 ? 7  DC D "O3'" 1 
ATOM 769 C "C2'" . DC D 4 1  ? -20.94964 15.79867  8.85884   1.000 752.87798 ? 7  DC D "C2'" 1 
ATOM 770 C "C1'" . DC D 4 1  ? -19.74453 15.91234  9.78732   1.000 751.74340 ? 7  DC D "C1'" 1 
ATOM 771 N N1    . DC D 4 1  ? -19.15814 14.58963  10.20734  1.000 752.98078 ? 7  DC D N1    1 
ATOM 772 C C2    . DC D 4 1  ? -18.39493 13.84689  9.29778   1.000 752.50238 ? 7  DC D C2    1 
ATOM 773 O O2    . DC D 4 1  ? -18.22247 14.28679  8.15539   1.000 751.01511 ? 7  DC D O2    1 
ATOM 774 N N3    . DC D 4 1  ? -17.86989 12.66034  9.69518   1.000 753.74955 ? 7  DC D N3    1 
ATOM 775 C C4    . DC D 4 1  ? -18.07891 12.21982  10.93706  1.000 755.33951 ? 7  DC D C4    1 
ATOM 776 N N4    . DC D 4 1  ? -17.54051 11.04696  11.28190  1.000 756.57871 ? 7  DC D N4    1 
ATOM 777 C C5    . DC D 4 1  ? -18.84903 12.96312  11.88013  1.000 755.78099 ? 7  DC D C5    1 
ATOM 778 C C6    . DC D 4 1  ? -19.36126 14.13017  11.47770  1.000 754.59863 ? 7  DC D C6    1 
ATOM 779 P P     . DT D 4 2  ? -24.37343 15.19807  8.68750   1.000 757.86641 ? 8  DT D P     1 
ATOM 780 O OP1   . DT D 4 2  ? -25.05404 15.84548  7.54189   1.000 757.28234 ? 8  DT D OP1   1 
ATOM 781 O OP2   . DT D 4 2  ? -25.16062 14.65018  9.81610   1.000 760.09986 ? 8  DT D OP2   1 
ATOM 782 O "O5'" . DT D 4 2  ? -23.45201 14.02106  8.13348   1.000 758.04979 ? 8  DT D "O5'" 1 
ATOM 783 C "C5'" . DT D 4 2  ? -23.96834 12.72436  7.99786   1.000 760.47525 ? 8  DT D "C5'" 1 
ATOM 784 C "C4'" . DT D 4 2  ? -22.93515 11.80916  7.37670   1.000 760.32540 ? 8  DT D "C4'" 1 
ATOM 785 O "O4'" . DT D 4 2  ? -21.89345 11.53379  8.33559   1.000 759.87323 ? 8  DT D "O4'" 1 
ATOM 786 C "C3'" . DT D 4 2  ? -23.47953 10.45316  6.94680   1.000 762.96920 ? 8  DT D "C3'" 1 
ATOM 787 O "O3'" . DT D 4 2  ? -23.49979 10.36675  5.53530   1.000 762.62501 ? 8  DT D "O3'" 1 
ATOM 788 C "C2'" . DT D 4 2  ? -22.52477 9.42266   7.56998   1.000 763.74498 ? 8  DT D "C2'" 1 
ATOM 789 C "C1'" . DT D 4 2  ? -21.36111 10.26327  8.07067   1.000 761.11081 ? 8  DT D "C1'" 1 
ATOM 790 N N1    . DT D 4 2  ? -20.74684 9.73938   9.32989   1.000 761.71908 ? 8  DT D N1    1 
ATOM 791 C C2    . DT D 4 2  ? -19.60204 8.97199   9.26272   1.000 761.51386 ? 8  DT D C2    1 
ATOM 792 O O2    . DT D 4 2  ? -19.05013 8.68555   8.21534   1.000 760.85967 ? 8  DT D O2    1 
ATOM 793 N N3    . DT D 4 2  ? -19.12467 8.54958   10.47924  1.000 762.13049 ? 8  DT D N3    1 
ATOM 794 C C4    . DT D 4 2  ? -19.66711 8.81282   11.72500  1.000 762.92613 ? 8  DT D C4    1 
ATOM 795 O O4    . DT D 4 2  ? -19.16711 8.39154   12.76287  1.000 763.46338 ? 8  DT D O4    1 
ATOM 796 C C5    . DT D 4 2  ? -20.86356 9.62151   11.72043  1.000 763.09939 ? 8  DT D C5    1 
ATOM 797 C C7    . DT D 4 2  ? -21.54069 9.97288   13.01201  1.000 763.96605 ? 8  DT D C7    1 
ATOM 798 C C6    . DT D 4 2  ? -21.33886 10.03891  10.53879  1.000 762.49245 ? 8  DT D C6    1 
ATOM 799 P P     . DG D 4 3  ? -24.59787 9.44747   4.81158   1.000 765.24944 ? 9  DG D P     1 
ATOM 800 O OP1   . DG D 4 3  ? -25.08829 10.17195  3.61886   1.000 764.21367 ? 9  DG D OP1   1 
ATOM 801 O OP2   . DG D 4 3  ? -25.55974 9.01789   5.85332   1.000 767.38876 ? 9  DG D OP2   1 
ATOM 802 O "O5'" . DG D 4 3  ? -23.76298 8.17076   4.33388   1.000 766.38738 ? 9  DG D "O5'" 1 
ATOM 803 C "C5'" . DG D 4 3  ? -22.61214 8.34155   3.51166   1.000 764.44936 ? 9  DG D "C5'" 1 
ATOM 804 C "C4'" . DG D 4 3  ? -21.89098 7.02061   3.32312   1.000 765.98288 ? 9  DG D "C4'" 1 
ATOM 805 O "O4'" . DG D 4 3  ? -20.79959 6.92576   4.27039   1.000 765.00465 ? 9  DG D "O4'" 1 
ATOM 806 C "C3'" . DG D 4 3  ? -22.75397 5.79144   3.55798   1.000 769.51056 ? 9  DG D "C3'" 1 
ATOM 807 O "O3'" . DG D 4 3  ? -23.35579 5.38339   2.32124   1.000 770.80092 ? 9  DG D "O3'" 1 
ATOM 808 C "C2'" . DG D 4 3  ? -21.75017 4.76147   4.06967   1.000 770.44881 ? 9  DG D "C2'" 1 
ATOM 809 C "C1'" . DG D 4 3  ? -20.72010 5.61603   4.80384   1.000 767.58171 ? 9  DG D "C1'" 1 
ATOM 810 N N9    . DG D 4 3  ? -20.91960 5.69994   6.25094   1.000 768.04643 ? 9  DG D N9    1 
ATOM 811 C C8    . DG D 4 3  ? -21.94260 6.33403   6.90615   1.000 768.30157 ? 9  DG D C8    1 
ATOM 812 N N7    . DG D 4 3  ? -21.84915 6.27168   8.20523   1.000 768.68253 ? 9  DG D N7    1 
ATOM 813 C C5    . DG D 4 3  ? -20.68708 5.54918   8.42797   1.000 768.65672 ? 9  DG D C5    1 
ATOM 814 C C6    . DG D 4 3  ? -20.07615 5.16079   9.64320   1.000 768.98886 ? 9  DG D C6    1 
ATOM 815 O O6    . DG D 4 3  ? -20.45926 5.39109   10.79777  1.000 769.41732 ? 9  DG D O6    1 
ATOM 816 N N1    . DG D 4 3  ? -18.90681 4.43656   9.42595   1.000 768.78609 ? 9  DG D N1    1 
ATOM 817 C C2    . DG D 4 3  ? -18.39379 4.12673   8.18816   1.000 768.33060 ? 9  DG D C2    1 
ATOM 818 N N2    . DG D 4 3  ? -17.25343 3.41807   8.17559   1.000 768.16467 ? 9  DG D N2    1 
ATOM 819 N N3    . DG D 4 3  ? -18.95885 4.48568   7.03926   1.000 768.06005 ? 9  DG D N3    1 
ATOM 820 C C4    . DG D 4 3  ? -20.09795 5.19208   7.23559   1.000 768.23925 ? 9  DG D C4    1 
ATOM 821 P P     . DT D 4 4  ? -23.95136 3.89938   2.13557   1.000 774.50819 ? 10 DT D P     1 
ATOM 822 O OP1   . DT D 4 4  ? -24.82904 3.93483   0.94406   1.000 775.18035 ? 10 DT D OP1   1 
ATOM 823 O OP2   . DT D 4 4  ? -24.49477 3.44419   3.43672   1.000 776.23050 ? 10 DT D OP2   1 
ATOM 824 O "O5'" . DT D 4 4  ? -22.67030 3.00725   1.77197   1.000 774.91606 ? 10 DT D "O5'" 1 
ATOM 825 C "C5'" . DT D 4 4  ? -22.62732 1.63695   2.15095   1.000 777.94685 ? 10 DT D "C5'" 1 
ATOM 826 C "C4'" . DT D 4 4  ? -21.20248 1.10406   2.13057   1.000 777.38990 ? 10 DT D "C4'" 1 
ATOM 827 O "O4'" . DT D 4 4  ? -20.46588 1.63277   3.26934   1.000 775.33001 ? 10 DT D "O4'" 1 
ATOM 828 C "C3'" . DT D 4 4  ? -21.09869 -0.40698  2.24748   1.000 780.78279 ? 10 DT D "C3'" 1 
ATOM 829 O "O3'" . DT D 4 4  ? -19.94844 -0.89159  1.56770   1.000 780.32428 ? 10 DT D "O3'" 1 
ATOM 830 C "C2'" . DT D 4 4  ? -20.99152 -0.61713  3.74894   1.000 781.21267 ? 10 DT D "C2'" 1 
ATOM 831 C "C1'" . DT D 4 4  ? -20.19223 0.59909   4.20463   1.000 777.38117 ? 10 DT D "C1'" 1 
ATOM 832 N N1    . DT D 4 4  ? -20.59665 1.07682   5.56769   1.000 777.02886 ? 10 DT D N1    1 
ATOM 833 C C2    . DT D 4 4  ? -19.82703 0.76401   6.68123   1.000 776.84889 ? 10 DT D C2    1 
ATOM 834 O O2    . DT D 4 4  ? -18.79834 0.11405   6.62536   1.000 776.83539 ? 10 DT D O2    1 
ATOM 835 N N3    . DT D 4 4  ? -20.32149 1.26126   7.87084   1.000 776.63888 ? 10 DT D N3    1 
ATOM 836 C C4    . DT D 4 4  ? -21.47751 2.00963   8.04160   1.000 776.56063 ? 10 DT D C4    1 
ATOM 837 O O4    . DT D 4 4  ? -21.84964 2.41739   9.13293   1.000 776.39361 ? 10 DT D O4    1 
ATOM 838 C C5    . DT D 4 4  ? -22.22028 2.28759   6.84061   1.000 776.66150 ? 10 DT D C5    1 
ATOM 839 C C7    . DT D 4 4  ? -23.48589 3.08936   6.90927   1.000 776.46967 ? 10 DT D C7    1 
ATOM 840 C C6    . DT D 4 4  ? -21.75391 1.81005   5.68414   1.000 776.92574 ? 10 DT D C6    1 
ATOM 841 P P     . DG D 4 5  ? -19.87053 -2.44012  1.14051   1.000 779.38654 ? 11 DG D P     1 
ATOM 842 O OP1   . DG D 4 5  ? -18.69736 -2.60884  0.25575   1.000 778.31128 ? 11 DG D OP1   1 
ATOM 843 O OP2   . DG D 4 5  ? -21.20871 -2.83630  0.64630   1.000 778.80639 ? 11 DG D OP2   1 
ATOM 844 O "O5'" . DG D 4 5  ? -19.60995 -3.20822  2.52352   1.000 780.29116 ? 11 DG D "O5'" 1 
ATOM 845 C "C5'" . DG D 4 5  ? -18.41785 -2.95663  3.26596   1.000 781.07017 ? 11 DG D "C5'" 1 
ATOM 846 C "C4'" . DG D 4 5  ? -18.52877 -3.49444  4.68569   1.000 782.18096 ? 11 DG D "C4'" 1 
ATOM 847 O "O4'" . DG D 4 5  ? -19.12147 -2.50716  5.54930   1.000 783.11877 ? 11 DG D "O4'" 1 
ATOM 848 C "C3'" . DG D 4 5  ? -19.42586 -4.70514  4.84906   1.000 781.72204 ? 11 DG D "C3'" 1 
ATOM 849 O "O3'" . DG D 4 5  ? -18.69167 -5.89873  4.59192   1.000 780.71351 ? 11 DG D "O3'" 1 
ATOM 850 C "C2'" . DG D 4 5  ? -19.86176 -4.61871  6.32145   1.000 783.25162 ? 11 DG D "C2'" 1 
ATOM 851 C "C1'" . DG D 4 5  ? -19.57635 -3.16425  6.71334   1.000 784.41375 ? 11 DG D "C1'" 1 
ATOM 852 N N9    . DG D 4 5  ? -20.73868 -2.44979  7.24791   1.000 785.36278 ? 11 DG D N9    1 
ATOM 853 C C8    . DG D 4 5  ? -21.77080 -1.89430  6.53299   1.000 785.01327 ? 11 DG D C8    1 
ATOM 854 N N7    . DG D 4 5  ? -22.66569 -1.30845  7.27377   1.000 785.13671 ? 11 DG D N7    1 
ATOM 855 C C5    . DG D 4 5  ? -22.20188 -1.48639  8.56771   1.000 785.12097 ? 11 DG D C5    1 
ATOM 856 C C6    . DG D 4 5  ? -22.76101 -1.06566  9.79054   1.000 784.96032 ? 11 DG D C6    1 
ATOM 857 O O6    . DG D 4 5  ? -23.80795 -0.43518  9.97080   1.000 784.72893 ? 11 DG D O6    1 
ATOM 858 N N1    . DG D 4 5  ? -21.97953 -1.44961  10.87641  1.000 785.04616 ? 11 DG D N1    1 
ATOM 859 C C2    . DG D 4 5  ? -20.80080 -2.15009  10.78740  1.000 785.13276 ? 11 DG D C2    1 
ATOM 860 N N2    . DG D 4 5  ? -20.18432 -2.42575  11.94847  1.000 785.10539 ? 11 DG D N2    1 
ATOM 861 N N3    . DG D 4 5  ? -20.26078 -2.55097  9.63930   1.000 785.18746 ? 11 DG D N3    1 
ATOM 862 C C4    . DG D 4 5  ? -21.01649 -2.18381  8.57249   1.000 785.24174 ? 11 DG D C4    1 
# 
loop_
_atom_site_anisotrop.id 
_atom_site_anisotrop.type_symbol 
_atom_site_anisotrop.pdbx_label_atom_id 
_atom_site_anisotrop.pdbx_label_alt_id 
_atom_site_anisotrop.pdbx_label_comp_id 
_atom_site_anisotrop.pdbx_label_asym_id 
_atom_site_anisotrop.pdbx_label_seq_id 
_atom_site_anisotrop.pdbx_PDB_ins_code 
_atom_site_anisotrop.U[1][1] 
_atom_site_anisotrop.U[2][2] 
_atom_site_anisotrop.U[3][3] 
_atom_site_anisotrop.U[1][2] 
_atom_site_anisotrop.U[1][3] 
_atom_site_anisotrop.U[2][3] 
_atom_site_anisotrop.pdbx_auth_seq_id 
_atom_site_anisotrop.pdbx_auth_comp_id 
_atom_site_anisotrop.pdbx_auth_asym_id 
_atom_site_anisotrop.pdbx_auth_atom_id 
1   P P     . DA A 1  ? 11.02322 9.19004  6.97944  -2.23104 -1.53297 -0.70999 12 DA A P     
2   O OP1   . DA A 1  ? 11.21676 9.17866  6.86467  -2.06707 -1.56555 -0.75051 12 DA A OP1   
3   O OP2   . DA A 1  ? 10.92766 9.20160  7.04661  -2.30655 -1.49870 -0.67233 12 DA A OP2   
4   O "O5'" . DA A 1  ? 10.93274 9.13048  7.18270  -2.28370 -1.62797 -0.70727 12 DA A "O5'" 
5   C "C5'" . DA A 1  ? 10.87802 9.14214  7.17103  -2.33127 -1.61440 -0.71204 12 DA A "C5'" 
6   C "C4'" . DA A 1  ? 10.65722 9.15812  7.29309  -2.49892 -1.56804 -0.66887 12 DA A "C4'" 
7   O "O4'" . DA A 1  ? 10.58049 9.23936  7.14463  -2.56350 -1.44652 -0.66815 12 DA A "O4'" 
8   C "C3'" . DA A 1  ? 10.55167 9.16464  7.37640  -2.57445 -1.52998 -0.62981 12 DA A "C3'" 
9   O "O3'" . DA A 1  ? 10.40424 9.11389  7.61284  -2.66776 -1.57693 -0.59861 12 DA A "O3'" 
10  C "C2'" . DA A 1  ? 10.44285 9.26086  7.22267  -2.65554 -1.37667 -0.61608 12 DA A "C2'" 
11  C "C1'" . DA A 1  ? 10.39362 9.29415  7.15993  -2.68686 -1.34119 -0.63385 12 DA A "C1'" 
12  N N9    . DA A 1  ? 10.35404 9.39645  6.94561  -2.70297 -1.19122 -0.65373 12 DA A N9    
13  C C8    . DA A 1  ? 10.48569 9.43562  6.76333  -2.61665 -1.13301 -0.67789 12 DA A C8    
14  N N7    . DA A 1  ? 10.39528 9.53365  6.60214  -2.65072 -0.98406 -0.70048 12 DA A N7    
15  C C5    . DA A 1  ? 10.17767 9.56638  6.67759  -2.76644 -0.93806 -0.69287 12 DA A C5    
16  C C6    . DA A 1  ? 9.87956  9.59641  6.58446  -2.76209 -0.78016 -0.71978 12 DA A C6    
17  N N6    . DA A 1  ? 9.77369  9.60927  6.39178  -2.64741 -0.64255 -0.75804 12 DA A N6    
18  N N1    . DA A 1  ? 9.67249  9.59470  6.70531  -2.85976 -0.76888 -0.70491 12 DA A N1    
19  C C2    . DA A 1  ? 9.78167  9.58094  6.91319  -2.97516 -0.91089 -0.66134 12 DA A C2    
20  N N3    . DA A 1  ? 9.96726  9.47793  7.02413  -2.90943 -1.06336 -0.63893 12 DA A N3    
21  C C4    . DA A 1  ? 10.15642 9.47878  6.89178  -2.80331 -1.06733 -0.65882 12 DA A C4    
22  P P     . DC A 2  ? 10.30524 9.09646  7.75865  -2.73290 -1.56050 -0.55686 13 DC A P     
23  O OP1   . DC A 2  ? 10.19178 9.02761  8.01302  -2.79808 -1.62513 -0.53816 13 DC A OP1   
24  O OP2   . DC A 2  ? 10.45892 9.08975  7.68604  -2.62563 -1.58678 -0.57389 13 DC A OP2   
25  O "O5'" . DC A 2  ? 10.14108 9.18426  7.66594  -2.84688 -1.40837 -0.52278 13 DC A "O5'" 
26  C "C5'" . DC A 2  ? 9.91904  9.19413  7.80168  -2.98283 -1.35187 -0.48422 13 DC A "C5'" 
27  C "C4'" . DC A 2  ? 9.84282  9.23325  7.73390  -3.02439 -1.31346 -0.49992 13 DC A "C4'" 
28  O "O4'" . DC A 2  ? 9.92682  9.31117  7.47465  -2.96705 -1.23698 -0.53849 13 DC A "O4'" 
29  C "C3'" . DC A 2  ? 9.58025  9.28100  7.80432  -3.16635 -1.20127 -0.46593 13 DC A "C3'" 
30  O "O3'" . DC A 2  ? 9.52174  9.27249  7.84888  -3.19822 -1.22809 -0.47482 13 DC A "O3'" 
31  C "C2'" . DC A 2  ? 9.51746  9.39378  7.57052  -3.17546 -1.04314 -0.48562 13 DC A "C2'" 
32  C "C1'" . DC A 2  ? 9.72180  9.40729  7.38339  -3.06264 -1.08088 -0.53654 13 DC A "C1'" 
33  N N1    . DC A 2  ? 9.77651  9.49136  7.14439  -3.00964 -0.97141 -0.56899 13 DC A N1    
34  C C2    . DC A 2  ? 9.60940  9.60118  6.98920  -3.05577 -0.80638 -0.59821 13 DC A C2    
35  O O2    . DC A 2  ? 9.40375  9.63241  7.04555  -3.14345 -0.74455 -0.59571 13 DC A O2    
36  N N3    . DC A 2  ? 9.66385  9.67177  6.78694  -2.99668 -0.71189 -0.63260 13 DC A N3    
37  C C4    . DC A 2  ? 9.88299  9.63481  6.73507  -2.90077 -0.77821 -0.63200 13 DC A C4    
38  N N4    . DC A 2  ? 9.92492  9.70148  6.54562  -2.84303 -0.67971 -0.66290 13 DC A N4    
39  C C5    . DC A 2  ? 10.04977 9.52628  6.88255  -2.85001 -0.94277 -0.60419 13 DC A C5    
40  C C6    . DC A 2  ? 9.98531  9.45994  7.08252  -2.90470 -1.03194 -0.57721 13 DC A C6    
41  P P     . DG A 3  ? 9.26536  9.26924  8.03879  -3.33498 -1.17960 -0.43331 14 DG A P     
42  O OP1   . DG A 3  ? 9.26070  9.25839  8.05214  -3.33693 -1.22804 -0.45131 14 DG A OP1   
43  O OP2   . DG A 3  ? 9.22348  9.19039  8.28309  -3.37241 -1.23223 -0.38904 14 DG A OP2   
44  O "O5'" . DG A 3  ? 9.05945  9.38778  7.88979  -3.40898 -0.98210 -0.43452 14 DG A "O5'" 
45  C "C5'" . DG A 3  ? 9.03406  9.48097  7.66329  -3.38707 -0.88667 -0.48469 14 DG A "C5'" 
46  C "C4'" . DG A 3  ? 8.81125  9.58597  7.54464  -3.44309 -0.69125 -0.49740 14 DG A "C4'" 
47  O "O4'" . DG A 3  ? 8.92352  9.63903  7.33762  -3.36462 -0.63668 -0.53247 14 DG A "O4'" 
48  C "C3'" . DG A 3  ? 8.63167  9.56963  7.71023  -3.53199 -0.63239 -0.44450 14 DG A "C3'" 
49  O "O3'" . DG A 3  ? 8.36411  9.65162  7.65591  -3.59940 -0.46266 -0.46073 14 DG A "O3'" 
50  C "C2'" . DG A 3  ? 8.74693  9.57714  7.62527  -3.47699 -0.61932 -0.44213 14 DG A "C2'" 
51  C "C1'" . DG A 3  ? 8.80336  9.66382  7.35440  -3.40426 -0.54375 -0.50872 14 DG A "C1'" 
52  N N9    . DG A 3  ? 8.98678  9.67122  7.22564  -3.31839 -0.55994 -0.52156 14 DG A N9    
53  C C8    . DG A 3  ? 9.19576  9.59194  7.30377  -3.26268 -0.69170 -0.49406 14 DG A C8    
54  N N7    . DG A 3  ? 9.32346  9.62197  7.15062  -3.18731 -0.66962 -0.51433 14 DG A N7    
55  C C5    . DG A 3  ? 9.19080  9.72728  6.96326  -3.19402 -0.51385 -0.55852 14 DG A C5    
56  C C6    . DG A 3  ? 9.23343  9.80016  6.75791  -3.13130 -0.42213 -0.59585 14 DG A C6    
57  O O6    . DG A 3  ? 9.41106  9.78500  6.69593  -3.05909 -0.46338 -0.59205 14 DG A O6    
58  N N1    . DG A 3  ? 8.98431  9.83041  6.62707  -3.09553 -0.27068 -0.63838 14 DG A N1    
59  C C2    . DG A 3  ? 8.75079  9.82461  6.68290  -3.14488 -0.21182 -0.64584 14 DG A C2    
60  N N2    . DG A 3  ? 8.51729  9.84056  6.54166  -3.08375 -0.06622 -0.68914 14 DG A N2    
61  N N3    . DG A 3  ? 8.74668  9.80468  6.87237  -3.24787 -0.29184 -0.61112 14 DG A N3    
62  C C4    . DG A 3  ? 8.97699  9.75931  7.00536  -3.27053 -0.44305 -0.56746 14 DG A C4    
63  P P     . DG A 4  ? 8.12151  9.62710  7.87691  -3.71445 -0.40317 -0.40665 15 DG A P     
64  O OP1   . DG A 4  ? 8.06970  9.59471  7.99638  -3.75616 -0.46601 -0.39923 15 DG A OP1   
65  O OP2   . DG A 4  ? 8.17209  9.56207  8.04274  -3.73372 -0.44839 -0.34668 15 DG A OP2   
66  O "O5'" . DG A 4  ? 7.86899  9.73137  7.72505  -3.73943 -0.18997 -0.44655 15 DG A "O5'" 
67  C "C5'" . DG A 4  ? 7.75723  9.80017  7.57361  -3.72016 -0.10845 -0.51064 15 DG A "C5'" 
68  C "C4'" . DG A 4  ? 7.57064  9.84255  7.37722  -3.65548 0.06871  -0.55920 15 DG A "C4'" 
69  O "O4'" . DG A 4  ? 7.75108  9.85049  7.20643  -3.55364 0.04698  -0.58521 15 DG A "O4'" 
70  C "C3'" . DG A 4  ? 7.40545  9.89715  7.46411  -3.75585 0.19003  -0.52994 15 DG A "C3'" 
71  O "O3'" . DG A 4  ? 7.14178  9.92357  7.34056  -3.72175 0.35756  -0.57659 15 DG A "O3'" 
72  C "C2'" . DG A 4  ? 7.56569  9.88921  7.41040  -3.71040 0.16548  -0.51133 15 DG A "C2'" 
73  C "C1'" . DG A 4  ? 7.73527  9.90344  7.20049  -3.59328 0.12048  -0.56736 15 DG A "C1'" 
74  N N9    . DG A 4  ? 8.00990  9.88268  7.20909  -3.56408 -0.00040 -0.54107 15 DG A N9    
75  C C8    . DG A 4  ? 8.17363  9.78886  7.39220  -3.57904 -0.15944 -0.48373 15 DG A C8    
76  N N7    . DG A 4  ? 8.38545  9.76106  7.35587  -3.51656 -0.24009 -0.47318 15 DG A N7    
77  C C5    . DG A 4  ? 8.36706  9.84420  7.13480  -3.46229 -0.12836 -0.52222 15 DG A C5    
78  C C6    . DG A 4  ? 8.53962  9.85770  7.00926  -3.38484 -0.14612 -0.53234 15 DG A C6    
79  O O6    . DG A 4  ? 8.74626  9.79680  7.06505  -3.34465 -0.26548 -0.50179 15 DG A O6    
80  N N1    . DG A 4  ? 8.44336  9.94909  6.80633  -3.34688 -0.00614 -0.58562 15 DG A N1    
81  C C2    . DG A 4  ? 8.17269  9.96141  6.73421  -3.33220 0.12763  -0.62192 15 DG A C2    
82  N N2    . DG A 4  ? 8.07932  9.98977  6.54494  -3.24208 0.23996  -0.66469 15 DG A N2    
83  N N3    . DG A 4  ? 8.00564  9.94732  6.84723  -3.40195 0.14825  -0.61504 15 DG A N3    
84  C C4    . DG A 4  ? 8.13520  9.91829  7.04568  -3.48875 0.01818  -0.56566 15 DG A C4    
85  P P     . DA A 5  ? 6.92651  9.97276  7.42745  -3.81739 0.50680  -0.55375 16 DA A P     
86  O OP1   . DA A 5  ? 6.66830  9.97328  7.44995  -3.84229 0.60395  -0.57750 16 DA A OP1   
87  O OP2   . DA A 5  ? 7.01323  9.89623  7.64308  -3.87277 0.42696  -0.46517 16 DA A OP2   
88  O "O5'" . DA A 5  ? 6.90968  10.03144 7.21580  -3.74330 0.61681  -0.59824 16 DA A "O5'" 
89  C "C5'" . DA A 5  ? 6.86171  10.02059 6.98975  -3.60881 0.65941  -0.66526 16 DA A "C5'" 
90  C "C4'" . DA A 5  ? 6.88263  10.07132 6.82800  -3.55021 0.73888  -0.69040 16 DA A "C4'" 
91  O "O4'" . DA A 5  ? 7.15241  10.05985 6.78208  -3.50029 0.62425  -0.67614 16 DA A "O4'" 
92  C "C3'" . DA A 5  ? 6.79064  10.13758 6.90152  -3.64529 0.84522  -0.66446 16 DA A "C3'" 
93  O "O3'" . DA A 5  ? 6.62884  10.18072 6.74082  -3.58889 0.98464  -0.71487 16 DA A "O3'" 
94  C "C2'" . DA A 5  ? 7.01294  10.10941 6.94191  -3.63786 0.75484  -0.61150 16 DA A "C2'" 
95  C "C1'" . DA A 5  ? 7.22550  10.11321 6.80833  -3.55041 0.65157  -0.64581 16 DA A "C1'" 
96  N N9    . DA A 5  ? 7.47181  10.06439 6.91819  -3.56500 0.49955  -0.59192 16 DA A N9    
97  C C8    . DA A 5  ? 7.52767  9.99073  7.11926  -3.62272 0.38831  -0.53858 16 DA A C8    
98  N N7    . DA A 5  ? 7.75067  9.93615  7.18925  -3.60406 0.25565  -0.49688 16 DA A N7    
99  C C5    . DA A 5  ? 7.85022  9.97903  7.01918  -3.53199 0.28435  -0.52278 16 DA A C5    
100 C C6    . DA A 5  ? 8.07844  9.95276  6.99732  -3.47881 0.19084  -0.50098 16 DA A C6    
101 N N6    . DA A 5  ? 8.24662  9.87121  7.15435  -3.48642 0.04441  -0.45057 16 DA A N6    
102 N N1    . DA A 5  ? 8.12302  10.01015 6.81656  -3.41348 0.25192  -0.53331 16 DA A N1    
103 C C2    . DA A 5  ? 7.94791  10.08759 6.67018  -3.39974 0.39472  -0.58615 16 DA A C2    
104 N N3    . DA A 5  ? 7.72067  10.11642 6.67369  -3.44045 0.49358  -0.61504 16 DA A N3    
105 C C4    . DA A 5  ? 7.68352  10.05930 6.85202  -3.50789 0.43247  -0.58015 16 DA A C4    
106 P P     . DC A 6  ? 9.60040  12.33147 8.09963  -0.24781 3.32389  -0.27993 17 DC A P     
107 O OP1   . DC A 6  ? 9.59130  12.33191 8.19429  -0.24552 3.31243  -0.26692 17 DC A OP1   
108 O OP2   . DC A 6  ? 9.60541  12.32576 8.06881  -0.24485 3.32023  -0.29774 17 DC A OP2   
109 O "O5'" . DC A 6  ? 9.58329  12.29743 8.00790  -0.26825 3.31288  -0.32579 17 DC A "O5'" 
110 C "C5'" . DC A 6  ? 9.58061  12.30396 8.01020  -0.27204 3.32052  -0.31053 17 DC A "C5'" 
111 C "C4'" . DC A 6  ? 9.56393  12.27006 7.91492  -0.29197 3.30710  -0.35911 17 DC A "C4'" 
112 O "O4'" . DC A 6  ? 9.57442  12.27692 7.82435  -0.29282 3.31912  -0.36366 17 DC A "O4'" 
113 C "C3'" . DC A 6  ? 9.54537  12.22707 7.88220  -0.30635 3.27726  -0.41745 17 DC A "C3'" 
114 O "O3'" . DC A 6  ? 9.52908  12.20058 7.85834  -0.32182 3.26051  -0.44718 17 DC A "O3'" 
115 C "C2'" . DC A 6  ? 9.54767  12.21896 7.78707  -0.31026 3.27826  -0.44439 17 DC A "C2'" 
116 C "C1'" . DC A 6  ? 9.55891  12.24209 7.73890  -0.30842 3.29915  -0.41929 17 DC A "C1'" 
117 N N1    . DC A 6  ? 9.57294  12.25437 7.68044  -0.30351 3.30833  -0.41708 17 DC A N1    
118 C C2    . DC A 6  ? 9.56912  12.24356 7.57465  -0.31502 3.30497  -0.44367 17 DC A C2    
119 O O2    . DC A 6  ? 9.55326  12.22358 7.52698  -0.32936 3.29531  -0.46987 17 DC A O2    
120 N N3    . DC A 6  ? 9.58332  12.25573 7.52932  -0.31005 3.31033  -0.43981 17 DC A N3    
121 C C4    . DC A 6  ? 9.60115  12.27717 7.58627  -0.29432 3.31921  -0.41137 17 DC A C4    
122 N N4    . DC A 6  ? 9.61599  12.28800 7.54400  -0.28996 3.32144  -0.40881 17 DC A N4    
123 C C5    . DC A 6  ? 9.60471  12.28880 7.69106  -0.28239 3.32393  -0.38430 17 DC A C5    
124 C C6    . DC A 6  ? 9.58998  12.27699 7.73348  -0.28763 3.31797  -0.38825 17 DC A C6    
125 P P     . DA A 7  ? 9.51441  12.15511 7.83706  -0.33558 3.22576  -0.50685 18 DA A P     
126 O OP1   . DA A 7  ? 9.50832  12.14686 7.91517  -0.33838 3.21012  -0.50195 18 DA A OP1   
127 O OP2   . DA A 7  ? 9.51986  12.14770 7.83473  -0.32935 3.21953  -0.52366 18 DA A OP2   
128 O "O5'" . DA A 7  ? 9.50323  12.13205 7.71853  -0.35251 3.21837  -0.54930 18 DA A "O5'" 
129 C "C5'" . DA A 7  ? 9.49994  12.14313 7.69070  -0.35778 3.23035  -0.53349 18 DA A "C5'" 
130 C "C4'" . DA A 7  ? 9.49122  12.12535 7.56814  -0.37190 3.22445  -0.57262 18 DA A "C4'" 
131 O "O4'" . DA A 7  ? 9.50216  12.14455 7.51675  -0.36512 3.24194  -0.56014 18 DA A "O4'" 
132 C "C3'" . DA A 7  ? 9.47903  12.08397 7.51334  -0.38539 3.19363  -0.63466 18 DA A "C3'" 
133 O "O3'" . DA A 7  ? 9.46644  12.06630 7.43299  -0.40117 3.18294  -0.66488 18 DA A "O3'" 
134 C "C2'" . DA A 7  ? 9.48466  12.08547 7.46575  -0.38055 3.19817  -0.64642 18 DA A "C2'" 
135 C "C1'" . DA A 7  ? 9.49408  12.11908 7.43826  -0.37412 3.22533  -0.60767 18 DA A "C1'" 
136 N N9    . DA A 7  ? 9.50708  12.13764 7.44553  -0.36188 3.23821  -0.58950 18 DA A N9    
137 C C8    . DA A 7  ? 9.51897  12.15477 7.53484  -0.34654 3.24685  -0.55884 18 DA A C8    
138 N N7    . DA A 7  ? 9.52993  12.17023 7.52382  -0.33768 3.25700  -0.54679 18 DA A N7    
139 C C5    . DA A 7  ? 9.52511  12.16312 7.42102  -0.34794 3.25445  -0.57042 18 DA A C5    
140 C C6    . DA A 7  ? 9.53215  12.17235 7.36613  -0.34579 3.25896  -0.57171 18 DA A C6    
141 N N6    . DA A 7  ? 9.54658  12.19103 7.41167  -0.33183 3.26812  -0.54783 18 DA A N6    
142 N N1    . DA A 7  ? 9.52380  12.16196 7.26540  -0.35852 3.25178  -0.59826 18 DA A N1    
143 C C2    . DA A 7  ? 9.50921  12.14355 7.22098  -0.37238 3.24174  -0.62223 18 DA A C2    
144 N N3    . DA A 7  ? 9.50189  12.13289 7.26710  -0.37573 3.23676  -0.62392 18 DA A N3    
145 C C4    . DA A 7  ? 9.51067  12.14356 7.36906  -0.36291 3.24331  -0.59680 18 DA A C4    
146 P P     . DG A 8  ? 9.45568  12.02565 7.34863  -0.41598 3.15267  -0.73126 19 DG A P     
147 O OP1   . DG A 8  ? 9.44366  12.00933 7.31478  -0.43034 3.13828  -0.75190 19 DG A OP1   
148 O OP2   . DG A 8  ? 9.46261  12.00737 7.39747  -0.41005 3.13539  -0.75178 19 DG A OP2   
149 O "O5'" . DG A 8  ? 9.45500  12.03250 7.24805  -0.41772 3.16336  -0.74139 19 DG A "O5'" 
150 C "C5'" . DG A 8  ? 9.44895  12.00492 7.16991  -0.42605 3.14426  -0.79239 19 DG A "C5'" 
151 C "C4'" . DG A 8  ? 9.44350  12.01285 7.06699  -0.43218 3.15234  -0.79917 19 DG A "C4'" 
152 O "O4'" . DG A 8  ? 9.45533  12.04246 7.08851  -0.41909 3.17510  -0.76144 19 DG A "O4'" 
153 C "C3'" . DG A 8  ? 9.43630  11.98564 6.98086  -0.44073 3.13364  -0.85150 19 DG A "C3'" 
154 O "O3'" . DG A 8  ? 9.42699  11.98975 6.88122  -0.45077 3.13517  -0.86099 19 DG A "O3'" 
155 C "C2'" . DG A 8  ? 9.44699  11.99471 7.01603  -0.42708 3.14365  -0.84054 19 DG A "C2'" 
156 C "C1'" . DG A 8  ? 9.45489  12.03224 7.04464  -0.41822 3.16948  -0.78731 19 DG A "C1'" 
157 N N9    . DG A 8  ? 9.46860  12.05076 7.12191  -0.40179 3.18362  -0.75626 19 DG A N9    
158 C C8    . DG A 8  ? 9.47714  12.05612 7.22466  -0.39089 3.18684  -0.73385 19 DG A C8    
159 N N7    . DG A 8  ? 9.48863  12.07489 7.27526  -0.37684 3.19998  -0.70728 19 DG A N7    
160 C C5    . DG A 8  ? 9.48832  12.08208 7.20476  -0.37855 3.20542  -0.71217 19 DG A C5    
161 C C6    . DG A 8  ? 9.49874  12.10129 7.22092  -0.36721 3.21733  -0.69150 19 DG A C6    
162 O O6    . DG A 8  ? 9.51029  12.11645 7.30086  -0.35287 3.22669  -0.66413 19 DG A O6    
163 N N1    . DG A 8  ? 9.49477  12.10226 7.13482  -0.37392 3.21587  -0.70529 19 DG A N1    
164 C C2    . DG A 8  ? 9.48163  12.08727 7.04119  -0.38961 3.20474  -0.73512 19 DG A C2    
165 N N2    . DG A 8  ? 9.47939  12.09152 6.96806  -0.39394 3.20288  -0.74399 19 DG A N2    
166 N N3    . DG A 8  ? 9.47146  12.06947 7.02292  -0.40023 3.19434  -0.75490 19 DG A N3    
167 C C4    . DG A 8  ? 9.47587  12.06770 7.10954  -0.39388 3.19524  -0.74188 19 DG A C4    
168 P P     . DC A 9  ? 9.41314  11.95835 6.77822  -0.46706 3.11037  -0.91794 20 DC A P     
169 O OP1   . DC A 9  ? 9.40282  11.96401 6.72396  -0.47836 3.10988  -0.91427 20 DC A OP1   
170 O OP2   . DC A 9  ? 9.41704  11.92862 6.81253  -0.46710 3.08917  -0.95231 20 DC A OP2   
171 O "O5'" . DC A 9  ? 9.41217  11.96009 6.70956  -0.46580 3.11330  -0.93230 20 DC A "O5'" 
172 C "C5'" . DC A 9  ? 9.42313  11.96597 6.76071  -0.45214 3.12251  -0.92183 20 DC A "C5'" 
173 C "C4'" . DC A 9  ? 9.41966  11.96603 6.68999  -0.45297 3.12336  -0.93797 20 DC A "C4'" 
174 O "O4'" . DC A 9  ? 9.43079  11.98865 6.74730  -0.43842 3.14131  -0.90405 20 DC A "O4'" 
175 C "C3'" . DC A 9  ? 9.41809  11.93545 6.64733  -0.45551 3.10674  -0.98790 20 DC A "C3'" 
176 O "O3'" . DC A 9  ? 9.40774  11.93212 6.55028  -0.46403 3.10229  -1.00965 20 DC A "O3'" 
177 C "C2'" . DC A 9  ? 9.43210  11.93916 6.72283  -0.43867 3.11658  -0.97625 20 DC A "C2'" 
178 C "C1'" . DC A 9  ? 9.43596  11.97398 6.76639  -0.43043 3.13823  -0.92523 20 DC A "C1'" 
179 N N1    . DC A 9  ? 9.44983  11.98638 6.87643  -0.41479 3.14969  -0.89355 20 DC A N1    
180 C C2    . DC A 9  ? 9.45841  12.00689 6.91969  -0.40164 3.16520  -0.86574 20 DC A C2    
181 O O2    . DC A 9  ? 9.45480  12.01436 6.86926  -0.40318 3.16870  -0.86729 20 DC A O2    
182 N N3    . DC A 9  ? 9.47058  12.01830 7.01885  -0.38746 3.17438  -0.83741 20 DC A N3    
183 C C4    . DC A 9  ? 9.47402  12.00984 7.07398  -0.38636 3.16799  -0.83630 20 DC A C4    
184 N N4    . DC A 9  ? 9.48554  12.02228 7.17102  -0.37224 3.17600  -0.80754 20 DC A N4    
185 C C5    . DC A 9  ? 9.46596  11.98853 7.03497  -0.39965 3.15132  -0.86431 20 DC A C5    
186 C C6    . DC A 9  ? 9.45418  11.97748 6.93659  -0.41338 3.14302  -0.89231 20 DC A C6    
187 P P     . DA A 10 ? 9.40738  11.90320 6.49007  -0.46600 3.08786  -1.06091 21 DA A P     
188 O OP1   . DA A 10 ? 9.39205  11.89830 6.38238  -0.48084 3.07782  -1.08358 21 DA A OP1   
189 O OP2   . DA A 10 ? 9.41892  11.87861 6.53101  -0.46226 3.07400  -1.08621 21 DA A OP2   
190 O "O5'" . DA A 10 ? 9.41533  11.91505 6.52234  -0.45165 3.10362  -1.04660 21 DA A "O5'" 
191 C "C5'" . DA A 10 ? 9.41330  11.94465 6.53639  -0.44821 3.11924  -1.00730 21 DA A "C5'" 
192 C "C4'" . DA A 10 ? 9.42381  11.95363 6.59493  -0.43220 3.13289  -0.99245 21 DA A "C4'" 
193 O "O4'" . DA A 10 ? 9.43647  11.96531 6.69837  -0.41973 3.14314  -0.96077 21 DA A "O4'" 
194 C "C3'" . DA A 10 ? 9.42877  11.92962 6.57671  -0.42632 3.12803  -1.03077 21 DA A "C3'" 
195 O "O3'" . DA A 10 ? 9.42770  11.94033 6.56860  -0.42000 3.13828  -1.02356 21 DA A "O3'" 
196 C "C2'" . DA A 10 ? 9.44521  11.92417 6.66823  -0.41222 3.13090  -1.02446 21 DA A "C2'" 
197 C "C1'" . DA A 10 ? 9.44747  11.95437 6.74368  -0.40624 3.14582  -0.97260 21 DA A "C1'" 
198 N N9    . DA A 10 ? 9.45911  11.95490 6.83328  -0.39707 3.14699  -0.95661 21 DA A N9    
199 C C8    . DA A 10 ? 9.46065  11.93953 6.84528  -0.40260 3.13353  -0.97002 21 DA A C8    
200 N N7    . DA A 10 ? 9.47201  11.94440 6.93708  -0.39182 3.13625  -0.94951 21 DA A N7    
201 C C5    . DA A 10 ? 9.47834  11.96448 6.98662  -0.37803 3.15339  -0.92102 21 DA A C5    
202 C C6    . DA A 10 ? 9.49051  11.97896 7.08578  -0.36223 3.16321  -0.89004 21 DA A C6    
203 N N6    . DA A 10 ? 9.49847  11.97514 7.15466  -0.35783 3.15657  -0.88231 21 DA A N6    
204 N N1    . DA A 10 ? 9.49416  11.99799 7.11404  -0.35106 3.17863  -0.86684 21 DA A N1    
205 C C2    . DA A 10 ? 9.48637  12.00167 7.05018  -0.35563 3.18307  -0.87417 21 DA A C2    
206 N N3    . DA A 10 ? 9.47449  11.98938 6.95533  -0.37025 3.17444  -0.90211 21 DA A N3    
207 C C4    . DA A 10 ? 9.47085  11.97098 6.92601  -0.38100 3.15998  -0.92489 21 DA A C4    
208 P P     . DC A 11 ? 9.45723  9.70442  6.57046  -3.11984 1.89858  0.27336  22 DC A P     
209 O OP1   . DC A 11 ? 9.39053  9.69213  6.71397  -3.16579 1.91652  0.33141  22 DC A OP1   
210 O OP2   . DC A 11 ? 9.55053  9.76576  6.51670  -3.04103 1.88826  0.25311  22 DC A OP2   
211 O "O5'" . DC A 11 ? 9.50251  9.77401  6.53518  -3.06640 1.95305  0.33937  22 DC A "O5'" 
212 C "C5'" . DC A 11 ? 9.42916  9.72507  6.56214  -3.12808 1.96227  0.35208  22 DC A "C5'" 
213 C "C4'" . DC A 11 ? 9.48026  9.76323  6.46973  -3.08248 1.98339  0.35956  22 DC A "C4'" 
214 O "O4'" . DC A 11 ? 9.52026  9.73169  6.33831  -3.06963 1.93814  0.26798  22 DC A "O4'" 
215 C "C3'" . DC A 11 ? 9.57735  9.89998  6.48314  -2.97341 2.05104  0.46017  22 DC A "C3'" 
216 O "O3'" . DC A 11 ? 9.57784  9.91573  6.45854  -2.96647 2.07651  0.48691  22 DC A "O3'" 
217 C "C2'" . DC A 11 ? 9.67306  9.94536  6.37681  -2.89894 2.03307  0.41751  22 DC A "C2'" 
218 C "C1'" . DC A 11 ? 9.63138  9.83824  6.27514  -2.96318 1.97179  0.30587  22 DC A "C1'" 
219 N N1    . DC A 11 ? 9.68409  9.82629  6.17726  -2.93517 1.92632  0.22265  22 DC A N1    
220 C C2    . DC A 11 ? 9.75073  9.84751  6.06078  -2.88642 1.91642  0.18413  22 DC A C2    
221 O O2    . DC A 11 ? 9.77163  9.88262  6.03733  -2.86112 1.94703  0.22277  22 DC A O2    
222 N N3    . DC A 11 ? 9.79427  9.83280  5.98061  -2.86440 1.87251  0.10494  22 DC A N3    
223 C C4    . DC A 11 ? 9.77329  9.79829  6.00989  -2.88926 1.83852  0.06267  22 DC A C4    
224 N N4    . DC A 11 ? 9.81806  9.78601  5.93194  -2.86496 1.79429  -0.01805 22 DC A N4    
225 C C5    . DC A 11 ? 9.70748  9.77669  6.12434  -2.93801 1.84679  0.10001  22 DC A C5    
226 C C6    . DC A 11 ? 9.66385  9.78982  6.20502  -2.96072 1.89049  0.17903  22 DC A C6    
227 P P     . DG A 12 ? 9.52807  9.92857  6.39845  -2.87992 2.15362  0.60511  23 DG A P     
228 O OP1   . DG A 12 ? 9.44451  9.90198  6.51601  -2.93911 2.17751  0.65644  23 DG A OP1   
229 O OP2   . DG A 12 ? 9.61689  10.03069 6.41512  -2.78893 2.18500  0.65761  23 DG A OP2   
230 O "O5'" . DG A 12 ? 9.58505  9.95398  6.27989  -2.83570 2.15332  0.58066  23 DG A "O5'" 
231 C "C5'" . DG A 12 ? 9.61564  9.91055  6.15141  -2.83406 2.10180  0.48534  23 DG A "C5'" 
232 C "C4'" . DG A 12 ? 9.73773  10.02041 6.07299  -2.71934 2.12611  0.50872  23 DG A "C4'" 
233 O "O4'" . DG A 12 ? 9.77764  9.99822  5.98593  -2.70372 2.07917  0.42843  23 DG A "O4'" 
234 C "C3'" . DG A 12 ? 9.80673  10.15009 6.14680  -2.62887 2.19049  0.61606  23 DG A "C3'" 
235 O "O3'" . DG A 12 ? 9.90665  10.25342 6.08383  -2.52930 2.22179  0.65048  23 DG A "O3'" 
236 C "C2'" . DG A 12 ? 9.83265  10.15179 6.14128  -2.61324 2.16545  0.58457  23 DG A "C2'" 
237 C "C1'" . DG A 12 ? 9.85931  10.10217 6.00712  -2.61551 2.10866  0.47942  23 DG A "C1'" 
238 N N9    . DG A 12 ? 9.85840  10.05771 5.98091  -2.63263 2.05993  0.40725  23 DG A N9    
239 C C8    . DG A 12 ? 9.80450  10.01663 6.06110  -2.68105 2.04633  0.40443  23 DG A C8    
240 N N7    . DG A 12 ? 9.82072  9.98590  6.01552  -2.68222 1.99878  0.32969  23 DG A N7    
241 C C5    . DG A 12 ? 9.88934  10.00778 5.89929  -2.63146 1.98052  0.28042  23 DG A C5    
242 C C6    . DG A 12 ? 9.93424  9.99152  5.81227  -2.60885 1.93043  0.19172  23 DG A C6    
243 O O6    . DG A 12 ? 9.92226  9.95461  5.81989  -2.62908 1.89094  0.13694  23 DG A O6    
244 N N1    . DG A 12 ? 10.00015 10.02447 5.71256  -2.55577 1.92679  0.16657  23 DG A N1    
245 C C2    . DG A 12 ? 10.02197 10.06923 5.69659  -2.52662 1.96576  0.22009  23 DG A C2    
246 N N2    . DG A 12 ? 10.08981 10.09747 5.59761  -2.47412 1.95279  0.18337  23 DG A N2    
247 N N3    . DG A 12 ? 9.98123  10.08634 5.77607  -2.54616 2.01254  0.30212  23 DG A N3    
248 C C4    . DG A 12 ? 9.91448  10.05242 5.87556  -2.59983 2.01744  0.32767  23 DG A C4    
249 P P     . DT A 13 ? 9.93592  10.31381 6.10883  -2.50974 2.25801  0.69843  24 DT A P     
250 O OP1   . DT A 13 ? 9.83352  10.19864 6.11886  -2.61490 2.22642  0.65167  24 DT A OP1   
251 O OP2   . DT A 13 ? 9.97823  10.42996 6.20494  -2.43922 2.33031  0.81503  24 DT A OP2   
252 O "O5'" . DT A 13 ? 10.03202 10.36089 5.97478  -2.43430 2.24101  0.65504  24 DT A "O5'" 
253 C "C5'" . DT A 13 ? 10.05931 10.32181 5.88291  -2.43308 2.18793  0.56701  24 DT A "C5'" 
254 C "C4'" . DT A 13 ? 10.17406 10.44314 5.85078  -2.31757 2.20988  0.59798  24 DT A "C4'" 
255 O "O4'" . DT A 13 ? 10.17547 10.40757 5.83068  -2.33017 2.16945  0.53904  24 DT A "O4'" 
256 C "C3'" . DT A 13 ? 10.21795 10.56423 5.94581  -2.24479 2.28178  0.71680  24 DT A "C3'" 
257 O "O3'" . DT A 13 ? 10.33140 10.68888 5.89305  -2.12837 2.31127  0.75317  24 DT A "O3'" 
258 C "C2'" . DT A 13 ? 10.20937 10.56031 5.99806  -2.25195 2.27510  0.71918  24 DT A "C2'" 
259 C "C1'" . DT A 13 ? 10.23437 10.51125 5.88867  -2.25536 2.21014  0.61120  24 DT A "C1'" 
260 N N1    . DT A 13 ? 10.19750 10.45388 5.91759  -2.29967 2.17461  0.56746  24 DT A N1    
261 C C2    . DT A 13 ? 10.23536 10.43277 5.83290  -2.28397 2.12222  0.47992  24 DT A C2    
262 O O2    . DT A 13 ? 10.29708 10.45721 5.73590  -2.23644 2.10314  0.43605  24 DT A O2    
263 N N3    . DT A 13 ? 10.19900 10.38243 5.87007  -2.32512 2.09103  0.44334  24 DT A N3    
264 C C4    . DT A 13 ? 10.13111 10.35226 5.98150  -2.37876 2.10626  0.48593  24 DT A C4    
265 O O4    . DT A 13 ? 10.10578 10.30974 6.00813  -2.41031 2.07312  0.44603  24 DT A O4    
266 C C5    . DT A 13 ? 10.09348 10.37559 6.06851  -2.39349 2.16221  0.57877  24 DT A C5    
267 C C7    . DT A 13 ? 10.01995 10.34675 6.19947  -2.44992 2.18232  0.63145  24 DT A C7    
268 C C6    . DT A 13 ? 10.12814 10.42524 6.03283  -2.35326 2.19366  0.61428  24 DT A C6    
269 P P     . DG A 14 ? 10.22457 10.65943 5.81265  -2.04945 2.39043  0.87460  25 DG A P     
270 O OP1   . DG A 14 ? 10.28312 10.70780 5.73583  -1.99516 2.39379  0.86767  25 DG A OP1   
271 O OP2   . DG A 14 ? 10.13179 10.61347 5.93610  -2.12260 2.41900  0.92842  25 DG A OP2   
272 O "O5'" . DG A 14 ? 10.31800 10.78008 5.83159  -1.94688 2.42343  0.92888  25 DG A "O5'" 
273 C "C5'" . DG A 14 ? 10.43226 10.88277 5.74518  -1.83812 2.42505  0.92266  25 DG A "C5'" 
274 C "C4'" . DG A 14 ? 10.44916 10.82913 5.64496  -1.84881 2.35609  0.81499  25 DG A "C4'" 
275 O "O4'" . DG A 14 ? 10.35738 10.71053 5.68088  -1.95037 2.31751  0.76483  25 DG A "O4'" 
276 C "C3'" . DG A 14 ? 10.56024 10.94479 5.60806  -1.73689 2.36247  0.82529  25 DG A "C3'" 
277 O "O3'" . DG A 14 ? 10.61718 10.94896 5.48982  -1.70002 2.31607  0.74430  25 DG A "O3'" 
278 C "C2'" . DG A 14 ? 10.52364 10.89792 5.65419  -1.77773 2.34118  0.80495  25 DG A "C2'" 
279 C "C1'" . DG A 14 ? 10.40428 10.73368 5.65319  -1.91313 2.29085  0.72814  25 DG A "C1'" 
280 N N9    . DG A 14 ? 10.33109 10.66979 5.74000  -1.98273 2.28479  0.73378  25 DG A N9    
281 C C8    . DG A 14 ? 10.25957 10.64659 5.85484  -2.03560 2.32302  0.80354  25 DG A C8    
282 N N7    . DG A 14 ? 10.20532 10.58877 5.91592  -2.09137 2.30424  0.78948  25 DG A N7    
283 C C5    . DG A 14 ? 10.24375 10.57324 5.83587  -2.07374 2.25040  0.70440  25 DG A C5    
284 C C6    . DG A 14 ? 10.21697 10.51928 5.85434  -2.11095 2.20838  0.65194  25 DG A C6    
285 O O6    . DG A 14 ? 10.15256 10.47343 5.94715  -2.16859 2.21036  0.67230  25 DG A O6    
286 N N1    . DG A 14 ? 10.27458 10.52292 5.75542  -2.07334 2.15830  0.56601  25 DG A N1    
287 C C2    . DG A 14 ? 10.34846 10.57230 5.65343  -2.00832 2.14985  0.53566  25 DG A C2    
288 N N2    . DG A 14 ? 10.39559 10.56761 5.57402  -1.97983 2.09746  0.44863  25 DG A N2    
289 N N3    . DG A 14 ? 10.37555 10.62420 5.63424  -1.97212 2.18839  0.58524  25 DG A N3    
290 C C4    . DG A 14 ? 10.32033 10.62165 5.72823  -2.00772 2.23774  0.66855  25 DG A C4    
291 P P     . DT A 15 ? 10.75413 11.10782 5.43587  -1.55512 2.33855  0.77459  26 DT A P     
292 O OP1   . DT A 15 ? 10.78453 11.12507 5.36845  -1.52962 2.33366  0.75739  26 DT A OP1   
293 O OP2   . DT A 15 ? 10.79832 11.22435 5.52577  -1.48385 2.40698  0.88671  26 DT A OP2   
294 O "O5'" . DT A 15 ? 10.79260 11.09119 5.36127  -1.53717 2.27711  0.68014  26 DT A "O5'" 
295 C "C5'" . DT A 15 ? 10.71341 10.96773 5.37256  -1.63263 2.22929  0.61059  26 DT A "C5'" 
296 C "C4'" . DT A 15 ? 10.76653 11.02515 5.38365  -1.57795 2.22004  0.60489  26 DT A "C4'" 
297 O "O4'" . DT A 15 ? 10.68854 10.95940 5.47404  -1.65185 2.22486  0.62509  26 DT A "O4'" 
298 C "C3'" . DT A 15 ? 10.87881 11.19986 5.40385  -1.44290 2.27578  0.69525  26 DT A "C3'" 
299 O "O3'" . DT A 15 ? 10.95729 11.25817 5.35156  -1.37144 2.24170  0.64473  26 DT A "O3'" 
300 C "C2'" . DT A 15 ? 10.83893 11.21434 5.52532  -1.46346 2.32914  0.79039  26 DT A "C2'" 
301 C "C1'" . DT A 15 ? 10.75094 11.07869 5.54018  -1.56926 2.27446  0.71334  26 DT A "C1'" 
302 N N1    . DT A 15 ? 10.67033 11.03176 5.65768  -1.63807 2.30517  0.77449  26 DT A N1    
303 C C2    . DT A 15 ? 10.60858 10.93894 5.68571  -1.71161 2.26211  0.71919  26 DT A C2    
304 O O2    . DT A 15 ? 10.61537 10.89095 5.61909  -1.72451 2.20045  0.62124  26 DT A O2    
305 N N3    . DT A 15 ? 10.53857 10.90444 5.79927  -1.76910 2.29272  0.78098  26 DT A N3    
306 C C4    . DT A 15 ? 10.52369 10.95119 5.88903  -1.76115 2.36189  0.89049  26 DT A C4    
307 O O4    . DT A 15 ? 10.45840 10.91363 5.99465  -1.81646 2.38357  0.93792  26 DT A O4    
308 C C5    . DT A 15 ? 10.59138 11.04837 5.85425  -1.68182 2.40571  0.94340  26 DT A C5    
309 C C7    . DT A 15 ? 10.58342 11.10666 5.94897  -1.66434 2.48200  1.05970  26 DT A C7    
310 C C6    . DT A 15 ? 10.66152 11.08499 5.74037  -1.62387 2.37509  0.88378  26 DT A C6    
311 P P     . DA A 16 ? 11.06595 11.35631 5.25110  -1.26552 2.22399  0.60803  27 DA A P     
312 O OP1   . DA A 16 ? 11.03352 11.29383 5.19828  -1.30887 2.20921  0.57349  27 DA A OP1   
313 O OP2   . DA A 16 ? 11.16848 11.52936 5.28102  -1.13702 2.28208  0.70373  27 DA A OP2   
314 O "O5'" . DA A 16 ? 11.08366 11.31292 5.19008  -1.26904 2.14985  0.49273  27 DA A "O5'" 
315 C "C5'" . DA A 16 ? 10.99033 11.16871 5.20705  -1.38097 2.10314  0.42191  27 DA A "C5'" 
316 C "C4'" . DA A 16 ? 11.01855 11.20475 5.24398  -1.34984 2.09131  0.41649  27 DA A "C4'" 
317 O "O4'" . DA A 16 ? 10.95039 11.17051 5.34756  -1.40733 2.12730  0.48594  27 DA A "O4'" 
318 C "C3'" . DA A 16 ? 11.14538 11.38004 5.23552  -1.20500 2.11939  0.46646  27 DA A "C3'" 
319 O "O3'" . DA A 16 ? 11.18500 11.38951 5.21014  -1.17512 2.06809  0.39167  27 DA A "O3'" 
320 C "C2'" . DA A 16 ? 11.14377 11.45003 5.33920  -1.18244 2.19393  0.59556  27 DA A "C2'" 
321 C "C1'" . DA A 16 ? 11.02623 11.30686 5.40329  -1.31041 2.17599  0.57508  27 DA A "C1'" 
322 N N9    . DA A 16 ? 10.97579 11.30934 5.50524  -1.34304 2.24072  0.68356  27 DA A N9    
323 C C8    . DA A 16 ? 10.99450 11.37952 5.53338  -1.30554 2.30516  0.77792  27 DA A C8    
324 N N7    . DA A 16 ? 10.93638 11.36094 5.63710  -1.35006 2.35376  0.86125  27 DA A N7    
325 C C5    . DA A 16 ? 10.87553 11.27352 5.67861  -1.42161 2.31775  0.81927  27 DA A C5    
326 C C6    . DA A 16 ? 10.79854 11.21675 5.78812  -1.49236 2.33802  0.86593  27 DA A C6    
327 N N6    . DA A 16 ? 10.76785 11.23906 5.88014  -1.50371 2.40332  0.96910  27 DA A N6    
328 N N1    . DA A 16 ? 10.75494 11.13682 5.80358  -1.55003 2.28720  0.80033  27 DA A N1    
329 C C2    . DA A 16 ? 10.78686 11.11509 5.71541  -1.53698 2.22167  0.69441  27 DA A C2    
330 N N3    . DA A 16 ? 10.85764 11.16148 5.61129  -1.47368 2.19718  0.64114  27 DA A N3    
331 C C4    . DA A 16 ? 10.89947 11.24130 5.59777  -1.41763 2.24810  0.70956  27 DA A C4    
332 P P     . DC B 1  ? 5.37760  12.51457 12.55517 -1.04710 -0.89472 -0.12856 12 DC B P     
333 O OP1   . DC B 1  ? 5.35270  12.53397 12.57013 -0.97893 -0.83301 -0.11152 12 DC B OP1   
334 O OP2   . DC B 1  ? 5.30390  12.53997 12.56487 -0.95944 -0.85859 -0.11191 12 DC B OP2   
335 O "O5'" . DC B 1  ? 5.45427  12.48955 12.54332 -1.12486 -0.93677 -0.14613 12 DC B "O5'" 
336 C "C5'" . DC B 1  ? 5.44736  12.49351 12.54181 -1.11260 -0.94306 -0.14537 12 DC B "C5'" 
337 C "C4'" . DC B 1  ? 5.52836  12.46515 12.52737 -1.19432 -0.99116 -0.16587 12 DC B "C4'" 
338 O "O4'" . DC B 1  ? 5.61875  12.40952 12.49560 -1.34176 -1.09262 -0.20806 12 DC B "O4'" 
339 C "C3'" . DC B 1  ? 5.52827  12.42926 12.35835 -1.19014 -0.98292 -0.24383 12 DC B "C3'" 
340 O "O3'" . DC B 1  ? 5.56440  12.36467 12.10160 -1.18437 -0.93122 -0.36832 12 DC B "O3'" 
341 C "C2'" . DC B 1  ? 5.59722  12.39993 12.41764 -1.33683 -1.11654 -0.24067 12 DC B "C2'" 
342 C "C1'" . DC B 1  ? 5.66810  12.37178 12.46571 -1.43240 -1.18090 -0.24175 12 DC B "C1'" 
343 N N1    . DC B 1  ? 5.69123  12.33920 12.44392 -1.50739 -1.24174 -0.26840 12 DC B N1    
344 C C2    . DC B 1  ? 5.77521  12.27917 12.40150 -1.63046 -1.34744 -0.31887 12 DC B C2    
345 O O2    . DC B 1  ? 5.83499  12.24907 12.37786 -1.68552 -1.40050 -0.34562 12 DC B O2    
346 N N3    . DC B 1  ? 5.78808  12.25503 12.38454 -1.67914 -1.38883 -0.33910 12 DC B N3    
347 C C4    . DC B 1  ? 5.72693  12.28685 12.40832 -1.61981 -1.33456 -0.31157 12 DC B C4    
348 N N4    . DC B 1  ? 5.74229  12.26439 12.39223 -1.66537 -1.37423 -0.33059 12 DC B N4    
349 C C5    . DC B 1  ? 5.64702  12.34236 12.44661 -1.50481 -1.23809 -0.26548 12 DC B C5    
350 C C6    . DC B 1  ? 5.62998  12.36688 12.46278 -1.44825 -1.19281 -0.24556 12 DC B C6    
351 P P     . DA B 2  ? 5.54095  12.25811 11.77029 -1.11301 -0.84958 -0.56271 13 DA B P     
352 O OP1   . DA B 2  ? 5.53118  12.21363 11.59593 -1.01867 -0.74222 -0.65685 13 DA B OP1   
353 O OP2   . DA B 2  ? 5.45448  12.25677 11.80644 -1.01303 -0.80531 -0.56524 13 DA B OP2   
354 O "O5'" . DA B 2  ? 5.64064  12.19707 11.64488 -1.28271 -0.96359 -0.63153 13 DA B "O5'" 
355 C "C5'" . DA B 2  ? 5.63978  12.09400 11.39283 -1.26764 -0.93423 -0.79542 13 DA B "C5'" 
356 C "C4'" . DA B 2  ? 5.74606  12.04176 11.26226 -1.42997 -1.03856 -0.85389 13 DA B "C4'" 
357 O "O4'" . DA B 2  ? 5.80549  12.10947 11.49651 -1.56289 -1.17433 -0.70685 13 DA B "O4'" 
358 C "C3'" . DA B 2  ? 5.75176  11.95441 11.08365 -1.44749 -1.04690 -0.98069 13 DA B "C3'" 
359 O "O3'" . DA B 2  ? 5.84000  11.88093 10.87298 -1.55396 -1.09748 -1.08363 13 DA B "O3'" 
360 C "C2'" . DA B 2  ? 5.76066  12.02642 11.31920 -1.52257 -1.14707 -0.84444 13 DA B "C2'" 
361 C "C1'" . DA B 2  ? 5.83248  12.08585 11.49130 -1.63624 -1.25138 -0.72032 13 DA B "C1'" 
362 N N9    . DA B 2  ? 5.82516  12.16333 11.80916 -1.66946 -1.33093 -0.56199 13 DA B N9    
363 C C8    . DA B 2  ? 5.75235  12.24218 12.04592 -1.58352 -1.29041 -0.44635 13 DA B C8    
364 N N7    . DA B 2  ? 5.76156  12.27441 12.32780 -1.62809 -1.37759 -0.34524 13 DA B N7    
365 C C5    . DA B 2  ? 5.84480  12.21334 12.26666 -1.74369 -1.48028 -0.39975 13 DA B C5    
366 C C6    . DA B 2  ? 5.87429  12.18633 12.31279 -1.80296 -1.54660 -0.41062 13 DA B C6    
367 N N6    . DA B 2  ? 5.81894  12.21438 12.33835 -1.75646 -1.49545 -0.38368 13 DA B N6    
368 N N1    . DA B 2  ? 5.95827  12.12601 12.25951 -1.90131 -1.64915 -0.46752 13 DA B N1    
369 C C2    . DA B 2  ? 6.00170  12.08647 12.00113 -1.94125 -1.64365 -0.53684 13 DA B C2    
370 N N3    . DA B 2  ? 5.96835  12.08826 11.79708 -1.88283 -1.53906 -0.58883 13 DA B N3    
371 C C4    . DA B 2  ? 5.88735  12.15439 11.94333 -1.77887 -1.45811 -0.51630 13 DA B C4    
372 P P     . DC B 3  ? 5.84549  11.75120 10.58384 -1.53913 -1.06022 -1.28117 14 DC B P     
373 O OP1   . DC B 3  ? 5.87677  11.67253 10.34187 -1.52545 -1.00559 -1.41450 14 DC B OP1   
374 O OP2   . DC B 3  ? 5.74729  11.72636 10.61563 -1.40416 -0.97597 -1.31595 14 DC B OP2   
375 O "O5'" . DC B 3  ? 5.93563  11.75225 10.59569 -1.70642 -1.20277 -1.24850 14 DC B "O5'" 
376 C "C5'" . DC B 3  ? 5.96661  11.85053 10.86657 -1.79440 -1.31522 -1.06935 14 DC B "C5'" 
377 C "C4'" . DC B 3  ? 5.94676  11.86759 10.97179 -1.80221 -1.35053 -1.03041 14 DC B "C4'" 
378 O "O4'" . DC B 3  ? 5.92653  11.97330 11.29594 -1.81022 -1.40506 -0.84763 14 DC B "O4'" 
379 C "C3'" . DC B 3  ? 5.85597  11.81356 10.88083 -1.66852 -1.23260 -1.13326 14 DC B "C3'" 
380 O "O3'" . DC B 3  ? 5.88370  11.75644 10.78754 -1.71580 -1.26624 -1.20276 14 DC B "O3'" 
381 C "C2'" . DC B 3  ? 5.77955  11.91343 11.16447 -1.59513 -1.21236 -0.98211 14 DC B "C2'" 
382 C "C1'" . DC B 3  ? 5.85263  11.99459 11.38278 -1.73021 -1.35380 -0.82761 14 DC B "C1'" 
383 N N1    . DC B 3  ? 5.80565  12.10135 11.70460 -1.69679 -1.37011 -0.65333 14 DC B N1    
384 C C2    . DC B 3  ? 5.84759  12.14233 11.94615 -1.77859 -1.48374 -0.53952 14 DC B C2    
385 O O2    . DC B 3  ? 5.92279  12.09457 11.87734 -1.87301 -1.56743 -0.58109 14 DC B O2    
386 N N3    . DC B 3  ? 5.80165  12.21510 12.25618 -1.73748 -1.49468 -0.40735 14 DC B N3    
387 C C4    . DC B 3  ? 5.72001  12.27014 12.30938 -1.63128 -1.40182 -0.35846 14 DC B C4    
388 N N4    . DC B 3  ? 5.66119  12.31121 12.40186 -1.57417 -1.35762 -0.30513 14 DC B N4    
389 C C5    . DC B 3  ? 5.67487  12.23705 12.05366 -1.54061 -1.28351 -0.46515 14 DC B C5    
390 C C6    . DC B 3  ? 5.71859  12.14203 11.76729 -1.57228 -1.27052 -0.62103 14 DC B C6    
391 P P     . DA B 4  ? 5.97679  11.66376 10.52367 -1.82095 -1.31971 -1.33441 15 DA B P     
392 O OP1   . DA B 4  ? 6.01824  11.63541 10.37853 -1.84683 -1.31381 -1.38816 15 DA B OP1   
393 O OP2   . DA B 4  ? 5.93786  11.56077 10.36020 -1.75354 -1.24718 -1.48352 15 DA B OP2   
394 O "O5'" . DA B 4  ? 6.05927  11.72587 10.67813 -1.96177 -1.46933 -1.20571 15 DA B "O5'" 
395 C "C5'" . DA B 4  ? 6.04321  11.83249 10.99294 -1.97095 -1.52531 -1.02387 15 DA B "C5'" 
396 C "C4'" . DA B 4  ? 6.07570  11.84951 11.10419 -2.02813 -1.60288 -0.96660 15 DA B "C4'" 
397 O "O4'" . DA B 4  ? 6.02644  11.94255 11.42272 -1.98933 -1.61427 -0.81141 15 DA B "O4'" 
398 C "C3'" . DA B 4  ? 6.04842  11.78511 10.95237 -1.98709 -1.53750 -1.08123 15 DA B "C3'" 
399 O "O3'" . DA B 4  ? 6.10811  11.79412 11.01607 -2.06664 -1.62696 -1.03564 15 DA B "O3'" 
400 C "C2'" . DA B 4  ? 5.93934  11.82916 11.11628 -1.86204 -1.44193 -1.02937 15 DA B "C2'" 
401 C "C1'" . DA B 4  ? 5.94861  11.94729 11.44008 -1.90015 -1.52460 -0.82924 15 DA B "C1'" 
402 N N9    . DA B 4  ? 5.85834  12.01381 11.60813 -1.79786 -1.45296 -0.74666 15 DA B N9    
403 C C8    . DA B 4  ? 5.78394  11.98121 11.48928 -1.68313 -1.33639 -0.82619 15 DA B C8    
404 N N7    . DA B 4  ? 5.71056  12.06049 11.68851 -1.60182 -1.29453 -0.71444 15 DA B N7    
405 C C5    . DA B 4  ? 5.73981  12.14925 11.96363 -1.67359 -1.39154 -0.55298 15 DA B C5    
406 C C6    . DA B 4  ? 5.69430  12.25130 12.27191 -1.64156 -1.40622 -0.38566 15 DA B C6    
407 N N6    . DA B 4  ? 5.60639  12.30569 12.33122 -1.53108 -1.31913 -0.33489 15 DA B N6    
408 N N1    . DA B 4  ? 5.72451  12.25196 12.35817 -1.69318 -1.45933 -0.35602 15 DA B N1    
409 C C2    . DA B 4  ? 5.80995  12.19811 12.31610 -1.78905 -1.54659 -0.40363 15 DA B C2    
410 N N3    . DA B 4  ? 5.87547  12.14141 12.15882 -1.85256 -1.59079 -0.48326 15 DA B N3    
411 C C4    . DA B 4  ? 5.82992  12.11164 11.92445 -1.78687 -1.48864 -0.57866 15 DA B C4    
412 P P     . DC B 5  ? 6.19373  11.70385 10.75286 -2.15122 -1.67597 -1.16020 16 DC B P     
413 O OP1   . DC B 5  ? 6.16434  11.66390 10.70271 -2.11156 -1.61936 -1.22704 16 DC B OP1   
414 O OP2   . DC B 5  ? 6.28061  11.72770 10.84211 -2.25154 -1.81425 -1.07264 16 DC B OP2   
415 O "O5'" . DC B 5  ? 6.19414  11.61771 10.46597 -2.13256 -1.61195 -1.31816 16 DC B "O5'" 
416 C "C5'" . DC B 5  ? 6.27414  11.53491 10.20864 -2.21210 -1.65740 -1.43307 16 DC B "C5'" 
417 C "C4'" . DC B 5  ? 6.26687  11.46990 9.99682  -2.18356 -1.59262 -1.55452 16 DC B "C4'" 
418 O "O4'" . DC B 5  ? 6.25109  11.35120 9.72919  -2.13811 -1.50867 -1.74845 16 DC B "O4'" 
419 C "C3'" . DC B 5  ? 6.18377  11.51234 10.11023 -2.07977 -1.50280 -1.51699 16 DC B "C3'" 
420 O "O3'" . DC B 5  ? 6.21900  11.58526 10.25413 -2.13465 -1.57425 -1.39055 16 DC B "O3'" 
421 C "C2'" . DC B 5  ? 6.14449  11.39926 9.84274  -1.99106 -1.38131 -1.71175 16 DC B "C2'" 
422 C "C1'" . DC B 5  ? 6.20776  11.29909 9.59733  -2.05785 -1.41145 -1.84958 16 DC B "C1'" 
423 N N1    . DC B 5  ? 6.15021  11.17469 9.40308  -1.95402 -1.29635 -2.03696 16 DC B N1    
424 C C2    . DC B 5  ? 6.18020  11.05713 9.10821  -1.95641 -1.25934 -2.21589 16 DC B C2    
425 O O2    . DC B 5  ? 6.25167  11.06259 9.01286  -2.04339 -1.31756 -2.21341 16 DC B O2    
426 N N3    . DC B 5  ? 6.12796  10.93282 8.94121  -1.85792 -1.15998 -2.38788 16 DC B N3    
427 C C4    . DC B 5  ? 6.04877  10.91817 9.06102  -1.76040 -1.10051 -2.38412 16 DC B C4    
428 N N4    . DC B 5  ? 5.99714  10.77912 8.89596  -1.65839 -1.00507 -2.55871 16 DC B N4    
429 C C5    . DC B 5  ? 6.01837  11.03916 9.36028  -1.76031 -1.13678 -2.20025 16 DC B C5    
430 C C6    . DC B 5  ? 6.07165  11.16710 9.51932  -1.85927 -1.23420 -2.03261 16 DC B C6    
431 P P     . DC B 6  ? 6.28181  11.53956 10.08378 -2.19342 -1.60045 -1.45017 17 DC B P     
432 O OP1   . DC B 6  ? 6.34374  11.43758 9.80427  -2.25289 -1.62198 -1.59676 17 DC B OP1   
433 O OP2   . DC B 6  ? 6.32073  11.61194 10.30553 -2.25841 -1.70307 -1.29469 17 DC B OP2   
434 O "O5'" . DC B 6  ? 6.20636  11.52183 10.01271 -2.07150 -1.46031 -1.52281 17 DC B "O5'" 
435 C "C5'" . DC B 6  ? 6.22619  11.53734 10.01085 -2.08142 -1.45532 -1.49884 17 DC B "C5'" 
436 C "C4'" . DC B 6  ? 6.21643  11.43872 9.73287  -2.02175 -1.35248 -1.67665 17 DC B "C4'" 
437 O "O4'" . DC B 6  ? 6.18171  11.34796 9.55586  -1.96174 -1.28729 -1.82634 17 DC B "O4'" 
438 C "C3'" . DC B 6  ? 6.14576  11.46123 9.77108  -1.89579 -1.23380 -1.67633 17 DC B "C3'" 
439 O "O3'" . DC B 6  ? 6.18650  11.40563 9.58884  -1.90848 -1.20301 -1.76469 17 DC B "O3'" 
440 C "C2'" . DC B 6  ? 6.05242  11.40243 9.69566  -1.74967 -1.11492 -1.78635 17 DC B "C2'" 
441 C "C1'" . DC B 6  ? 6.09660  11.29870 9.47447  -1.80738 -1.14401 -1.92707 17 DC B "C1'" 
442 N N1    . DC B 6  ? 6.02699  11.24411 9.45932  -1.71593 -1.08363 -2.00063 17 DC B N1    
443 C C2    . DC B 6  ? 6.02172  11.10756 9.20122  -1.67428 -1.02451 -2.19566 17 DC B C2    
444 O O2    . DC B 6  ? 6.07557  11.04157 8.98586  -1.71583 -1.02321 -2.30168 17 DC B O2    
445 N N3    . DC B 6  ? 5.95750  11.04657 9.20100  -1.58831 -0.97025 -2.26179 17 DC B N3    
446 C C4    . DC B 6  ? 5.90089  11.12077 9.44490  -1.54624 -0.97316 -2.13761 17 DC B C4    
447 N N4    . DC B 6  ? 5.83761  11.04888 9.44503  -1.45930 -0.91706 -2.20572 17 DC B N4    
448 C C5    . DC B 6  ? 5.90626  11.26701 9.70500  -1.58995 -1.03324 -1.93695 17 DC B C5    
449 C C6    . DC B 6  ? 5.96970  11.32177 9.70279  -1.67356 -1.08743 -1.87697 17 DC B C6    
450 P P     . DG B 7  ? 6.14603  11.44556 9.64872  -1.81275 -1.10745 -1.73036 18 DG B P     
451 O OP1   . DG B 7  ? 6.23116  11.45399 9.63957  -1.92296 -1.17710 -1.68898 18 DG B OP1   
452 O OP2   . DG B 7  ? 6.06853  11.54331 9.90627  -1.72730 -1.07523 -1.59663 18 DG B OP2   
453 O "O5'" . DG B 7  ? 6.09816  11.33291 9.38341  -1.68005 -0.96582 -1.93018 18 DG B "O5'" 
454 C "C5'" . DG B 7  ? 6.13978  11.27664 9.20092  -1.68424 -0.92433 -2.02148 18 DG B "C5'" 
455 C "C4'" . DG B 7  ? 6.16604  11.14190 8.90015  -1.69403 -0.90419 -2.21959 18 DG B "C4'" 
456 O "O4'" . DG B 7  ? 6.12716  11.10329 8.88444  -1.66927 -0.91080 -2.26943 18 DG B "O4'" 
457 C "C3'" . DG B 7  ? 6.12766  11.05583 8.69342  -1.55804 -0.76314 -2.37415 18 DG B "C3'" 
458 O "O3'" . DG B 7  ? 6.20394  10.97545 8.46792  -1.63769 -0.78346 -2.48506 18 DG B "O3'" 
459 C "C2'" . DG B 7  ? 6.04397  10.97670 8.60769  -1.42546 -0.68065 -2.49350 18 DG B "C2'" 
460 C "C1'" . DG B 7  ? 6.06387  10.99315 8.69343  -1.52821 -0.78886 -2.44329 18 DG B "C1'" 
461 N N9    . DG B 7  ? 5.97277  11.00927 8.83439  -1.41914 -0.74431 -2.41119 18 DG B N9    
462 C C8    . DG B 7  ? 5.93021  11.12610 9.11247  -1.39727 -0.76333 -2.23904 18 DG B C8    
463 N N7    . DG B 7  ? 5.84755  11.10701 9.18656  -1.29013 -0.71239 -2.24962 18 DG B N7    
464 C C5    . DG B 7  ? 5.83419  10.96474 8.94590  -1.23660 -0.65647 -2.44216 18 DG B C5    
465 C C6    . DG B 7  ? 5.75635  10.87393 8.90903  -1.11813 -0.58781 -2.53789 18 DG B C6    
466 O O6    . DG B 7  ? 5.68152  10.90322 9.08627  -1.03519 -0.56186 -2.46723 18 DG B O6    
467 N N1    . DG B 7  ? 5.77082  10.73086 8.63751  -1.09878 -0.54780 -2.73456 18 DG B N1    
468 C C2    . DG B 7  ? 5.85070  10.68556 8.42374  -1.18404 -0.57071 -2.82646 18 DG B C2    
469 N N2    . DG B 7  ? 5.85110  10.54283 8.17479  -1.14715 -0.52365 -3.01805 18 DG B N2    
470 N N3    . DG B 7  ? 5.92438  10.76921 8.45586  -1.29619 -0.63506 -2.73595 18 DG B N3    
471 C C4    . DG B 7  ? 5.91099  10.90536 8.72396  -1.31542 -0.67510 -2.54474 18 DG B C4    
472 P P     . DT B 8  ? 6.22253  10.96548 8.38294  -1.59063 -0.70211 -2.51768 19 DT B P     
473 O OP1   . DT B 8  ? 6.32649  10.93169 8.27592  -1.74744 -0.79488 -2.53616 19 DT B OP1   
474 O OP2   . DT B 8  ? 6.17702  11.08084 8.62696  -1.51709 -0.65900 -2.36368 19 DT B OP2   
475 O "O5'" . DT B 8  ? 6.16443  10.84566 8.13339  -1.43078 -0.56085 -2.72052 19 DT B "O5'" 
476 C "C5'" . DT B 8  ? 6.18697  10.72373 7.89390  -1.46357 -0.57559 -2.88725 19 DT B "C5'" 
477 C "C4'" . DT B 8  ? 6.10242  10.62457 7.73915  -1.28135 -0.44235 -3.04699 19 DT B "C4'" 
478 O "O4'" . DT B 8  ? 6.03426  10.62957 7.85561  -1.22778 -0.44778 -3.02251 19 DT B "O4'" 
479 C "C3'" . DT B 8  ? 6.03925  10.64499 7.76025  -1.10685 -0.30591 -3.04692 19 DT B "C3'" 
480 O "O3'" . DT B 8  ? 6.08576  10.59291 7.56818  -1.10122 -0.25288 -3.14127 19 DT B "O3'" 
481 C "C2'" . DT B 8  ? 5.94164  10.56158 7.69193  -0.93629 -0.21141 -3.15979 19 DT B "C2'" 
482 C "C1'" . DT B 8  ? 5.94088  10.56125 7.78274  -1.02835 -0.31228 -3.12593 19 DT B "C1'" 
483 N N1    . DT B 8  ? 5.85816  10.63171 8.02434  -0.94253 -0.29750 -3.00861 19 DT B N1    
484 C C2    . DT B 8  ? 5.78109  10.55047 7.99935  -0.83214 -0.24757 -3.09237 19 DT B C2    
485 O O2    . DT B 8  ? 5.77616  10.42133 7.78858  -0.79931 -0.21401 -3.26130 19 DT B O2    
486 N N3    . DT B 8  ? 5.70887  10.62348 8.23813  -0.76003 -0.23773 -2.96777 19 DT B N3    
487 C C4    . DT B 8  ? 5.70679  10.76879 8.48850  -0.78770 -0.27268 -2.77458 19 DT B C4    
488 O O4    . DT B 8  ? 5.63915  10.82464 8.68961  -0.71824 -0.26085 -2.67380 19 DT B O4    
489 C C5    . DT B 8  ? 5.78965  10.84591 8.50131  -0.90408 -0.32409 -2.69842 19 DT B C5    
490 C C7    . DT B 8  ? 5.79528  10.99880 8.76954  -0.94322 -0.36510 -2.49071 19 DT B C7    
491 C C6    . DT B 8  ? 5.85996  10.77290 8.27376  -0.97429 -0.33352 -2.81680 19 DT B C6    
492 P P     . DG C 1  ? 7.51152  9.59000  7.97497  2.98684  0.18264  2.46430  -5 DG C P     
493 O OP1   . DG C 1  ? 7.51941  9.58919  7.98331  2.95701  0.18548  2.49083  -5 DG C OP1   
494 O OP2   . DG C 1  ? 7.55466  9.58042  7.98013  3.00658  0.17895  2.43788  -5 DG C OP2   
495 O "O5'" . DG C 1  ? 7.52610  9.61825  7.95618  3.00608  0.19967  2.40673  -5 DG C "O5'" 
496 C "C5'" . DG C 1  ? 7.48215  9.63175  7.95031  2.99521  0.20198  2.42115  -5 DG C "C5'" 
497 C "C4'" . DG C 1  ? 7.52258  9.66112  7.93525  3.01129  0.22105  2.35391  -5 DG C "C4'" 
498 O "O4'" . DG C 1  ? 7.57541  9.66407  7.92642  3.03927  0.23020  2.29569  -5 DG C "O4'" 
499 C "C3'" . DG C 1  ? 7.56451  9.67672  7.93642  2.99467  0.23536  2.33456  -5 DG C "C3'" 
500 O "O3'" . DG C 1  ? 7.57288  9.70547  7.92336  3.00421  0.24909  2.28736  -5 DG C "O3'" 
501 C "C2'" . DG C 1  ? 7.63906  9.67227  7.93518  3.00617  0.24426  2.29301  -5 DG C "C2'" 
502 C "C1'" . DG C 1  ? 7.64537  9.67494  7.92279  3.03868  0.24690  2.24967  -5 DG C "C1'" 
503 N N9    . DG C 1  ? 7.69047  9.66135  7.92569  3.05211  0.24690  2.22780  -5 DG C N9    
504 C C8    . DG C 1  ? 7.68008  9.63643  7.94204  3.04612  0.22966  2.27100  -5 DG C C8    
505 N N7    . DG C 1  ? 7.72862  9.63049  7.94308  3.06152  0.23287  2.23585  -5 DG C N7    
506 C C5    . DG C 1  ? 7.77291  9.65145  7.92429  3.07783  0.25534  2.16498  -5 DG C C5    
507 C C6    . DG C 1  ? 7.83244  9.65463  7.91569  3.09679  0.26978  2.10194  -5 DG C C6    
508 O O6    . DG C 1  ? 7.85885  9.63995  7.92531  3.10336  0.26400  2.09751  -5 DG C O6    
509 N N1    . DG C 1  ? 7.86096  9.67751  7.89396  3.10812  0.29316  2.03766  -5 DG C N1    
510 C C2    . DG C 1  ? 7.83652  9.69654  7.88399  3.10310  0.29976  2.03402  -5 DG C C2    
511 N N2    . DG C 1  ? 7.87165  9.71773  7.86296  3.11675  0.32268  1.96297  -5 DG C N2    
512 N N3    . DG C 1  ? 7.78065  9.69475  7.89412  3.08546  0.28500  2.09412  -5 DG C N3    
513 C C4    . DG C 1  ? 7.75096  9.67098  7.91323  3.07300  0.26403  2.15788  -5 DG C C4    
514 P P     . DT C 2  ? 7.54340  9.68719  7.88611  2.98112  0.26069  2.28176  -4 DT C P     
515 O OP1   . DT C 2  ? 7.46887  9.69138  7.89200  2.96661  0.24933  2.32623  -4 DT C OP1   
516 O OP2   . DT C 2  ? 7.57889  9.67499  7.89813  2.95838  0.26296  2.30331  -4 DT C OP2   
517 O "O5'" . DT C 2  ? 7.60481  9.71748  7.86621  3.00564  0.28327  2.18950  -4 DT C "O5'" 
518 C "C5'" . DT C 2  ? 7.65685  9.71447  7.85279  3.03301  0.29300  2.13348  -4 DT C "C5'" 
519 C "C4'" . DT C 2  ? 7.73859  9.72206  7.84665  3.02987  0.31275  2.08364  -4 DT C "C4'" 
520 O "O4'" . DT C 2  ? 7.77568  9.70134  7.84685  3.04174  0.31158  2.07347  -4 DT C "O4'" 
521 C "C3'" . DT C 2  ? 7.74763  9.72137  7.86136  2.99622  0.31278  2.12208  -4 DT C "C3'" 
522 O "O3'" . DT C 2  ? 7.80074  9.74947  7.84991  2.99240  0.33522  2.06312  -4 DT C "O3'" 
523 C "C2'" . DT C 2  ? 7.78363  9.69481  7.87102  2.99095  0.30672  2.14267  -4 DT C "C2'" 
524 C "C1'" . DT C 2  ? 7.82682  9.69465  7.85453  3.02290  0.31632  2.07855  -4 DT C "C1'" 
525 N N1    . DT C 2  ? 7.84130  9.66687  7.86526  3.02710  0.30374  2.10102  -4 DT C N1    
526 C C2    . DT C 2  ? 7.90074  9.66505  7.85432  3.04713  0.31560  2.04194  -4 DT C C2    
527 O O2    . DT C 2  ? 7.94204  9.68351  7.83368  3.06191  0.33759  1.96981  -4 DT C O2    
528 N N3    . DT C 2  ? 7.90784  9.64015  7.86872  3.04878  0.30047  2.06937  -4 DT C N3    
529 C C4    . DT C 2  ? 7.86456  9.61764  7.89099  3.03358  0.27565  2.14496  -4 DT C C4    
530 O O4    . DT C 2  ? 7.87561  9.59748  7.90374  3.03739  0.26230  2.16119  -4 DT C O4    
531 C C5    . DT C 2  ? 7.80380  9.61933  7.89857  3.01229  0.26649  2.20193  -4 DT C C5    
532 C C7    . DT C 2  ? 7.75159  9.59425  7.91978  2.99332  0.24191  2.28232  -4 DT C C7    
533 C C6    . DT C 2  ? 7.79474  9.64348  7.88632  3.00950  0.28063  2.17891  -4 DT C C6    
534 P P     . DG C 3  ? 7.76387  9.77476  7.85608  2.97167  0.33721  2.07789  -3 DG C P     
535 O OP1   . DG C 3  ? 7.70041  9.78253  7.85264  2.98733  0.32636  2.08351  -3 DG C OP1   
536 O OP2   . DG C 3  ? 7.74193  9.76083  7.87914  2.93433  0.32827  2.15030  -3 DG C OP2   
537 O "O5'" . DG C 3  ? 7.84307  9.80671  7.83634  2.97783  0.36561  1.98640  -3 DG C "O5'" 
538 C "C5'" . DG C 3  ? 7.88151  9.82030  7.81068  3.01024  0.38053  1.90175  -3 DG C "C5'" 
539 C "C4'" . DG C 3  ? 7.97278  9.81552  7.79456  3.01708  0.40082  1.83959  -3 DG C "C4'" 
540 O "O4'" . DG C 3  ? 7.97260  9.78210  7.80627  3.01711  0.38754  1.88426  -3 DG C "O4'" 
541 C "C3'" . DG C 3  ? 8.03573  9.82881  7.79361  2.99274  0.41746  1.81759  -3 DG C "C3'" 
542 O "O3'" . DG C 3  ? 8.12126  9.84213  7.76433  3.00742  0.44433  1.71659  -3 DG C "O3'" 
543 C "C2'" . DG C 3  ? 8.04270  9.79787  7.81459  2.97253  0.40467  1.88478  -3 DG C "C2'" 
544 C "C1'" . DG C 3  ? 8.03617  9.77429  7.81043  2.99802  0.39557  1.88267  -3 DG C "C1'" 
545 N N9    . DG C 3  ? 8.01016  9.74221  7.83370  2.98585  0.37317  1.96009  -3 DG C N9    
546 C C8    . DG C 3  ? 7.94649  9.72926  7.85819  2.96152  0.35255  2.04778  -3 DG C C8    
547 N N7    . DG C 3  ? 7.93932  9.69946  7.87379  2.95595  0.33506  2.09767  -3 DG C N7    
548 C C5    . DG C 3  ? 8.00190  9.69359  7.86089  2.97791  0.34383  2.04138  -3 DG C C5    
549 C C6    . DG C 3  ? 8.02447  9.66702  7.87052  2.98327  0.33138  2.05704  -3 DG C C6    
550 O O6    . DG C 3  ? 7.99391  9.64275  7.89191  2.97095  0.30894  2.12370  -3 DG C O6    
551 N N1    . DG C 3  ? 8.08836  9.67030  7.85263  3.00504  0.34748  1.98303  -3 DG C N1    
552 C C2    . DG C 3  ? 8.12599  9.69450  7.82626  3.01947  0.37364  1.90199  -3 DG C C2    
553 N N2    . DG C 3  ? 8.18318  9.69143  7.81071  3.03742  0.38775  1.83754  -3 DG C N2    
554 N N3    . DG C 3  ? 8.10788  9.71977  7.81597  3.01603  0.38502  1.88334  -3 DG C N3    
555 C C4    . DG C 3  ? 8.04529  9.71857  7.83551  2.99522  0.36838  1.95700  -3 DG C C4    
556 P P     . DC C 4  ? 8.64977  10.28876 8.19365  2.98596  0.46549  1.67443  -2 DC C P     
557 O OP1   . DC C 4  ? 8.74563  10.34709 8.19217  3.00281  0.49224  1.56043  -2 DC C OP1   
558 O OP2   . DC C 4  ? 8.62325  10.29997 8.22390  2.95255  0.45631  1.74357  -2 DC C OP2   
559 O "O5'" . DC C 4  ? 8.69646  10.25178 8.19270  2.98512  0.46393  1.68494  -2 DC C "O5'" 
560 C "C5'" . DC C 4  ? 8.77162  10.27735 8.20463  3.01083  0.47579  1.61882  -2 DC C "C5'" 
561 C "C4'" . DC C 4  ? 8.79489  10.23469 8.20411  3.00716  0.46786  1.64525  -2 DC C "C4'" 
562 O "O4'" . DC C 4  ? 8.68845  10.17258 8.19634  2.99471  0.43786  1.74989  -2 DC C "O4'" 
563 C "C3'" . DC C 4  ? 8.91291  10.25070 8.21756  2.98730  0.48353  1.61038  -2 DC C "C3'" 
564 O "O3'" . DC C 4  ? 8.98434  10.24960 8.21467  3.00195  0.49462  1.55390  -2 DC C "O3'" 
565 C "C2'" . DC C 4  ? 8.85680  10.19806 8.22057  2.96136  0.45935  1.71009  -2 DC C "C2'" 
566 C "C1'" . DC C 4  ? 8.73384  10.14387 8.20108  2.97743  0.43335  1.77241  -2 DC C "C1'" 
567 N N1    . DC C 4  ? 8.63650  10.09050 8.19970  2.95698  0.40501  1.87737  -2 DC C N1    
568 C C2    . DC C 4  ? 8.61192  10.02754 8.18622  2.95293  0.38550  1.92277  -2 DC C C2    
569 O O2    . DC C 4  ? 8.67406  10.01916 8.17867  2.96530  0.39179  1.87735  -2 DC C O2    
570 N N3    . DC C 4  ? 8.51931  9.97651  8.18129  2.93455  0.35997  2.01359  -2 DC C N3    
571 C C4    . DC C 4  ? 8.45111  9.98606  8.18977  2.91904  0.35485  2.06040  -2 DC C C4    
572 N N4    . DC C 4  ? 8.36664  9.94005  8.19043  2.89904  0.33103  2.14722  -2 DC C N4    
573 C C5    . DC C 4  ? 8.47411  10.05132 8.20651  2.92252  0.37354  2.01820  -2 DC C C5    
574 C C6    . DC C 4  ? 8.56732  10.10191 8.21077  2.94269  0.39740  1.92659  -2 DC C C6    
575 P P     . DA C 5  ? 9.42172  10.58108 8.50635  2.99695  0.52694  1.44871  -1 DA C P     
576 O OP1   . DA C 5  ? 9.43405  10.58299 8.47845  3.02367  0.54473  1.36911  -1 DA C OP1   
577 O OP2   . DA C 5  ? 9.44854  10.60486 8.49783  2.97817  0.53967  1.42573  -1 DA C OP2   
578 O "O5'" . DA C 5  ? 9.47994  10.55240 8.52182  2.97972  0.51808  1.47865  -1 DA C "O5'" 
579 C "C5'" . DA C 5  ? 9.58454  10.54621 8.49744  2.97199  0.54084  1.39965  -1 DA C "C5'" 
580 C "C4'" . DA C 5  ? 9.62508  10.51786 8.52056  2.95462  0.52439  1.44850  -1 DA C "C4'" 
581 O "O4'" . DA C 5  ? 9.54323  10.50684 8.56017  2.95011  0.49073  1.56060  -1 DA C "O4'" 
582 C "C3'" . DA C 5  ? 9.71696  10.51512 8.51485  2.92426  0.53608  1.42722  -1 DA C "C3'" 
583 O "O3'" . DA C 5  ? 9.79231  10.48961 8.51452  2.91677  0.53554  1.40802  -1 DA C "O3'" 
584 C "C2'" . DA C 5  ? 9.66300  10.51448 8.55107  2.90356  0.51280  1.53146  -1 DA C "C2'" 
585 C "C1'" . DA C 5  ? 9.56973  10.49959 8.58021  2.91947  0.48176  1.61256  -1 DA C "C1'" 
586 N N9    . DA C 5  ? 9.47569  10.50631 8.60603  2.91165  0.46223  1.69930  -1 DA C N9    
587 C C8    . DA C 5  ? 9.43053  10.53336 8.59938  2.91028  0.47140  1.69596  -1 DA C C8    
588 N N7    . DA C 5  ? 9.34420  10.53133 8.62751  2.89953  0.44948  1.78562  -1 DA C N7    
589 C C5    . DA C 5  ? 9.33358  10.50019 8.65277  2.89424  0.42426  1.84959  -1 DA C C5    
590 C C6    . DA C 5  ? 9.25806  10.48086 8.68555  2.88201  0.39416  1.94957  -1 DA C C6    
591 N N6    . DA C 5  ? 9.17322  10.48949 8.69895  2.87058  0.38534  2.00728  -1 DA C N6    
592 N N1    . DA C 5  ? 9.27262  10.45139 8.70355  2.88121  0.37292  1.98525  -1 DA C N1    
593 C C2    . DA C 5  ? 9.35536  10.44265 8.69172  2.89105  0.38089  1.92817  -1 DA C C2    
594 N N3    . DA C 5  ? 9.42925  10.45717 8.66098  2.90088  0.40949  1.83527  -1 DA C N3    
595 C C4    . DA C 5  ? 9.41451  10.48571 8.64144  2.90229  0.43069  1.79840  -1 DA C C4    
596 P P     . DC C 6  ? 9.10489  9.66822  7.66642  2.89568  0.56338  1.31651  0  DC C P     
597 O OP1   . DC C 6  ? 9.16146  9.64128  7.66715  2.89517  0.55972  1.29784  0  DC C OP1   
598 O OP2   . DC C 6  ? 9.12451  9.69299  7.62533  2.90472  0.59432  1.21809  0  DC C OP2   
599 O "O5'" . DC C 6  ? 9.12946  9.66589  7.68786  2.86296  0.55458  1.37556  0  DC C "O5'" 
600 C "C5'" . DC C 6  ? 9.22792  9.64184  7.69042  2.83611  0.55513  1.36849  0  DC C "C5'" 
601 C "C4'" . DC C 6  ? 9.20155  9.61525  7.73086  2.83314  0.52130  1.45922  0  DC C "C4'" 
602 O "O4'" . DC C 6  ? 9.08082  9.62240  7.76308  2.84470  0.49547  1.55445  0  DC C "O4'" 
603 C "C3'" . DC C 6  ? 9.26791  9.59314  7.75218  2.79914  0.51057  1.50332  0  DC C "C3'" 
604 O "O3'" . DC C 6  ? 9.27281  9.56590  7.77858  2.80019  0.48326  1.54902  0  DC C "O3'" 
605 C "C2'" . DC C 6  ? 9.18627  9.60582  7.78116  2.78782  0.49748  1.59403  0  DC C "C2'" 
606 C "C1'" . DC C 6  ? 9.06666  9.61370  7.79573  2.81765  0.47757  1.64124  0  DC C "C1'" 
607 N N1    . DC C 6  ? 8.97075  9.63713  7.80554  2.81845  0.47552  1.68931  0  DC C N1    
608 C C2    . DC C 6  ? 8.87273  9.62793  7.84269  2.81565  0.44447  1.79494  0  DC C C2    
609 O O2    . DC C 6  ? 8.86966  9.60123  7.86655  2.81430  0.41850  1.84440  0  DC C O2    
610 N N3    . DC C 6  ? 8.78430  9.64755  7.85082  2.81348  0.44296  1.83699  0  DC C N3    
611 C C4    . DC C 6  ? 8.79144  9.67793  7.82602  2.81597  0.46926  1.77903  0  DC C C4    
612 N N4    . DC C 6  ? 8.70047  9.69709  7.83733  2.81276  0.46496  1.82446  0  DC C N4    
613 C C5    . DC C 6  ? 8.89274  9.68875  7.78745  2.82100  0.50018  1.66794  0  DC C C5    
614 C C6    . DC C 6  ? 8.97932  9.66631  7.77738  2.82109  0.50293  1.62629  0  DC C C6    
615 P P     . DG C 7  ? 9.36145  9.53564  7.79865  2.76727  0.47002  1.57962  1  DG C P     
616 O OP1   . DG C 7  ? 9.46137  9.51939  7.77273  2.76622  0.48346  1.49273  1  DG C OP1   
617 O OP2   . DG C 7  ? 9.38579  9.54071  7.80266  2.73786  0.48045  1.60331  1  DG C OP2   
618 O "O5'" . DG C 7  ? 9.28451  9.51836  7.84710  2.77286  0.42597  1.68908  1  DG C "O5'" 
619 C "C5'" . DG C 7  ? 9.16062  9.53136  7.86640  2.78957  0.40908  1.75717  1  DG C "C5'" 
620 C "C4'" . DG C 7  ? 9.11780  9.51860  7.90592  2.76618  0.38257  1.86208  1  DG C "C4'" 
621 O "O4'" . DG C 7  ? 9.01986  9.53998  7.90982  2.76746  0.38583  1.90418  1  DG C "O4'" 
622 C "C3'" . DG C 7  ? 9.20986  9.50485  7.91220  2.72813  0.38992  1.86872  1  DG C "C3'" 
623 O "O3'" . DG C 7  ? 9.19924  9.47760  7.95253  2.71243  0.35473  1.95355  1  DG C "O3'" 
624 C "C2'" . DG C 7  ? 9.17307  9.52852  7.90652  2.71295  0.41135  1.88166  1  DG C "C2'" 
625 C "C1'" . DG C 7  ? 9.03579  9.53997  7.92292  2.73272  0.39207  1.94452  1  DG C "C1'" 
626 N N9    . DG C 7  ? 8.97914  9.57085  7.90956  2.73302  0.41335  1.93580  1  DG C N9    
627 C C8    . DG C 7  ? 9.03091  9.59574  7.87382  2.73620  0.44869  1.84828  1  DG C C8    
628 N N7    . DG C 7  ? 8.96023  9.62248  7.87200  2.73602  0.45861  1.86139  1  DG C N7    
629 C C5    . DG C 7  ? 8.85310  9.61265  7.90772  2.73034  0.42911  1.96519  1  DG C C5    
630 C C6    . DG C 7  ? 8.74209  9.62908  7.92202  2.72499  0.42381  2.02278  1  DG C C6    
631 O O6    . DG C 7  ? 8.71524  9.65947  7.90838  2.72555  0.44355  1.99484  1  DG C O6    
632 N N1    . DG C 7  ? 8.65808  9.60566  7.95481  2.71776  0.39072  2.11856  1  DG C N1    
633 C C2    . DG C 7  ? 8.67975  9.57309  7.97253  2.71827  0.36475  2.15273  1  DG C C2    
634 N N2    . DG C 7  ? 8.59006  9.55329  8.00047  2.71150  0.33438  2.23980  1  DG C N2    
635 N N3    . DG C 7  ? 8.78275  9.56006  7.96282  2.72422  0.36765  2.10208  1  DG C N3    
636 C C4    . DG C 7  ? 8.86451  9.58026  7.92984  2.72892  0.40112  2.00997  1  DG C C4    
637 P P     . DT C 8  ? 9.29984  9.45298  7.96800  2.67265  0.35291  1.97286  2  DT C P     
638 O OP1   . DT C 8  ? 9.39072  9.43072  7.96480  2.67654  0.34257  1.92923  2  DT C OP1   
639 O OP2   . DT C 8  ? 9.34552  9.46704  7.94896  2.64825  0.38864  1.94134  2  DT C OP2   
640 O "O5'" . DT C 8  ? 9.21905  9.43604  8.01460  2.65728  0.31652  2.09103  2  DT C "O5'" 
641 C "C5'" . DT C 8  ? 9.09479  9.44182  8.02851  2.67993  0.29398  2.14324  2  DT C "C5'" 
642 C "C4'" . DT C 8  ? 9.00341  9.45133  8.04277  2.65983  0.29676  2.21197  2  DT C "C4'" 
643 O "O4'" . DT C 8  ? 8.98143  9.48436  8.01388  2.66700  0.33105  2.16350  2  DT C "O4'" 
644 C "C3'" . DT C 8  ? 9.04092  9.43563  8.06628  2.61413  0.29865  2.26381  2  DT C "C3'" 
645 O "O3'" . DT C 8  ? 8.98551  9.40834  8.10311  2.60230  0.26047  2.35242  2  DT C "O3'" 
646 C "C2'" . DT C 8  ? 8.98648  9.46225  8.05889  2.59671  0.32828  2.27207  2  DT C "C2'" 
647 C "C1'" . DT C 8  ? 8.92466  9.49078  8.03052  2.63635  0.33778  2.22344  2  DT C "C1'" 
648 N N1    . DT C 8  ? 8.94130  9.52435  8.00235  2.63484  0.37731  2.16246  2  DT C N1    
649 C C2    . DT C 8  ? 8.83734  9.54660  8.00652  2.63074  0.38342  2.19694  2  DT C C2    
650 O O2    . DT C 8  ? 8.73121  9.53751  8.02980  2.62674  0.35922  2.27443  2  DT C O2    
651 N N3    . DT C 8  ? 8.86411  9.57885  7.98060  2.63135  0.41834  2.13221  2  DT C N3    
652 C C4    . DT C 8  ? 8.98481  9.58810  7.94777  2.63581  0.44805  2.03377  2  DT C C4    
653 O O4    . DT C 8  ? 9.00316  9.61712  7.92349  2.63769  0.47726  1.97390  2  DT C O4    
654 C C5    . DT C 8  ? 9.08961  9.55961  7.94248  2.63749  0.44098  2.00153  2  DT C C5    
655 C C7    . DT C 8  ? 9.22668  9.56031  7.90352  2.63890  0.47099  1.89015  2  DT C C7    
656 C C6    . DT C 8  ? 9.06172  9.53093  7.97168  2.63677  0.40587  2.06912  2  DT C C6    
657 P P     . DG C 9  ? 8.99942  9.38562  8.13585  2.55202  0.25517  2.42603  3  DG C P     
658 O OP1   . DG C 9  ? 8.98324  9.35313  8.16608  2.55182  0.21113  2.48506  3  DG C OP1   
659 O OP2   . DG C 9  ? 9.12270  9.38761  8.12395  2.52797  0.28733  2.37490  3  DG C OP2   
660 O "O5'" . DG C 9  ? 8.87423  9.40047  8.14375  2.53314  0.26541  2.48298  3  DG C "O5'" 
661 C "C5'" . DG C 9  ? 8.86276  9.39156  8.16830  2.48203  0.27656  2.53993  3  DG C "C5'" 
662 C "C4'" . DG C 9  ? 8.71805  9.39922  8.17970  2.46697  0.27441  2.60325  3  DG C "C4'" 
663 O "O4'" . DG C 9  ? 8.68186  9.43721  8.15012  2.49335  0.29876  2.54962  3  DG C "O4'" 
664 C "C3'" . DG C 9  ? 8.68558  9.39061  8.20949  2.40583  0.28852  2.66647  3  DG C "C3'" 
665 O "O3'" . DG C 9  ? 8.54494  9.37791  8.22769  2.38816  0.26839  2.74449  3  DG C "O3'" 
666 C "C2'" . DG C 9  ? 8.71355  9.42930  8.18980  2.40229  0.33246  2.60769  3  DG C "C2'" 
667 C "C1'" . DG C 9  ? 8.66541  9.45690  8.15571  2.45691  0.33055  2.55634  3  DG C "C1'" 
668 N N9    . DG C 9  ? 8.74274  9.49164  8.12000  2.48196  0.36489  2.45806  3  DG C N9    
669 C C8    . DG C 9  ? 8.87014  9.49182  8.09350  2.50699  0.37512  2.37494  3  DG C C8    
670 N N7    . DG C 9  ? 8.91508  9.52322  8.05926  2.52574  0.40685  2.28948  3  DG C N7    
671 C C5    . DG C 9  ? 8.81153  9.54900  8.06591  2.51446  0.41733  2.31968  3  DG C C5    
672 C C6    . DG C 9  ? 8.80476  9.58925  8.03974  2.52717  0.44709  2.25690  3  DG C C6    
673 O O6    . DG C 9  ? 8.89296  9.60853  8.00119  2.55212  0.47155  2.15551  3  DG C O6    
674 N N1    . DG C 9  ? 8.67992  9.60516  8.06120  2.50636  0.44511  2.31930  3  DG C N1    
675 C C2    . DG C 9  ? 8.57317  9.58070  8.09995  2.47472  0.41869  2.42626  3  DG C C2    
676 N N2    . DG C 9  ? 8.45724  9.59753  8.11506  2.45391  0.42001  2.47113  3  DG C N2    
677 N N3    . DG C 9  ? 8.57958  9.54078  8.12117  2.46328  0.39136  2.48176  3  DG C N3    
678 C C4    . DG C 9  ? 8.70240  9.52904  8.10368  2.48567  0.39192  2.42457  3  DG C C4    
679 P P     . DC C 10 ? 8.48603  9.34641  8.26976  2.31859  0.26226  2.83756  4  DC C P     
680 O OP1   . DC C 10 ? 8.35153  9.32667  8.27610  2.31877  0.23256  2.90068  4  DC C OP1   
681 O OP2   . DC C 10 ? 8.59919  9.31973  8.28867  2.29750  0.25661  2.84254  4  DC C OP2   
682 O "O5'" . DC C 10 ? 8.45712  9.37393  8.27771  2.27700  0.30201  2.83467  4  DC C "O5'" 
683 C "C5'" . DC C 10 ? 8.34791  9.40075  8.26552  2.28555  0.30993  2.83459  4  DC C "C5'" 
684 C "C4'" . DC C 10 ? 8.35739  9.43384  8.27211  2.25315  0.34984  2.81015  4  DC C "C4'" 
685 O "O4'" . DC C 10 ? 8.45884  9.47241  8.23281  2.30451  0.37515  2.70816  4  DC C "O4'" 
686 C "C3'" . DC C 10 ? 8.40964  9.41596  8.31169  2.18504  0.36782  2.84301  4  DC C "C3'" 
687 O "O3'" . DC C 10 ? 8.28153  9.40210  8.35301  2.11366  0.36570  2.92312  4  DC C "O3'" 
688 C "C2'" . DC C 10 ? 8.52899  9.45547  8.29071  2.20104  0.41159  2.75291  4  DC C "C2'" 
689 C "C1'" . DC C 10 ? 8.51476  9.49445  8.24220  2.27059  0.41380  2.68035  4  DC C "C1'" 
690 N N1    . DC C 10 ? 8.66076  9.51728  8.19948  2.31871  0.43820  2.57010  4  DC C N1    
691 C C2    . DC C 10 ? 8.67860  9.56289  8.16672  2.34675  0.46754  2.48983  4  DC C C2    
692 O O2    . DC C 10 ? 8.57267  9.58781  8.17719  2.33190  0.47252  2.51486  4  DC C O2    
693 N N3    . DC C 10 ? 8.81415  9.57619  8.12286  2.38736  0.48851  2.38185  4  DC C N3    
694 C C4    . DC C 10 ? 8.92488  9.54575  8.11377  2.39809  0.48031  2.35682  4  DC C C4    
695 N N4    . DC C 10 ? 9.05273  9.55381  8.06792  2.43312  0.49965  2.24546  4  DC C N4    
696 C C5    . DC C 10 ? 8.90918  9.50325  8.15020  2.37134  0.44972  2.44104  4  DC C C5    
697 C C6    . DC C 10 ? 8.77789  9.49075  8.19092  2.33344  0.43000  2.54375  4  DC C C6    
698 P P     . DT C 11 ? 8.29649  9.37797  8.40969  2.02118  0.38217  2.97430  5  DT C P     
699 O OP1   . DT C 11 ? 8.14267  9.33813  8.44985  1.95093  0.35555  3.07250  5  DT C OP1   
700 O OP2   . DT C 11 ? 8.44682  9.35838  8.40832  2.03285  0.38549  2.94843  5  DT C OP2   
701 O "O5'" . DT C 11 ? 8.30766  9.39159  8.39401  1.98618  0.41277  2.89695  5  DT C "O5'" 
702 C "C5'" . DT C 11 ? 8.17434  9.40123  8.39095  1.96078  0.40848  2.89999  5  DT C "C5'" 
703 C "C4'" . DT C 11 ? 8.19451  9.32780  8.31256  1.90090  0.40127  2.73093  5  DT C "C4'" 
704 O "O4'" . DT C 11 ? 8.35705  9.35534  8.26818  1.97272  0.42380  2.63600  5  DT C "O4'" 
705 C "C3'" . DT C 11 ? 8.14592  9.15207  8.27398  1.71870  0.36033  2.63079  5  DT C "C3'" 
706 O "O3'" . DT C 11 ? 8.02310  9.12225  8.25613  1.65904  0.34621  2.59024  5  DT C "O3'" 
707 C "C2'" . DT C 11 ? 8.29783  9.08916  8.20707  1.69822  0.36373  2.47740  5  DT C "C2'" 
708 C "C1'" . DT C 11 ? 8.38926  9.23030  8.19786  1.86187  0.40462  2.47188  5  DT C "C1'" 
709 N N1    . DT C 11 ? 8.56617  9.22735  8.15892  1.90532  0.42081  2.38332  5  DT C N1    
710 C C2    . DT C 11 ? 8.64289  9.22964  8.09536  1.92885  0.43500  2.24355  5  DT C C2    
711 O O2    . DT C 11 ? 8.57400  9.23440  8.06894  1.91692  0.43405  2.18601  5  DT C O2    
712 N N3    . DT C 11 ? 8.80628  9.22729  8.06501  1.96801  0.44980  2.17292  5  DT C N3    
713 C C4    . DT C 11 ? 8.89960  9.22296  8.09192  1.98649  0.45035  2.22758  5  DT C C4    
714 O O4    . DT C 11 ? 9.04823  9.22106  8.06199  2.02203  0.46341  2.15698  5  DT C O4    
715 C C5    . DT C 11 ? 8.81155  9.22146  8.15897  1.96127  0.43374  2.37304  5  DT C C5    
716 C C7    . DT C 11 ? 8.90206  9.21851  8.19482  1.97990  0.43072  2.44125  5  DT C C7    
717 C C6    . DT C 11 ? 8.65062  9.22382  8.18862  1.92205  0.42068  2.44279  5  DT C C6    
718 P P     . DG C 12 ? 7.92105  8.95552  8.23203  1.46911  0.30191  2.51729  6  DG C P     
719 O OP1   . DG C 12 ? 7.75420  8.97632  8.27760  1.44530  0.28908  2.61845  6  DG C OP1   
720 O OP2   . DG C 12 ? 7.98584  8.85210  8.22885  1.38189  0.28335  2.49933  6  DG C OP2   
721 O "O5'" . DG C 12 ? 7.95991  8.90258  8.15408  1.42885  0.29960  2.33446  6  DG C "O5'" 
722 C "C5'" . DG C 12 ? 8.06350  9.00075  8.12360  1.55411  0.33288  2.27787  6  DG C "C5'" 
723 C "C4'" . DG C 12 ? 8.13500  8.91145  8.04634  1.48323  0.32548  2.08755  6  DG C "C4'" 
724 O "O4'" . DG C 12 ? 8.30494  8.92607  8.01911  1.54001  0.34686  2.03156  6  DG C "O4'" 
725 C "C3'" . DG C 12 ? 8.07497  8.74356  8.01972  1.29735  0.28542  2.00091  6  DG C "C3'" 
726 O "O3'" . DG C 12 ? 8.03454  8.69784  7.96979  1.23980  0.27440  1.86689  6  DG C "O3'" 
727 C "C2'" . DG C 12 ? 8.21596  8.67101  7.99251  1.25654  0.28543  1.93521  6  DG C "C2'" 
728 C "C1'" . DG C 12 ? 8.35805  8.78285  7.97327  1.40601  0.32454  1.90771  6  DG C "C1'" 
729 N N9    . DG C 12 ? 8.49491  8.78355  7.97962  1.44005  0.33571  1.92858  6  DG C N9    
730 C C8    . DG C 12 ? 8.48972  8.77599  8.03161  1.43170  0.32684  2.04983  6  DG C C8    
731 N N7    . DG C 12 ? 8.63372  8.77873  8.02548  1.46938  0.33832  2.03721  6  DG C N7    
732 C C5    . DG C 12 ? 8.74115  8.78851  7.96505  1.50438  0.35731  1.89959  6  DG C C5    
733 C C6    . DG C 12 ? 8.91544  8.79558  7.93297  1.55273  0.37593  1.82665  6  DG C C6    
734 O O6    . DG C 12 ? 9.01308  8.79433  7.95272  1.57547  0.37811  1.87120  6  DG C O6    
735 N N1    . DG C 12 ? 8.97661  8.80559  7.87314  1.57542  0.39236  1.68753  6  DG C N1    
736 C C2    . DG C 12 ? 8.88162  8.80943  7.84832  1.55546  0.38972  1.62603  6  DG C C2    
737 N N2    . DG C 12 ? 8.96327  8.82074  7.79106  1.58341  0.40674  1.48844  6  DG C N2    
738 N N3    . DG C 12 ? 8.71924  8.80266  7.87840  1.51088  0.37087  1.69342  6  DG C N3    
739 C C4    . DG C 12 ? 8.65727  8.79198  7.93609  1.48697  0.35606  1.83014  6  DG C C4    
740 P P     . DT C 13 ? 7.95573  8.53092  7.93847  1.04675  0.23302  1.75999  7  DT C P     
741 O OP1   . DT C 13 ? 7.88672  8.53107  7.90653  1.02889  0.22558  1.66477  7  DT C OP1   
742 O OP2   . DT C 13 ? 7.85476  8.47707  7.98992  0.96807  0.20849  1.87817  7  DT C OP2   
743 O "O5'" . DT C 13 ? 8.10515  8.44071  7.88489  0.98531  0.23418  1.62600  7  DT C "O5'" 
744 C "C5'" . DT C 13 ? 8.11845  8.33585  7.82387  0.87289  0.21818  1.45136  7  DT C "C5'" 
745 C "C4'" . DT C 13 ? 8.27190  8.37410  7.77118  0.94517  0.24644  1.32979  7  DT C "C4'" 
746 O "O4'" . DT C 13 ? 8.37360  8.49229  7.79742  1.09749  0.27974  1.42667  7  DT C "O4'" 
747 C "C3'" . DT C 13 ? 8.37893  8.25216  7.71931  0.83355  0.23798  1.18673  7  DT C "C3'" 
748 O "O3'" . DT C 13 ? 8.32515  8.16152  7.67466  0.71633  0.21719  1.04002  7  DT C "O3'" 
749 C "C2'" . DT C 13 ? 8.54429  8.33583  7.69246  0.95941  0.27512  1.14181  7  DT C "C2'" 
750 C "C1'" . DT C 13 ? 8.53992  8.47176  7.75214  1.11099  0.29692  1.32010  7  DT C "C1'" 
751 N N1    . DT C 13 ? 8.61941  8.46046  7.78264  1.12059  0.29922  1.40809  7  DT C N1    
752 C C2    . DT C 13 ? 8.79057  8.47612  7.75695  1.17521  0.32128  1.35561  7  DT C C2    
753 O O2    . DT C 13 ? 8.88316  8.49897  7.70897  1.21645  0.34085  1.23868  7  DT C O2    
754 N N3    . DT C 13 ? 8.84963  8.46478  7.79162  1.18013  0.31865  1.44710  7  DT C N3    
755 C C4    . DT C 13 ? 8.75534  8.44166  7.84783  1.13784  0.29733  1.58099  7  DT C C4    
756 O O4    . DT C 13 ? 8.81874  8.43372  7.87703  1.14627  0.29498  1.65381  7  DT C O4    
757 C C5    . DT C 13 ? 8.57764  8.42562  7.87051  1.08051  0.27661  1.62700  7  DT C C5    
758 C C7    . DT C 13 ? 8.46344  8.39968  7.93102  1.02961  0.25315  1.76826  7  DT C C7    
759 C C6    . DT C 13 ? 8.52039  8.43570  7.83745  1.07538  0.27837  1.54036  7  DT C C6    
760 P P     . DC D 1  ? 7.48843  9.51112  11.85398 -3.13659 0.67864  1.36253  7  DC D P     
761 O OP1   . DC D 1  ? 7.53254  9.56453  11.85799 -3.17488 0.72144  1.34180  7  DC D OP1   
762 O OP2   . DC D 1  ? 7.44172  9.51898  11.84871 -3.08417 0.62902  1.36197  7  DC D OP2   
763 O "O5'" . DC D 1  ? 7.43466  9.50525  11.86241 -3.14546 0.63375  1.34052  7  DC D "O5'" 
764 C "C5'" . DC D 1  ? 7.36367  9.49031  11.86344 -3.10404 0.56550  1.33414  7  DC D "C5'" 
765 C "C4'" . DC D 1  ? 7.35375  9.42602  11.86501 -3.10958 0.56175  1.35383  7  DC D "C4'" 
766 O "O4'" . DC D 1  ? 7.36300  9.35976  11.85650 -3.07856 0.56866  1.39533  7  DC D "O4'" 
767 C "C3'" . DC D 1  ? 7.41049  9.40765  11.86738 -3.16282 0.62080  1.36383  7  DC D "C3'" 
768 O "O3'" . DC D 1  ? 7.38171  9.44981  11.87558 -3.18886 0.59956  1.32675  7  DC D "O3'" 
769 C "C2'" . DC D 1  ? 7.41871  9.32354  11.86368 -3.15374 0.63051  1.40319  7  DC D "C2'" 
770 C "C1'" . DC D 1  ? 7.40998  9.29844  11.85441 -3.10468 0.61697  1.42806  7  DC D "C1'" 
771 N N1    . DC D 1  ? 7.48581  9.27902  11.84501 -3.11248 0.68413  1.46270  7  DC D N1    
772 C C2    . DC D 1  ? 7.54040  9.21145  11.83981 -3.12753 0.73587  1.50342  7  DC D C2    
773 O O2    . DC D 1  ? 7.52351  9.16814  11.84351 -3.13534 0.72462  1.50967  7  DC D O2    
774 N N3    . DC D 1  ? 7.61266  9.19596  11.83043 -3.13284 0.79824  1.53490  7  DC D N3    
775 C C4    . DC D 1  ? 7.62844  9.24455  11.82647 -3.12342 0.80868  1.52686  7  DC D C4    
776 N N4    . DC D 1  ? 7.70234  9.22790  11.81631 -3.12787 0.87220  1.55932  7  DC D N4    
777 C C5    . DC D 1  ? 7.57132  9.31273  11.83218 -3.10857 0.75545  1.48520  7  DC D C5    
778 C C6    . DC D 1  ? 7.50267  9.32747  11.84118 -3.10361 0.69499  1.45452  7  DC D C6    
779 P P     . DT D 2  ? 7.43956  9.47635  11.87956 -3.25006 0.65963  1.31561  8  DT D P     
780 O OP1   . DT D 2  ? 7.40668  9.48134  11.88527 -3.27104 0.63723  1.29481  8  DT D OP1   
781 O OP2   . DT D 2  ? 7.45890  9.54167  11.87976 -3.25794 0.67579  1.29268  8  DT D OP2   
782 O "O5'" . DT D 2  ? 7.51799  9.40905  11.87540 -3.27073 0.73059  1.36299  8  DT D "O5'" 
783 C "C5'" . DT D 2  ? 7.59575  9.42104  11.87780 -3.31840 0.80373  1.36702  8  DT D "C5'" 
784 C "C4'" . DT D 2  ? 7.66598  9.34918  11.87374 -3.33121 0.86436  1.41471  8  DT D "C4'" 
785 O "O4'" . DT D 2  ? 7.68045  9.32755  11.86373 -3.29182 0.87017  1.44391  8  DT D "O4'" 
786 C "C3'" . DT D 2  ? 7.75619  9.35365  11.87951 -3.38874 0.94818  1.41974  8  DT D "C3'" 
787 O "O3'" . DT D 2  ? 7.77710  9.31448  11.88470 -3.42401 0.97098  1.42801  8  DT D "O3'" 
788 C "C2'" . DT D 2  ? 7.82611  9.32157  11.87115 -3.37791 1.00274  1.45995  8  DT D "C2'" 
789 C "C1'" . DT D 2  ? 7.77044  9.28838  11.85992 -3.31604 0.94796  1.48029  8  DT D "C1'" 
790 N N1    . DT D 2  ? 7.79563  9.29646  11.84977 -3.28505 0.96453  1.49882  8  DT D N1    
791 C C2    . DT D 2  ? 7.85526  9.24041  11.83839 -3.27488 1.01244  1.54553  8  DT D C2    
792 O O2    . DT D 2  ? 7.89074  9.18195  11.83651 -3.29055 1.04299  1.57318  8  DT D O2    
793 N N3    . DT D 2  ? 7.87291  9.25665  11.82791 -3.24479 1.02370  1.55865  8  DT D N3    
794 C C4    . DT D 2  ? 7.83775  9.32090  11.82906 -3.22578 0.99248  1.52983  8  DT D C4    
795 O O4    . DT D 2  ? 7.85732  9.33197  11.81884 -3.19936 1.00604  1.54432  8  DT D O4    
796 C C5    . DT D 2  ? 7.77716  9.37535  11.84179 -3.23841 0.94300  1.48134  8  DT D C5    
797 C C7    . DT D 2  ? 7.73728  9.44650  11.84346 -3.21972 0.90642  1.44665  8  DT D C7    
798 C C6    . DT D 2  ? 7.75930  9.36126  11.85069 -3.26635 0.93172  1.46863  8  DT D C6    
799 P P     . DG D 3  ? 7.83924  9.33938  11.89739 -3.49077 1.03529  1.40975  9  DG D P     
800 O OP1   . DG D 3  ? 7.79806  9.33593  11.90264 -3.51038 1.00674  1.39077  9  DG D OP1   
801 O OP2   . DG D 3  ? 7.84781  9.40756  11.90191 -3.49808 1.04749  1.38032  9  DG D OP2   
802 O "O5'" . DG D 3  ? 7.94310  9.27901  11.89711 -3.51755 1.12087  1.45485  9  DG D "O5'" 
803 C "C5'" . DG D 3  ? 7.95137  9.20446  11.88977 -3.50566 1.12139  1.49271  9  DG D "C5'" 
804 C "C4'" . DG D 3  ? 8.05880  9.15850  11.88656 -3.52877 1.20709  1.53398  9  DG D "C4'" 
805 O "O4'" . DG D 3  ? 8.06163  9.13474  11.87032 -3.47909 1.20003  1.56582  9  DG D "O4'" 
806 C "C3'" . DG D 3  ? 8.14167  9.19700  11.89922 -3.57784 1.28347  1.52141  9  DG D "C3'" 
807 O "O3'" . DG D 3  ? 8.18434  9.18690  11.91568 -3.63472 1.32894  1.51177  9  DG D "O3'" 
808 C "C2'" . DG D 3  ? 8.22544  9.16159  11.88652 -3.56858 1.34243  1.56545  9  DG D "C2'" 
809 C "C1'" . DG D 3  ? 8.15598  9.14090  11.86773 -3.49936 1.27589  1.58403  9  DG D "C1'" 
810 N N9    . DG D 3  ? 8.12676  9.19214  11.86336 -3.46562 1.25103  1.56974  9  DG D N9    
811 C C8    . DG D 3  ? 8.06107  9.25900  11.87190 -3.45894 1.20213  1.52518  9  DG D C8    
812 N N7    . DG D 3  ? 8.04893  9.29252  11.86498 -3.42628 1.18887  1.52242  9  DG D N7    
813 C C5    . DG D 3  ? 8.10911  9.24602  11.85032 -3.40915 1.23167  1.56827  9  DG D C5    
814 C C6    . DG D 3  ? 8.12585  9.25562  11.83660 -3.37273 1.24039  1.58660  9  DG D C6    
815 O O6    . DG D 3  ? 8.08974  9.30810  11.83651 -3.34930 1.21101  1.56457  9  DG D O6    
816 N N1    . DG D 3  ? 8.19257  9.19755  11.82024 -3.36395 1.28876  1.63547  9  DG D N1    
817 C C2    . DG D 3  ? 8.23899  9.13644  11.81763 -3.38826 1.32413  1.66314  9  DG D C2    
818 N N2    . DG D 3  ? 8.30294  9.08646  11.79736 -3.37355 1.36811  1.71015  9  DG D N2    
819 N N3    . DG D 3  ? 8.22447  9.12607  11.83223 -3.42418 1.31682  1.64582  9  DG D N3    
820 C C4    . DG D 3  ? 8.15800  9.18350  11.84809 -3.43225 1.26992  1.59827  9  DG D C4    
821 P P     . DT D 4  ? 8.29605  9.19552  11.93622 -3.69193 1.43300  1.51176  10 DT D P     
822 O OP1   . DT D 4  ? 8.29561  9.19833  11.95939 -3.73746 1.45104  1.48687  10 DT D OP1   
823 O OP2   . DT D 4  ? 8.30432  9.24852  11.94037 -3.68017 1.44513  1.49590  10 DT D OP2   
824 O "O5'" . DT D 4  ? 8.39360  9.12722  11.92247 -3.70004 1.49666  1.56586  10 DT D "O5'" 
825 C "C5'" . DT D 4  ? 8.50350  9.12734  11.92759 -3.72713 1.58585  1.58331  10 DT D "C5'" 
826 C "C4'" . DT D 4  ? 8.57121  9.06891  11.89716 -3.71316 1.61577  1.63787  10 DT D "C4'" 
827 O "O4'" . DT D 4  ? 8.51317  9.07238  11.87347 -3.64757 1.55868  1.65240  10 DT D "O4'" 
828 C "C3'" . DT D 4  ? 8.70635  9.06381  11.89602 -3.75362 1.71765  1.66025  10 DT D "C3'" 
829 O "O3'" . DT D 4  ? 8.78029  9.00132  11.86716 -3.76364 1.75107  1.70869  10 DT D "O3'" 
830 C "C2'" . DT D 4  ? 8.69854  9.10137  11.88262 -3.71464 1.70736  1.66243  10 DT D "C2'" 
831 C "C1'" . DT D 4  ? 8.59016  9.08555  11.86123 -3.64540 1.61269  1.67226  10 DT D "C1'" 
832 N N1    . DT D 4  ? 8.51927  9.14173  11.86255 -3.60331 1.56249  1.64719  10 DT D N1    
833 C C2    . DT D 4  ? 8.53413  9.14265  11.83994 -3.56153 1.56404  1.67283  10 DT D C2    
834 O O2    . DT D 4  ? 8.60105  9.09907  11.81608 -3.55394 1.60291  1.71680  10 DT D O2    
835 N N3    . DT D 4  ? 8.46591  9.19844  11.84439 -3.52794 1.51611  1.64433  10 DT D N3    
836 C C4    . DT D 4  ? 8.38898  9.25159  11.86521 -3.53228 1.46714  1.59522  10 DT D C4    
837 O O4    . DT D 4  ? 8.33430  9.29998  11.86512 -3.50199 1.42532  1.57254  10 DT D O4    
838 C C5    . DT D 4  ? 8.37732  9.24724  11.88504 -3.57438 1.46766  1.57221  10 DT D C5    
839 C C7    . DT D 4  ? 8.29576  9.30343  11.90311 -3.57968 1.41506  1.52017  10 DT D C7    
840 C C6    . DT D 4  ? 8.44157  9.19352  11.88454 -3.60747 1.51569  1.59842  10 DT D C6    
841 P P     . DG D 5  ? 8.84895  8.94688  11.81729 -3.76678 1.79860  1.77538  11 DG D P     
842 O OP1   . DG D 5  ? 8.90160  8.88022  11.79046 -3.77409 1.81421  1.81935  11 DG D OP1   
843 O OP2   . DG D 5  ? 8.81299  8.95385  11.82425 -3.78095 1.79962  1.76641  11 DG D OP2   
844 O "O5'" . DG D 5  ? 8.88514  8.97118  11.79120 -3.73662 1.81740  1.79659  11 DG D "O5'" 
845 C "C5'" . DG D 5  ? 8.91968  8.97550  11.78192 -3.71732 1.81866  1.80506  11 DG D "C5'" 
846 C "C4'" . DG D 5  ? 8.93229  9.01780  11.76922 -3.68973 1.82861  1.80754  11 DG D "C4'" 
847 O "O4'" . DG D 5  ? 8.86033  9.08359  11.81101 -3.67753 1.78958  1.74789  11 DG D "O4'" 
848 C "C3'" . DG D 5  ? 8.94313  9.01556  11.74319 -3.68551 1.85228  1.83417  11 DG D "C3'" 
849 O "O3'" . DG D 5  ? 9.01388  8.96094  11.68872 -3.67751 1.88801  1.90165  11 DG D "O3'" 
850 C "C2'" . DG D 5  ? 8.92079  9.08194  11.75726 -3.66278 1.84360  1.80349  11 DG D "C2'" 
851 C "C1'" . DG D 5  ? 8.87490  9.12553  11.80371 -3.66266 1.80679  1.74603  11 DG D "C1'" 
852 N N9    . DG D 5  ? 8.80206  9.18945  11.84869 -3.66415 1.77579  1.68440  11 DG D N9    
853 C C8    . DG D 5  ? 8.74404  9.20146  11.88142 -3.68518 1.75284  1.64743  11 DG D C8    
854 N N7    . DG D 5  ? 8.66960  9.25702  11.90499 -3.66880 1.71159  1.60405  11 DG D N7    
855 C C5    . DG D 5  ? 8.66950  9.27871  11.88281 -3.62934 1.70067  1.61710  11 DG D C5    
856 C C6    . DG D 5  ? 8.60257  9.33465  11.88770 -3.59558 1.65541  1.58849  11 DG D C6    
857 O O6    . DG D 5  ? 8.52932  9.37766  11.90914 -3.59426 1.61264  1.54571  11 DG D O6    
858 N N1    . DG D 5  ? 8.62778  9.33918  11.86122 -3.56023 1.66168  1.61478  11 DG D N1    
859 C C2    . DG D 5  ? 8.70582  9.29515  11.83049 -3.55552 1.70390  1.66397  11 DG D C2    
860 N N2    . DG D 5  ? 8.71503  9.30843  11.80697 -3.51570 1.70193  1.68325  11 DG D N2    
861 N N3    . DG D 5  ? 8.77020  9.24251  11.82085 -3.58702 1.74356  1.69279  11 DG D N3    
862 C C4    . DG D 5  ? 8.74855  9.23749  11.84956 -3.62430 1.74038  1.66620  11 DG D C4    
# 
